data_5Z8Y
#
_entry.id   5Z8Y
#
_cell.length_a   99.184
_cell.length_b   99.858
_cell.length_c   109.633
_cell.angle_alpha   91.30
_cell.angle_beta   91.20
_cell.angle_gamma   116.47
#
_symmetry.space_group_name_H-M   'P 1'
#
loop_
_entity.id
_entity.type
_entity.pdbx_description
1 polymer 'Leucine-rich repeat transmembrane neuronal protein 2'
2 polymer Neurexin-1-beta
3 branched 2-acetamido-2-deoxy-beta-D-glucopyranose-(1-4)-[alpha-L-fucopyranose-(1-6)]2-acetamido-2-deoxy-beta-D-glucopyranose
4 non-polymer 2-acetamido-2-deoxy-beta-D-glucopyranose
5 non-polymer 'ZINC ION'
6 non-polymer 'CALCIUM ION'
7 water water
#
loop_
_entity_poly.entity_id
_entity_poly.type
_entity_poly.pdbx_seq_one_letter_code
_entity_poly.pdbx_strand_id
1 'polypeptide(L)'
;CPPKCRCEKLLFYCDSQGFHSVPNATDKGSLGLSLRHNHITELERDQFASFSQLTWLHLDHNQISTVKEDAFQGLYKLKE
LILSSNKIFYLPNTTFTQLINLQNLDLSFNQLSSLHPELFYGLRKLQTLHLRSNSLRTIPVRLFWDCRSLEFLDLSTNRL
RSLARNGFAGLIKLRELHLEHNQLTKINFAHFLRLSSLHTLFLQWNKISNLTCGMEWTWGTLEKLDLTGNEIKAIDLTVF
ETMPNLKILLMDNNKLNSLDSKILNSLRSLTTVGLSGNLWECSARICALASWLGSFQGRWEHSILCHSPDHTQGEDILDA
VAGFQLCWNLSTTVTVMAGSHHHHHH
;
A,C,E,G
2 'polypeptide(L)'
;DAASHAGTTYIFSKGGGQITYKWPPNDRPSTRADRLAIGFSTVQKEAVLVRVDSSSGLGDYLELHIHQGKIGVKFNVGTD
DIAIEESNAIINDGKYHVVRFTRSGGNATLQVDSWPVIERYPAGRQLTIFNSQATIIIGGKEQGQPFQGQLSGLYYNGLK
VLNMAAENDANIAIVGNVRLVGEVPGSHHHHHH
;
B,D,F,H
#
# COMPACT_ATOMS: atom_id res chain seq x y z
N CYS A 1 9.11 -18.79 22.59
CA CYS A 1 8.37 -18.38 21.39
C CYS A 1 8.78 -16.98 20.94
N PRO A 2 9.07 -16.84 19.63
CA PRO A 2 9.49 -15.58 19.00
C PRO A 2 8.46 -14.45 19.17
N PRO A 3 8.93 -13.19 19.11
CA PRO A 3 8.11 -11.99 19.41
C PRO A 3 7.00 -11.76 18.40
N LYS A 4 5.92 -11.13 18.85
CA LYS A 4 4.75 -10.79 18.02
C LYS A 4 4.00 -12.02 17.52
N CYS A 5 4.37 -13.20 18.02
CA CYS A 5 3.81 -14.44 17.53
C CYS A 5 3.16 -15.23 18.65
N ARG A 6 1.91 -15.63 18.48
CA ARG A 6 1.26 -16.49 19.44
C ARG A 6 1.37 -17.96 18.99
N CYS A 7 1.70 -18.84 19.94
CA CYS A 7 1.93 -20.24 19.63
C CYS A 7 1.00 -21.15 20.40
N GLU A 8 0.05 -21.77 19.71
CA GLU A 8 -0.90 -22.67 20.35
C GLU A 8 -0.24 -23.98 20.76
N LYS A 9 0.72 -24.45 19.97
CA LYS A 9 1.49 -25.63 20.31
C LYS A 9 2.91 -25.50 19.78
N LEU A 10 3.36 -26.52 19.04
CA LEU A 10 4.59 -26.41 18.27
C LEU A 10 4.25 -25.67 16.99
N LEU A 11 2.95 -25.49 16.77
CA LEU A 11 2.42 -24.69 15.69
C LEU A 11 2.59 -23.19 16.01
N PHE A 12 3.15 -22.45 15.06
CA PHE A 12 3.40 -21.02 15.24
C PHE A 12 2.47 -20.20 14.34
N TYR A 13 1.63 -19.37 14.94
CA TYR A 13 0.69 -18.55 14.19
C TYR A 13 1.11 -17.09 14.17
N CYS A 14 1.77 -16.67 13.10
CA CYS A 14 2.31 -15.32 13.01
C CYS A 14 1.62 -14.49 11.92
N ASP A 15 0.33 -14.73 11.74
CA ASP A 15 -0.45 -13.98 10.75
C ASP A 15 -0.65 -12.51 11.13
N SER A 16 -0.78 -11.68 10.10
CA SER A 16 -1.16 -10.27 10.24
C SER A 16 -0.28 -9.46 11.20
N GLN A 17 1.02 -9.61 11.06
CA GLN A 17 1.95 -8.75 11.76
C GLN A 17 2.92 -8.19 10.72
N GLY A 18 3.57 -7.09 11.02
CA GLY A 18 4.46 -6.48 10.05
C GLY A 18 5.80 -7.17 10.01
N PHE A 19 5.85 -8.35 9.38
CA PHE A 19 7.09 -9.09 9.26
C PHE A 19 7.60 -8.97 7.83
N HIS A 20 8.82 -8.48 7.69
CA HIS A 20 9.44 -8.36 6.37
C HIS A 20 10.39 -9.52 6.08
N SER A 21 10.59 -10.36 7.08
CA SER A 21 11.32 -11.61 6.88
C SER A 21 10.94 -12.63 7.95
N VAL A 22 11.35 -13.87 7.74
CA VAL A 22 11.08 -14.94 8.70
C VAL A 22 11.84 -14.67 9.99
N PRO A 23 11.14 -14.71 11.13
CA PRO A 23 11.78 -14.49 12.43
C PRO A 23 12.63 -15.68 12.86
N ASN A 24 13.75 -15.42 13.53
CA ASN A 24 14.53 -16.50 14.10
C ASN A 24 13.75 -17.08 15.28
N ALA A 25 13.88 -18.37 15.53
CA ALA A 25 13.02 -19.03 16.52
C ALA A 25 13.78 -19.61 17.70
N THR A 26 13.32 -19.29 18.91
CA THR A 26 13.89 -19.84 20.13
C THR A 26 13.72 -21.36 20.15
N ASP A 27 12.55 -21.81 19.72
CA ASP A 27 12.23 -23.22 19.60
C ASP A 27 12.30 -23.62 18.14
N LYS A 28 13.19 -24.55 17.83
CA LYS A 28 13.41 -24.95 16.44
C LYS A 28 12.70 -26.26 16.10
N GLY A 29 11.92 -26.77 17.05
CA GLY A 29 11.20 -28.01 16.86
C GLY A 29 9.74 -27.79 16.50
N SER A 30 9.46 -26.68 15.82
CA SER A 30 8.10 -26.34 15.42
C SER A 30 7.57 -27.23 14.31
N LEU A 31 6.30 -27.59 14.40
CA LEU A 31 5.66 -28.46 13.41
C LEU A 31 5.04 -27.66 12.26
N GLY A 32 4.44 -26.53 12.58
CA GLY A 32 3.80 -25.70 11.57
C GLY A 32 4.07 -24.23 11.73
N LEU A 33 4.03 -23.49 10.61
CA LEU A 33 4.34 -22.06 10.62
C LEU A 33 3.41 -21.28 9.71
N SER A 34 2.80 -20.24 10.26
CA SER A 34 1.88 -19.40 9.49
C SER A 34 2.39 -17.95 9.45
N LEU A 35 2.65 -17.45 8.25
CA LEU A 35 3.13 -16.09 8.06
C LEU A 35 2.26 -15.32 7.09
N ARG A 36 0.95 -15.41 7.29
CA ARG A 36 -0.01 -14.84 6.36
C ARG A 36 -0.20 -13.34 6.56
N HIS A 37 -0.40 -12.64 5.45
CA HIS A 37 -0.71 -11.20 5.46
C HIS A 37 0.33 -10.36 6.19
N ASN A 38 1.59 -10.67 5.97
CA ASN A 38 2.68 -9.83 6.44
C ASN A 38 3.19 -9.12 5.19
N HIS A 39 4.33 -8.45 5.25
CA HIS A 39 4.92 -7.91 4.02
C HIS A 39 6.31 -8.46 3.81
N ILE A 40 6.40 -9.77 3.62
CA ILE A 40 7.67 -10.40 3.28
C ILE A 40 7.91 -10.27 1.78
N THR A 41 9.09 -9.78 1.42
CA THR A 41 9.38 -9.48 0.03
C THR A 41 10.44 -10.42 -0.54
N GLU A 42 11.10 -11.17 0.33
CA GLU A 42 12.22 -12.00 -0.10
C GLU A 42 12.36 -13.26 0.76
N LEU A 43 12.72 -14.37 0.11
CA LEU A 43 12.96 -15.62 0.82
C LEU A 43 14.42 -16.05 0.67
N GLU A 44 15.18 -15.96 1.77
CA GLU A 44 16.61 -16.22 1.76
C GLU A 44 16.95 -17.70 1.68
N ARG A 45 18.20 -17.99 1.34
CA ARG A 45 18.71 -19.35 1.36
C ARG A 45 18.65 -19.90 2.78
N ASP A 46 18.20 -21.16 2.91
CA ASP A 46 18.11 -21.82 4.20
C ASP A 46 17.36 -20.99 5.25
N GLN A 47 16.32 -20.29 4.82
CA GLN A 47 15.58 -19.42 5.73
C GLN A 47 14.85 -20.21 6.80
N PHE A 48 14.41 -21.40 6.45
CA PHE A 48 13.65 -22.24 7.37
C PHE A 48 14.51 -23.36 7.92
N ALA A 49 15.83 -23.17 7.84
CA ALA A 49 16.79 -24.17 8.30
C ALA A 49 16.56 -24.51 9.77
N SER A 50 16.09 -23.53 10.54
CA SER A 50 15.76 -23.73 11.95
C SER A 50 14.51 -24.59 12.11
N PHE A 51 13.50 -24.34 11.27
CA PHE A 51 12.26 -25.11 11.32
C PHE A 51 12.35 -26.41 10.52
N SER A 52 13.25 -27.31 10.91
CA SER A 52 13.44 -28.55 10.14
C SER A 52 12.18 -29.42 10.19
N GLN A 53 11.56 -29.47 11.35
CA GLN A 53 10.43 -30.37 11.61
C GLN A 53 9.09 -29.85 11.09
N LEU A 54 9.13 -28.81 10.27
CA LEU A 54 7.91 -28.20 9.71
C LEU A 54 7.15 -29.16 8.80
N THR A 55 5.86 -29.34 9.07
CA THR A 55 5.01 -30.18 8.22
C THR A 55 4.15 -29.33 7.28
N TRP A 56 3.64 -28.20 7.78
CA TRP A 56 2.97 -27.24 6.89
C TRP A 56 3.48 -25.82 7.10
N LEU A 57 3.54 -25.07 6.00
CA LEU A 57 4.11 -23.73 5.97
C LEU A 57 3.23 -22.81 5.11
N HIS A 58 2.62 -21.82 5.74
CA HIS A 58 1.74 -20.89 5.03
C HIS A 58 2.37 -19.52 4.80
N LEU A 59 2.64 -19.20 3.54
CA LEU A 59 3.27 -17.92 3.18
C LEU A 59 2.40 -17.09 2.25
N ASP A 60 1.10 -17.32 2.29
CA ASP A 60 0.17 -16.62 1.39
C ASP A 60 0.03 -15.14 1.73
N HIS A 61 -0.34 -14.36 0.71
CA HIS A 61 -0.61 -12.93 0.83
C HIS A 61 0.57 -12.14 1.40
N ASN A 62 1.73 -12.40 0.82
CA ASN A 62 2.95 -11.65 1.09
C ASN A 62 3.44 -11.06 -0.23
N GLN A 63 4.25 -10.01 -0.19
CA GLN A 63 4.73 -9.41 -1.43
C GLN A 63 5.99 -10.09 -1.98
N ILE A 64 6.15 -11.37 -1.68
CA ILE A 64 7.32 -12.14 -2.10
C ILE A 64 7.55 -12.06 -3.61
N SER A 65 8.73 -11.62 -4.01
CA SER A 65 9.05 -11.41 -5.41
C SER A 65 10.29 -12.19 -5.84
N THR A 66 11.20 -12.44 -4.91
CA THR A 66 12.41 -13.20 -5.23
C THR A 66 12.61 -14.35 -4.27
N VAL A 67 12.76 -15.55 -4.82
CA VAL A 67 13.00 -16.75 -4.04
C VAL A 67 14.37 -17.32 -4.39
N LYS A 68 15.30 -17.24 -3.44
CA LYS A 68 16.66 -17.70 -3.67
C LYS A 68 16.69 -19.21 -3.81
N GLU A 69 17.74 -19.72 -4.44
CA GLU A 69 17.90 -21.16 -4.58
C GLU A 69 18.10 -21.74 -3.19
N ASP A 70 17.63 -22.96 -2.98
CA ASP A 70 17.74 -23.64 -1.68
C ASP A 70 17.01 -22.87 -0.58
N ALA A 71 15.91 -22.23 -0.94
CA ALA A 71 15.13 -21.44 0.01
C ALA A 71 14.44 -22.31 1.05
N PHE A 72 13.96 -23.47 0.63
CA PHE A 72 13.22 -24.36 1.52
C PHE A 72 14.04 -25.56 1.96
N GLN A 73 15.36 -25.45 1.88
CA GLN A 73 16.23 -26.61 2.10
C GLN A 73 16.06 -27.17 3.52
N GLY A 74 16.14 -28.49 3.62
CA GLY A 74 16.06 -29.16 4.91
C GLY A 74 14.65 -29.47 5.39
N LEU A 75 13.65 -29.00 4.66
CA LEU A 75 12.25 -29.25 5.02
C LEU A 75 11.77 -30.58 4.46
N TYR A 76 12.40 -31.66 4.93
CA TYR A 76 12.08 -33.00 4.43
C TYR A 76 10.69 -33.44 4.84
N LYS A 77 10.25 -32.99 6.02
CA LYS A 77 8.96 -33.42 6.56
C LYS A 77 7.79 -32.52 6.14
N LEU A 78 8.07 -31.49 5.35
CA LEU A 78 7.02 -30.58 4.89
C LEU A 78 6.09 -31.26 3.88
N LYS A 79 4.78 -31.20 4.13
CA LYS A 79 3.81 -31.81 3.23
C LYS A 79 2.77 -30.82 2.69
N GLU A 80 2.72 -29.61 3.25
CA GLU A 80 1.89 -28.55 2.67
C GLU A 80 2.63 -27.21 2.59
N LEU A 81 2.69 -26.65 1.38
CA LEU A 81 3.33 -25.36 1.17
C LEU A 81 2.42 -24.41 0.40
N ILE A 82 1.99 -23.34 1.06
CA ILE A 82 1.09 -22.38 0.44
C ILE A 82 1.85 -21.11 0.08
N LEU A 83 1.95 -20.81 -1.21
CA LEU A 83 2.67 -19.63 -1.67
C LEU A 83 1.80 -18.73 -2.52
N SER A 84 0.49 -18.81 -2.33
CA SER A 84 -0.45 -18.07 -3.18
C SER A 84 -0.51 -16.59 -2.78
N SER A 85 -1.06 -15.79 -3.69
CA SER A 85 -1.26 -14.35 -3.49
C SER A 85 0.05 -13.61 -3.22
N ASN A 86 1.05 -13.84 -4.04
CA ASN A 86 2.32 -13.13 -3.92
C ASN A 86 2.70 -12.48 -5.24
N LYS A 87 3.97 -12.11 -5.39
CA LYS A 87 4.43 -11.53 -6.65
C LYS A 87 5.58 -12.34 -7.23
N ILE A 88 5.54 -13.66 -7.01
CA ILE A 88 6.56 -14.58 -7.51
C ILE A 88 6.45 -14.70 -9.03
N PHE A 89 7.58 -14.58 -9.72
CA PHE A 89 7.57 -14.68 -11.18
C PHE A 89 8.69 -15.57 -11.71
N TYR A 90 9.67 -15.86 -10.87
CA TYR A 90 10.72 -16.80 -11.26
C TYR A 90 11.03 -17.77 -10.12
N LEU A 91 11.18 -19.05 -10.48
CA LEU A 91 11.51 -20.08 -9.51
C LEU A 91 12.69 -20.92 -9.99
N PRO A 92 13.77 -20.94 -9.20
CA PRO A 92 14.97 -21.72 -9.52
C PRO A 92 14.60 -23.19 -9.63
N ASN A 93 15.18 -23.91 -10.58
CA ASN A 93 14.74 -25.28 -10.85
C ASN A 93 14.88 -26.23 -9.67
N THR A 94 15.72 -25.89 -8.72
CA THR A 94 16.01 -26.78 -7.60
C THR A 94 15.20 -26.39 -6.36
N THR A 95 14.21 -25.53 -6.54
CA THR A 95 13.56 -24.90 -5.40
C THR A 95 12.60 -25.85 -4.66
N PHE A 96 12.03 -26.84 -5.35
CA PHE A 96 11.10 -27.75 -4.70
C PHE A 96 11.60 -29.19 -4.63
N THR A 97 12.66 -29.48 -5.37
CA THR A 97 13.14 -30.86 -5.53
C THR A 97 13.51 -31.54 -4.20
N GLN A 98 14.04 -30.78 -3.25
CA GLN A 98 14.39 -31.34 -1.95
C GLN A 98 13.17 -31.72 -1.12
N LEU A 99 12.08 -30.98 -1.27
CA LEU A 99 10.87 -31.20 -0.48
C LEU A 99 10.12 -32.45 -0.93
N ILE A 100 10.56 -33.62 -0.46
CA ILE A 100 10.05 -34.88 -0.98
C ILE A 100 8.65 -35.26 -0.51
N ASN A 101 8.30 -34.95 0.75
CA ASN A 101 7.03 -35.41 1.30
C ASN A 101 5.89 -34.43 1.06
N LEU A 102 6.13 -33.50 0.14
CA LEU A 102 5.14 -32.48 -0.21
C LEU A 102 3.87 -33.12 -0.77
N GLN A 103 2.72 -32.70 -0.25
CA GLN A 103 1.45 -33.26 -0.69
C GLN A 103 0.56 -32.20 -1.33
N ASN A 104 0.61 -31.00 -0.79
CA ASN A 104 -0.18 -29.89 -1.30
C ASN A 104 0.72 -28.69 -1.57
N LEU A 105 0.77 -28.27 -2.82
CA LEU A 105 1.55 -27.10 -3.19
C LEU A 105 0.67 -26.07 -3.89
N ASP A 106 0.66 -24.86 -3.35
CA ASP A 106 -0.17 -23.80 -3.89
C ASP A 106 0.71 -22.67 -4.40
N LEU A 107 0.59 -22.38 -5.70
CA LEU A 107 1.36 -21.30 -6.31
C LEU A 107 0.42 -20.37 -7.06
N SER A 108 -0.85 -20.37 -6.66
CA SER A 108 -1.87 -19.60 -7.36
C SER A 108 -1.75 -18.11 -7.06
N PHE A 109 -2.37 -17.29 -7.91
CA PHE A 109 -2.38 -15.84 -7.74
C PHE A 109 -0.97 -15.27 -7.66
N ASN A 110 -0.14 -15.66 -8.62
CA ASN A 110 1.22 -15.16 -8.71
C ASN A 110 1.50 -14.66 -10.11
N GLN A 111 2.70 -14.14 -10.34
CA GLN A 111 3.05 -13.62 -11.66
C GLN A 111 3.98 -14.54 -12.44
N LEU A 112 3.74 -15.84 -12.36
CA LEU A 112 4.55 -16.81 -13.09
C LEU A 112 4.22 -16.77 -14.58
N SER A 113 5.25 -16.69 -15.42
CA SER A 113 5.03 -16.61 -16.85
C SER A 113 5.48 -17.90 -17.52
N SER A 114 6.40 -18.59 -16.87
CA SER A 114 6.89 -19.88 -17.36
C SER A 114 7.45 -20.72 -16.22
N LEU A 115 7.57 -22.03 -16.46
CA LEU A 115 8.03 -22.95 -15.42
C LEU A 115 9.16 -23.83 -15.94
N HIS A 116 10.19 -24.00 -15.12
CA HIS A 116 11.31 -24.85 -15.45
C HIS A 116 10.88 -26.31 -15.57
N PRO A 117 11.17 -26.94 -16.72
CA PRO A 117 10.75 -28.32 -17.04
C PRO A 117 11.09 -29.34 -15.96
N GLU A 118 11.98 -29.02 -15.05
CA GLU A 118 12.32 -29.93 -13.96
C GLU A 118 11.96 -29.34 -12.58
N LEU A 119 11.00 -28.42 -12.57
CA LEU A 119 10.61 -27.73 -11.34
C LEU A 119 9.94 -28.67 -10.34
N PHE A 120 9.10 -29.55 -10.86
CA PHE A 120 8.31 -30.44 -10.02
C PHE A 120 8.84 -31.86 -10.03
N TYR A 121 10.09 -32.02 -10.46
CA TYR A 121 10.73 -33.33 -10.42
C TYR A 121 10.88 -33.80 -8.97
N GLY A 122 10.60 -35.08 -8.74
CA GLY A 122 10.73 -35.68 -7.43
C GLY A 122 9.69 -35.31 -6.40
N LEU A 123 8.47 -35.01 -6.85
CA LEU A 123 7.36 -34.71 -5.95
C LEU A 123 6.33 -35.83 -6.00
N ARG A 124 6.79 -37.05 -5.79
CA ARG A 124 5.95 -38.24 -5.99
C ARG A 124 4.80 -38.34 -5.01
N LYS A 125 4.91 -37.67 -3.86
CA LYS A 125 3.84 -37.73 -2.86
C LYS A 125 2.86 -36.57 -3.00
N LEU A 126 3.04 -35.76 -4.04
CA LEU A 126 2.17 -34.62 -4.30
C LEU A 126 0.78 -35.07 -4.73
N GLN A 127 -0.24 -34.54 -4.09
CA GLN A 127 -1.62 -34.90 -4.41
C GLN A 127 -2.37 -33.77 -5.10
N THR A 128 -2.14 -32.53 -4.64
CA THR A 128 -2.83 -31.37 -5.20
C THR A 128 -1.82 -30.30 -5.63
N LEU A 129 -2.10 -29.65 -6.75
CA LEU A 129 -1.25 -28.59 -7.27
C LEU A 129 -2.07 -27.43 -7.82
N HIS A 130 -2.00 -26.29 -7.15
CA HIS A 130 -2.79 -25.13 -7.55
C HIS A 130 -1.93 -24.08 -8.24
N LEU A 131 -2.13 -23.94 -9.56
CA LEU A 131 -1.42 -22.94 -10.35
C LEU A 131 -2.40 -21.94 -10.94
N ARG A 132 -3.53 -21.76 -10.26
CA ARG A 132 -4.60 -20.89 -10.74
C ARG A 132 -4.10 -19.46 -10.85
N SER A 133 -4.67 -18.70 -11.76
CA SER A 133 -4.49 -17.26 -11.80
C SER A 133 -3.03 -16.84 -11.93
N ASN A 134 -2.36 -17.41 -12.92
CA ASN A 134 -1.01 -17.02 -13.28
C ASN A 134 -1.00 -16.59 -14.74
N SER A 135 0.13 -16.13 -15.24
CA SER A 135 0.20 -15.71 -16.64
C SER A 135 1.04 -16.68 -17.49
N LEU A 136 0.97 -17.96 -17.17
CA LEU A 136 1.62 -18.99 -17.99
C LEU A 136 1.05 -19.02 -19.41
N ARG A 137 1.93 -19.07 -20.40
CA ARG A 137 1.51 -19.08 -21.79
C ARG A 137 1.70 -20.46 -22.39
N THR A 138 2.68 -21.19 -21.85
CA THR A 138 2.95 -22.54 -22.32
C THR A 138 3.34 -23.43 -21.15
N ILE A 139 3.34 -24.75 -21.38
CA ILE A 139 3.64 -25.69 -20.32
C ILE A 139 4.53 -26.83 -20.79
N PRO A 140 5.70 -26.99 -20.16
CA PRO A 140 6.72 -27.97 -20.53
C PRO A 140 6.16 -29.39 -20.64
N VAL A 141 6.64 -30.14 -21.62
CA VAL A 141 6.12 -31.47 -21.90
C VAL A 141 6.42 -32.45 -20.76
N ARG A 142 7.50 -32.19 -20.04
CA ARG A 142 8.00 -33.12 -19.04
C ARG A 142 7.69 -32.72 -17.61
N LEU A 143 6.92 -31.65 -17.45
CA LEU A 143 6.77 -31.01 -16.13
C LEU A 143 6.21 -31.98 -15.11
N PHE A 144 5.21 -32.76 -15.51
CA PHE A 144 4.51 -33.64 -14.59
C PHE A 144 4.98 -35.09 -14.70
N TRP A 145 6.20 -35.29 -15.18
CA TRP A 145 6.71 -36.64 -15.39
C TRP A 145 6.83 -37.41 -14.07
N ASP A 146 7.20 -36.72 -13.00
CA ASP A 146 7.40 -37.37 -11.70
C ASP A 146 6.18 -37.30 -10.77
N CYS A 147 5.14 -36.61 -11.21
CA CYS A 147 3.96 -36.39 -10.36
C CYS A 147 3.01 -37.59 -10.37
N ARG A 148 3.50 -38.70 -9.82
CA ARG A 148 2.82 -39.99 -9.91
C ARG A 148 1.49 -40.02 -9.16
N SER A 149 1.43 -39.40 -7.99
CA SER A 149 0.25 -39.50 -7.15
C SER A 149 -0.58 -38.22 -7.13
N LEU A 150 -0.32 -37.33 -8.09
CA LEU A 150 -1.12 -36.12 -8.24
C LEU A 150 -2.52 -36.51 -8.72
N GLU A 151 -3.55 -35.98 -8.05
CA GLU A 151 -4.92 -36.27 -8.47
C GLU A 151 -5.78 -35.02 -8.61
N PHE A 152 -5.19 -33.85 -8.33
CA PHE A 152 -5.87 -32.58 -8.56
C PHE A 152 -4.91 -31.54 -9.13
N LEU A 153 -5.22 -31.04 -10.32
CA LEU A 153 -4.37 -30.05 -10.97
C LEU A 153 -5.18 -28.85 -11.43
N ASP A 154 -4.79 -27.66 -10.99
CA ASP A 154 -5.53 -26.44 -11.32
C ASP A 154 -4.68 -25.49 -12.16
N LEU A 155 -5.05 -25.36 -13.43
CA LEU A 155 -4.35 -24.45 -14.33
C LEU A 155 -5.27 -23.37 -14.87
N SER A 156 -6.33 -23.08 -14.12
CA SER A 156 -7.34 -22.15 -14.59
C SER A 156 -6.84 -20.70 -14.51
N THR A 157 -7.50 -19.82 -15.25
CA THR A 157 -7.17 -18.39 -15.29
C THR A 157 -5.69 -18.14 -15.61
N ASN A 158 -5.24 -18.68 -16.74
CA ASN A 158 -3.91 -18.40 -17.25
C ASN A 158 -3.98 -17.88 -18.68
N ARG A 159 -2.87 -17.97 -19.40
CA ARG A 159 -2.82 -17.54 -20.79
C ARG A 159 -2.34 -18.66 -21.71
N LEU A 160 -2.78 -19.88 -21.43
CA LEU A 160 -2.45 -21.03 -22.27
C LEU A 160 -3.06 -20.93 -23.66
N ARG A 161 -2.20 -20.89 -24.66
CA ARG A 161 -2.63 -20.76 -26.05
C ARG A 161 -3.12 -22.09 -26.62
N SER A 162 -2.40 -23.17 -26.34
CA SER A 162 -2.80 -24.51 -26.80
C SER A 162 -2.11 -25.63 -26.01
N LEU A 163 -2.54 -26.86 -26.28
CA LEU A 163 -2.08 -28.02 -25.53
C LEU A 163 -1.05 -28.87 -26.27
N ALA A 164 0.03 -29.20 -25.59
CA ALA A 164 1.07 -30.08 -26.15
C ALA A 164 0.53 -31.51 -26.26
N ARG A 165 1.09 -32.27 -27.21
CA ARG A 165 0.61 -33.62 -27.48
C ARG A 165 0.66 -34.53 -26.27
N ASN A 166 1.80 -34.55 -25.61
CA ASN A 166 2.03 -35.45 -24.51
C ASN A 166 2.57 -34.74 -23.27
N GLY A 167 2.10 -33.52 -23.05
CA GLY A 167 2.52 -32.74 -21.90
C GLY A 167 2.20 -33.41 -20.58
N PHE A 168 1.11 -34.18 -20.57
CA PHE A 168 0.59 -34.75 -19.31
C PHE A 168 1.23 -36.05 -18.84
N ALA A 169 2.36 -36.45 -19.42
CA ALA A 169 2.93 -37.75 -19.10
C ALA A 169 3.28 -37.84 -17.61
N GLY A 170 2.71 -38.83 -16.94
CA GLY A 170 3.02 -39.09 -15.53
C GLY A 170 1.91 -38.69 -14.60
N LEU A 171 0.77 -38.28 -15.17
CA LEU A 171 -0.39 -37.90 -14.38
C LEU A 171 -1.40 -39.04 -14.40
N ILE A 172 -0.90 -40.26 -14.27
CA ILE A 172 -1.70 -41.46 -14.46
C ILE A 172 -2.79 -41.60 -13.40
N LYS A 173 -2.64 -40.87 -12.29
CA LYS A 173 -3.61 -40.98 -11.21
C LYS A 173 -4.44 -39.70 -11.06
N LEU A 174 -4.22 -38.74 -11.95
CA LEU A 174 -4.95 -37.47 -11.89
C LEU A 174 -6.45 -37.70 -12.10
N ARG A 175 -7.26 -37.13 -11.21
CA ARG A 175 -8.71 -37.31 -11.28
C ARG A 175 -9.46 -36.08 -11.80
N GLU A 176 -9.03 -34.90 -11.36
CA GLU A 176 -9.75 -33.67 -11.69
C GLU A 176 -8.80 -32.61 -12.27
N LEU A 177 -9.14 -32.11 -13.45
CA LEU A 177 -8.27 -31.17 -14.16
C LEU A 177 -8.99 -29.86 -14.48
N HIS A 178 -8.41 -28.75 -14.04
CA HIS A 178 -9.01 -27.44 -14.29
C HIS A 178 -8.21 -26.67 -15.34
N LEU A 179 -8.84 -26.40 -16.48
CA LEU A 179 -8.21 -25.64 -17.55
C LEU A 179 -9.08 -24.46 -17.98
N GLU A 180 -10.03 -24.08 -17.14
CA GLU A 180 -11.00 -23.05 -17.50
C GLU A 180 -10.36 -21.66 -17.52
N HIS A 181 -11.01 -20.73 -18.22
CA HIS A 181 -10.56 -19.35 -18.29
C HIS A 181 -9.15 -19.20 -18.83
N ASN A 182 -8.80 -20.02 -19.83
CA ASN A 182 -7.56 -19.81 -20.54
C ASN A 182 -7.86 -19.27 -21.92
N GLN A 183 -7.02 -19.58 -22.90
CA GLN A 183 -7.19 -19.04 -24.23
C GLN A 183 -7.04 -20.12 -25.30
N LEU A 184 -7.56 -21.30 -24.99
CA LEU A 184 -7.51 -22.42 -25.93
C LEU A 184 -8.38 -22.15 -27.14
N THR A 185 -7.99 -22.70 -28.28
CA THR A 185 -8.68 -22.45 -29.55
C THR A 185 -9.40 -23.70 -30.06
N LYS A 186 -8.74 -24.83 -29.87
CA LYS A 186 -9.22 -26.10 -30.39
C LYS A 186 -8.98 -27.17 -29.33
N ILE A 187 -9.75 -28.25 -29.36
CA ILE A 187 -9.50 -29.35 -28.45
C ILE A 187 -9.40 -30.68 -29.18
N ASN A 188 -8.21 -31.28 -29.15
CA ASN A 188 -8.01 -32.61 -29.69
C ASN A 188 -7.89 -33.59 -28.53
N PHE A 189 -8.98 -34.30 -28.26
CA PHE A 189 -9.07 -35.12 -27.06
C PHE A 189 -8.05 -36.26 -26.99
N ALA A 190 -7.35 -36.50 -28.09
CA ALA A 190 -6.24 -37.43 -28.10
C ALA A 190 -5.08 -36.90 -27.25
N HIS A 191 -5.09 -35.60 -27.00
CA HIS A 191 -4.05 -34.94 -26.20
C HIS A 191 -4.16 -35.30 -24.71
N PHE A 192 -5.33 -35.79 -24.31
CA PHE A 192 -5.55 -36.18 -22.92
C PHE A 192 -5.37 -37.68 -22.70
N LEU A 193 -4.77 -38.35 -23.68
CA LEU A 193 -4.73 -39.81 -23.70
C LEU A 193 -4.08 -40.36 -22.44
N ARG A 194 -3.08 -39.65 -21.94
CA ARG A 194 -2.30 -40.11 -20.80
C ARG A 194 -3.03 -40.02 -19.46
N LEU A 195 -4.05 -39.17 -19.38
CA LEU A 195 -4.84 -39.04 -18.16
C LEU A 195 -5.91 -40.12 -18.12
N SER A 196 -5.57 -41.27 -17.54
CA SER A 196 -6.43 -42.44 -17.64
C SER A 196 -7.28 -42.64 -16.38
N SER A 197 -7.18 -41.70 -15.45
CA SER A 197 -7.95 -41.79 -14.22
C SER A 197 -8.87 -40.58 -14.03
N LEU A 198 -8.91 -39.72 -15.04
CA LEU A 198 -9.66 -38.47 -14.94
C LEU A 198 -11.16 -38.73 -14.86
N HIS A 199 -11.85 -38.09 -13.91
CA HIS A 199 -13.30 -38.20 -13.87
C HIS A 199 -13.97 -36.89 -14.25
N THR A 200 -13.29 -35.77 -14.01
CA THR A 200 -13.84 -34.46 -14.36
C THR A 200 -12.84 -33.57 -15.09
N LEU A 201 -13.31 -32.93 -16.16
CA LEU A 201 -12.49 -32.02 -16.95
C LEU A 201 -13.21 -30.69 -17.16
N PHE A 202 -12.61 -29.61 -16.68
CA PHE A 202 -13.18 -28.27 -16.84
C PHE A 202 -12.47 -27.47 -17.92
N LEU A 203 -13.19 -27.12 -18.98
CA LEU A 203 -12.60 -26.39 -20.10
C LEU A 203 -13.40 -25.14 -20.45
N GLN A 204 -14.23 -24.68 -19.52
CA GLN A 204 -15.15 -23.59 -19.81
C GLN A 204 -14.44 -22.24 -19.97
N TRP A 205 -15.09 -21.33 -20.69
CA TRP A 205 -14.62 -19.96 -20.87
C TRP A 205 -13.23 -19.86 -21.48
N ASN A 206 -13.00 -20.66 -22.53
CA ASN A 206 -11.86 -20.50 -23.41
C ASN A 206 -12.33 -19.88 -24.72
N LYS A 207 -11.65 -20.18 -25.82
CA LYS A 207 -12.06 -19.67 -27.13
C LYS A 207 -12.19 -20.83 -28.11
N ILE A 208 -12.67 -21.95 -27.59
CA ILE A 208 -12.69 -23.22 -28.33
C ILE A 208 -13.69 -23.24 -29.48
N SER A 209 -13.17 -23.41 -30.69
CA SER A 209 -13.99 -23.47 -31.89
C SER A 209 -14.29 -24.89 -32.31
N ASN A 210 -13.29 -25.76 -32.21
CA ASN A 210 -13.39 -27.12 -32.73
C ASN A 210 -13.22 -28.22 -31.70
N LEU A 211 -13.99 -29.29 -31.88
CA LEU A 211 -13.86 -30.50 -31.09
C LEU A 211 -13.53 -31.69 -31.98
N THR A 212 -12.28 -32.14 -31.92
CA THR A 212 -11.82 -33.24 -32.76
C THR A 212 -11.19 -34.34 -31.90
N CYS A 213 -11.01 -35.52 -32.48
CA CYS A 213 -10.31 -36.61 -31.81
C CYS A 213 -9.47 -37.39 -32.80
N GLY A 214 -8.18 -37.09 -32.83
CA GLY A 214 -7.26 -37.66 -33.81
C GLY A 214 -7.02 -39.15 -33.70
N MET A 215 -6.80 -39.62 -32.48
CA MET A 215 -6.58 -41.05 -32.25
C MET A 215 -7.84 -41.66 -31.66
N GLU A 216 -8.27 -42.80 -32.19
CA GLU A 216 -9.43 -43.50 -31.63
C GLU A 216 -9.04 -44.13 -30.31
N TRP A 217 -9.82 -43.90 -29.25
CA TRP A 217 -9.54 -44.54 -27.97
C TRP A 217 -10.74 -44.48 -27.04
N THR A 218 -10.62 -45.14 -25.89
CA THR A 218 -11.74 -45.19 -24.94
C THR A 218 -11.34 -44.62 -23.59
N TRP A 219 -11.95 -43.49 -23.27
CA TRP A 219 -11.69 -42.77 -22.02
C TRP A 219 -12.73 -43.16 -20.98
N GLY A 220 -12.62 -44.40 -20.49
CA GLY A 220 -13.68 -44.99 -19.69
C GLY A 220 -14.01 -44.32 -18.38
N THR A 221 -13.10 -43.49 -17.87
CA THR A 221 -13.25 -42.93 -16.53
C THR A 221 -13.84 -41.53 -16.50
N LEU A 222 -13.83 -40.86 -17.65
CA LEU A 222 -14.32 -39.49 -17.73
C LEU A 222 -15.84 -39.49 -17.52
N GLU A 223 -16.32 -38.69 -16.58
CA GLU A 223 -17.75 -38.66 -16.29
C GLU A 223 -18.37 -37.27 -16.45
N LYS A 224 -17.56 -36.22 -16.30
CA LYS A 224 -18.06 -34.86 -16.42
C LYS A 224 -17.18 -34.02 -17.33
N LEU A 225 -17.81 -33.31 -18.26
CA LEU A 225 -17.10 -32.45 -19.19
C LEU A 225 -17.79 -31.09 -19.27
N ASP A 226 -17.12 -30.05 -18.81
CA ASP A 226 -17.69 -28.71 -18.82
C ASP A 226 -17.03 -27.87 -19.91
N LEU A 227 -17.82 -27.52 -20.93
CA LEU A 227 -17.35 -26.73 -22.06
C LEU A 227 -18.13 -25.43 -22.20
N THR A 228 -18.71 -24.98 -21.09
CA THR A 228 -19.58 -23.80 -21.08
C THR A 228 -18.87 -22.52 -21.51
N GLY A 229 -19.52 -21.74 -22.39
CA GLY A 229 -19.06 -20.39 -22.69
C GLY A 229 -17.87 -20.32 -23.62
N ASN A 230 -17.76 -21.29 -24.52
CA ASN A 230 -16.77 -21.23 -25.58
C ASN A 230 -17.38 -20.73 -26.90
N GLU A 231 -16.79 -21.12 -28.01
CA GLU A 231 -17.26 -20.68 -29.32
C GLU A 231 -17.44 -21.87 -30.23
N ILE A 232 -17.79 -23.00 -29.63
CA ILE A 232 -17.92 -24.26 -30.35
C ILE A 232 -18.98 -24.22 -31.44
N LYS A 233 -18.56 -24.49 -32.67
CA LYS A 233 -19.48 -24.49 -33.80
C LYS A 233 -19.41 -25.82 -34.53
N ALA A 234 -18.31 -26.55 -34.33
CA ALA A 234 -18.08 -27.82 -35.02
C ALA A 234 -17.60 -28.92 -34.07
N ILE A 235 -18.11 -30.13 -34.29
CA ILE A 235 -17.75 -31.29 -33.47
C ILE A 235 -17.61 -32.57 -34.30
N ASP A 236 -16.41 -33.14 -34.31
CA ASP A 236 -16.17 -34.38 -35.05
C ASP A 236 -17.08 -35.49 -34.52
N LEU A 237 -17.58 -36.32 -35.43
CA LEU A 237 -18.64 -37.27 -35.11
C LEU A 237 -18.22 -38.43 -34.23
N THR A 238 -17.00 -38.40 -33.72
CA THR A 238 -16.52 -39.51 -32.90
C THR A 238 -15.90 -39.07 -31.57
N VAL A 239 -16.03 -37.79 -31.22
CA VAL A 239 -15.40 -37.29 -30.01
C VAL A 239 -16.12 -37.77 -28.76
N PHE A 240 -17.36 -38.21 -28.92
CA PHE A 240 -18.12 -38.68 -27.77
C PHE A 240 -18.25 -40.21 -27.78
N GLU A 241 -17.74 -40.82 -28.83
CA GLU A 241 -17.55 -42.27 -28.84
C GLU A 241 -16.47 -42.60 -27.82
N THR A 242 -15.60 -41.62 -27.60
CA THR A 242 -14.43 -41.77 -26.74
C THR A 242 -14.81 -41.83 -25.26
N MET A 243 -15.93 -41.21 -24.92
CA MET A 243 -16.33 -41.09 -23.51
C MET A 243 -17.67 -41.76 -23.25
N PRO A 244 -17.68 -43.10 -23.21
CA PRO A 244 -18.90 -43.91 -23.08
C PRO A 244 -19.59 -43.72 -21.74
N ASN A 245 -18.83 -43.34 -20.73
CA ASN A 245 -19.37 -43.20 -19.38
C ASN A 245 -19.55 -41.75 -18.97
N LEU A 246 -19.50 -40.86 -19.96
CA LEU A 246 -19.73 -39.44 -19.74
C LEU A 246 -21.16 -39.27 -19.26
N LYS A 247 -21.34 -38.63 -18.12
CA LYS A 247 -22.65 -38.52 -17.51
C LYS A 247 -23.11 -37.07 -17.31
N ILE A 248 -22.15 -36.15 -17.35
CA ILE A 248 -22.48 -34.72 -17.31
C ILE A 248 -21.75 -33.98 -18.44
N LEU A 249 -22.52 -33.42 -19.37
CA LEU A 249 -21.94 -32.66 -20.47
C LEU A 249 -22.60 -31.29 -20.55
N LEU A 250 -21.78 -30.25 -20.38
CA LEU A 250 -22.28 -28.88 -20.37
C LEU A 250 -21.73 -28.10 -21.57
N MET A 251 -22.61 -27.67 -22.45
CA MET A 251 -22.19 -26.93 -23.62
C MET A 251 -23.04 -25.67 -23.84
N ASP A 252 -23.36 -24.99 -22.74
CA ASP A 252 -24.12 -23.75 -22.81
C ASP A 252 -23.27 -22.60 -23.31
N ASN A 253 -23.94 -21.59 -23.86
CA ASN A 253 -23.29 -20.35 -24.28
C ASN A 253 -22.20 -20.58 -25.32
N ASN A 254 -22.46 -21.48 -26.26
CA ASN A 254 -21.56 -21.67 -27.38
C ASN A 254 -22.23 -21.18 -28.66
N LYS A 255 -21.71 -21.62 -29.80
CA LYS A 255 -22.26 -21.19 -31.08
C LYS A 255 -22.72 -22.42 -31.85
N LEU A 256 -23.11 -23.46 -31.13
CA LEU A 256 -23.62 -24.68 -31.75
C LEU A 256 -24.84 -24.36 -32.60
N ASN A 257 -24.93 -25.01 -33.75
CA ASN A 257 -25.93 -24.69 -34.74
C ASN A 257 -26.97 -25.78 -34.82
N SER A 258 -26.52 -27.02 -34.59
CA SER A 258 -27.37 -28.20 -34.62
C SER A 258 -26.52 -29.37 -34.11
N LEU A 259 -27.10 -30.56 -34.06
CA LEU A 259 -26.34 -31.75 -33.70
C LEU A 259 -26.69 -32.94 -34.56
N ASP A 260 -25.67 -33.59 -35.10
CA ASP A 260 -25.85 -34.78 -35.93
C ASP A 260 -26.41 -35.88 -35.05
N SER A 261 -27.22 -36.75 -35.63
CA SER A 261 -27.74 -37.89 -34.88
C SER A 261 -26.62 -38.87 -34.54
N LYS A 262 -25.53 -38.82 -35.31
CA LYS A 262 -24.35 -39.65 -35.03
C LYS A 262 -23.73 -39.24 -33.70
N ILE A 263 -23.67 -37.94 -33.44
CA ILE A 263 -23.19 -37.40 -32.17
C ILE A 263 -24.07 -37.86 -31.02
N LEU A 264 -25.36 -37.54 -31.13
CA LEU A 264 -26.32 -37.75 -30.05
C LEU A 264 -26.49 -39.23 -29.67
N ASN A 265 -26.23 -40.13 -30.61
CA ASN A 265 -26.36 -41.55 -30.34
C ASN A 265 -25.26 -42.08 -29.42
N SER A 266 -24.21 -41.29 -29.24
CA SER A 266 -23.12 -41.67 -28.34
C SER A 266 -23.37 -41.12 -26.95
N LEU A 267 -24.13 -40.03 -26.88
CA LEU A 267 -24.47 -39.43 -25.60
C LEU A 267 -25.75 -40.02 -25.00
N ARG A 268 -25.67 -41.27 -24.56
CA ARG A 268 -26.85 -41.94 -24.00
C ARG A 268 -26.69 -42.25 -22.52
N SER A 269 -25.49 -42.12 -21.99
CA SER A 269 -25.25 -42.39 -20.57
C SER A 269 -25.40 -41.12 -19.77
N LEU A 270 -25.77 -40.04 -20.46
CA LEU A 270 -25.86 -38.73 -19.84
C LEU A 270 -27.01 -38.67 -18.82
N THR A 271 -26.74 -38.00 -17.70
CA THR A 271 -27.74 -37.79 -16.67
C THR A 271 -28.08 -36.30 -16.59
N THR A 272 -27.13 -35.48 -17.04
CA THR A 272 -27.30 -34.04 -17.08
C THR A 272 -26.71 -33.47 -18.35
N VAL A 273 -27.45 -32.60 -19.03
CA VAL A 273 -26.95 -31.95 -20.23
C VAL A 273 -27.21 -30.46 -20.13
N GLY A 274 -26.52 -29.68 -20.97
CA GLY A 274 -26.74 -28.25 -21.04
C GLY A 274 -26.57 -27.77 -22.47
N LEU A 275 -27.63 -27.21 -23.04
CA LEU A 275 -27.61 -26.84 -24.45
C LEU A 275 -28.17 -25.45 -24.68
N SER A 276 -28.33 -24.69 -23.61
CA SER A 276 -28.92 -23.36 -23.66
C SER A 276 -27.95 -22.29 -24.21
N GLY A 277 -28.51 -21.25 -24.80
CA GLY A 277 -27.72 -20.11 -25.23
C GLY A 277 -26.99 -20.32 -26.55
N ASN A 278 -27.19 -21.49 -27.16
CA ASN A 278 -26.57 -21.78 -28.44
C ASN A 278 -27.33 -21.15 -29.59
N LEU A 279 -26.70 -21.15 -30.76
CA LEU A 279 -27.29 -20.56 -31.95
C LEU A 279 -28.10 -21.58 -32.75
N TRP A 280 -29.06 -22.23 -32.10
CA TRP A 280 -29.79 -23.33 -32.73
C TRP A 280 -30.61 -22.86 -33.93
N GLU A 281 -30.54 -23.62 -35.02
CA GLU A 281 -31.36 -23.35 -36.20
C GLU A 281 -32.60 -24.22 -36.19
N CYS A 282 -33.74 -23.62 -35.87
CA CYS A 282 -34.99 -24.36 -35.74
C CYS A 282 -35.65 -24.70 -37.09
N SER A 283 -35.29 -25.87 -37.59
CA SER A 283 -35.80 -26.40 -38.84
C SER A 283 -35.68 -27.91 -38.76
N ALA A 284 -35.89 -28.62 -39.87
CA ALA A 284 -35.87 -30.08 -39.86
C ALA A 284 -34.54 -30.65 -39.35
N ARG A 285 -33.50 -29.81 -39.36
CA ARG A 285 -32.18 -30.22 -38.91
C ARG A 285 -32.14 -30.62 -37.42
N ILE A 286 -32.96 -29.97 -36.60
CA ILE A 286 -32.95 -30.23 -35.16
C ILE A 286 -33.74 -31.47 -34.73
N CYS A 287 -34.34 -32.16 -35.69
CA CYS A 287 -35.16 -33.35 -35.38
C CYS A 287 -34.37 -34.38 -34.59
N ALA A 288 -33.08 -34.53 -34.93
CA ALA A 288 -32.20 -35.43 -34.20
C ALA A 288 -32.17 -35.04 -32.73
N LEU A 289 -32.06 -33.73 -32.48
CA LEU A 289 -32.04 -33.22 -31.11
C LEU A 289 -33.42 -33.29 -30.48
N ALA A 290 -34.45 -32.92 -31.25
CA ALA A 290 -35.82 -32.90 -30.73
C ALA A 290 -36.28 -34.30 -30.33
N SER A 291 -36.01 -35.29 -31.19
CA SER A 291 -36.38 -36.67 -30.92
C SER A 291 -35.65 -37.19 -29.70
N TRP A 292 -34.38 -36.82 -29.59
CA TRP A 292 -33.53 -37.24 -28.48
C TRP A 292 -34.11 -36.80 -27.15
N LEU A 293 -34.60 -35.56 -27.12
CA LEU A 293 -35.18 -34.99 -25.91
C LEU A 293 -36.42 -35.77 -25.47
N GLY A 294 -37.24 -36.19 -26.43
CA GLY A 294 -38.40 -37.02 -26.13
C GLY A 294 -37.94 -38.35 -25.58
N SER A 295 -36.89 -38.90 -26.19
CA SER A 295 -36.30 -40.16 -25.76
C SER A 295 -35.51 -40.05 -24.45
N PHE A 296 -34.85 -38.90 -24.26
CA PHE A 296 -33.97 -38.67 -23.12
C PHE A 296 -34.64 -38.88 -21.77
N GLN A 297 -33.89 -39.42 -20.81
CA GLN A 297 -34.40 -39.67 -19.46
C GLN A 297 -33.56 -39.00 -18.39
N GLY A 298 -32.69 -38.09 -18.79
CA GLY A 298 -31.86 -37.38 -17.84
C GLY A 298 -32.44 -36.02 -17.54
N ARG A 299 -31.62 -35.12 -17.01
CA ARG A 299 -32.08 -33.80 -16.63
C ARG A 299 -31.35 -32.71 -17.42
N TRP A 300 -31.98 -31.54 -17.51
CA TRP A 300 -31.31 -30.35 -18.02
C TRP A 300 -31.82 -29.13 -17.23
N GLU A 301 -30.91 -28.39 -16.63
CA GLU A 301 -31.28 -27.31 -15.72
C GLU A 301 -32.02 -26.16 -16.41
N HIS A 302 -31.58 -25.77 -17.59
CA HIS A 302 -32.18 -24.62 -18.26
C HIS A 302 -32.86 -25.01 -19.57
N SER A 303 -33.90 -24.26 -19.93
CA SER A 303 -34.68 -24.56 -21.13
C SER A 303 -33.84 -24.28 -22.37
N ILE A 304 -34.06 -25.08 -23.41
CA ILE A 304 -33.34 -24.94 -24.66
C ILE A 304 -34.17 -24.19 -25.68
N LEU A 305 -33.64 -23.08 -26.20
CA LEU A 305 -34.43 -22.17 -27.02
C LEU A 305 -33.85 -21.96 -28.42
N CYS A 306 -34.76 -21.84 -29.38
CA CYS A 306 -34.40 -21.66 -30.77
C CYS A 306 -33.79 -20.27 -30.97
N HIS A 307 -32.84 -20.16 -31.91
CA HIS A 307 -32.26 -18.87 -32.24
C HIS A 307 -32.50 -18.47 -33.71
N SER A 308 -32.84 -19.45 -34.54
CA SER A 308 -33.05 -19.20 -35.96
C SER A 308 -34.04 -20.22 -36.53
N PRO A 309 -34.92 -19.80 -37.46
CA PRO A 309 -35.05 -18.44 -38.01
C PRO A 309 -35.67 -17.50 -36.99
N ASP A 310 -35.84 -16.23 -37.35
CA ASP A 310 -36.23 -15.23 -36.36
C ASP A 310 -37.60 -15.44 -35.72
N HIS A 311 -38.57 -15.96 -36.47
CA HIS A 311 -39.91 -16.15 -35.93
C HIS A 311 -40.00 -17.24 -34.86
N THR A 312 -38.93 -18.02 -34.71
CA THR A 312 -38.90 -19.08 -33.71
C THR A 312 -38.01 -18.73 -32.51
N GLN A 313 -37.43 -17.54 -32.53
CA GLN A 313 -36.47 -17.11 -31.52
C GLN A 313 -37.04 -17.13 -30.10
N GLY A 314 -36.25 -17.67 -29.18
CA GLY A 314 -36.61 -17.72 -27.78
C GLY A 314 -37.65 -18.77 -27.39
N GLU A 315 -38.12 -19.54 -28.36
CA GLU A 315 -39.15 -20.52 -28.06
C GLU A 315 -38.54 -21.90 -27.92
N ASP A 316 -38.93 -22.61 -26.87
CA ASP A 316 -38.42 -23.95 -26.61
C ASP A 316 -38.50 -24.80 -27.87
N ILE A 317 -37.46 -25.61 -28.07
CA ILE A 317 -37.32 -26.41 -29.29
C ILE A 317 -38.57 -27.25 -29.57
N LEU A 318 -38.98 -28.04 -28.58
CA LEU A 318 -40.12 -28.93 -28.76
C LEU A 318 -41.40 -28.16 -29.05
N ASP A 319 -41.59 -27.04 -28.35
CA ASP A 319 -42.72 -26.16 -28.62
C ASP A 319 -42.71 -25.66 -30.06
N ALA A 320 -41.52 -25.34 -30.56
CA ALA A 320 -41.37 -24.82 -31.92
C ALA A 320 -41.46 -25.95 -32.95
N VAL A 321 -40.97 -27.13 -32.59
CA VAL A 321 -41.05 -28.29 -33.47
C VAL A 321 -42.50 -28.68 -33.74
N ALA A 322 -43.28 -28.79 -32.68
CA ALA A 322 -44.67 -29.21 -32.80
C ALA A 322 -45.54 -28.07 -33.30
N GLY A 323 -45.14 -26.84 -32.98
CA GLY A 323 -45.87 -25.64 -33.38
C GLY A 323 -45.74 -25.30 -34.85
N PHE A 324 -44.59 -25.59 -35.44
CA PHE A 324 -44.33 -25.25 -36.84
C PHE A 324 -44.26 -26.46 -37.78
N GLN A 325 -44.67 -27.63 -37.31
CA GLN A 325 -44.71 -28.83 -38.14
C GLN A 325 -43.37 -29.09 -38.82
N LEU A 326 -42.29 -29.06 -38.04
CA LEU A 326 -40.94 -29.14 -38.60
C LEU A 326 -40.50 -30.57 -38.90
N CYS A 327 -41.08 -31.53 -38.19
CA CYS A 327 -40.65 -32.92 -38.31
C CYS A 327 -41.80 -33.89 -38.61
N TRP A 328 -41.45 -35.14 -38.91
CA TRP A 328 -42.41 -36.22 -39.05
C TRP A 328 -43.50 -35.93 -40.06
N SER B 4 -66.74 7.78 -12.88
CA SER B 4 -65.54 7.91 -12.06
C SER B 4 -64.31 7.45 -12.83
N HIS B 5 -63.57 8.39 -13.41
CA HIS B 5 -62.74 8.12 -14.58
C HIS B 5 -61.33 8.72 -14.51
N ALA B 6 -61.04 9.45 -13.44
CA ALA B 6 -59.82 10.25 -13.34
C ALA B 6 -58.52 9.47 -13.56
N GLY B 7 -57.57 10.14 -14.21
CA GLY B 7 -56.28 9.57 -14.60
C GLY B 7 -55.93 10.31 -15.87
N THR B 8 -54.73 10.12 -16.41
CA THR B 8 -54.41 10.77 -17.68
C THR B 8 -55.30 10.21 -18.78
N THR B 9 -55.96 11.09 -19.54
CA THR B 9 -56.98 10.65 -20.47
C THR B 9 -56.91 11.41 -21.81
N TYR B 10 -57.23 10.72 -22.90
CA TYR B 10 -57.26 11.31 -24.23
C TYR B 10 -58.63 11.20 -24.90
N ILE B 11 -59.11 12.30 -25.47
CA ILE B 11 -60.39 12.30 -26.19
C ILE B 11 -60.22 11.94 -27.66
N PHE B 12 -60.82 10.82 -28.06
CA PHE B 12 -60.85 10.43 -29.46
C PHE B 12 -62.21 10.77 -30.03
N SER B 13 -62.30 11.89 -30.74
CA SER B 13 -63.57 12.36 -31.27
C SER B 13 -63.71 12.00 -32.75
N LYS B 14 -64.79 12.46 -33.36
CA LYS B 14 -65.10 12.12 -34.76
C LYS B 14 -63.96 12.46 -35.70
N GLY B 15 -63.78 11.63 -36.72
CA GLY B 15 -62.71 11.83 -37.69
C GLY B 15 -61.54 10.88 -37.49
N GLY B 16 -61.52 10.22 -36.33
CA GLY B 16 -60.48 9.26 -36.02
C GLY B 16 -59.25 9.87 -35.40
N GLY B 17 -58.52 9.07 -34.63
CA GLY B 17 -57.33 9.53 -33.95
C GLY B 17 -56.37 8.38 -33.70
N GLN B 18 -55.13 8.70 -33.31
CA GLN B 18 -54.13 7.66 -33.14
C GLN B 18 -52.94 8.12 -32.29
N ILE B 19 -52.64 7.35 -31.25
CA ILE B 19 -51.42 7.54 -30.47
C ILE B 19 -50.50 6.35 -30.70
N THR B 20 -49.25 6.62 -31.09
CA THR B 20 -48.31 5.55 -31.39
C THR B 20 -46.99 5.70 -30.65
N TYR B 21 -46.41 4.57 -30.26
CA TYR B 21 -45.11 4.55 -29.62
C TYR B 21 -44.15 3.71 -30.43
N LYS B 22 -42.97 4.26 -30.69
CA LYS B 22 -41.94 3.57 -31.46
C LYS B 22 -40.81 3.13 -30.56
N TRP B 23 -40.56 1.82 -30.49
CA TRP B 23 -39.43 1.30 -29.74
C TRP B 23 -38.14 1.57 -30.51
N PRO B 24 -37.02 1.73 -29.79
CA PRO B 24 -35.73 1.81 -30.48
C PRO B 24 -35.48 0.52 -31.25
N PRO B 25 -34.85 0.62 -32.44
CA PRO B 25 -34.73 -0.51 -33.37
C PRO B 25 -34.10 -1.75 -32.75
N ASN B 26 -33.07 -1.53 -31.95
CA ASN B 26 -32.35 -2.62 -31.27
C ASN B 26 -33.09 -3.26 -30.09
N ASP B 27 -33.87 -2.46 -29.36
CA ASP B 27 -34.49 -2.91 -28.11
C ASP B 27 -35.91 -3.44 -28.20
N ARG B 28 -36.42 -3.65 -29.42
CA ARG B 28 -37.75 -4.22 -29.60
C ARG B 28 -37.86 -5.52 -28.79
N PRO B 29 -38.71 -5.51 -27.76
CA PRO B 29 -38.70 -6.58 -26.76
C PRO B 29 -39.36 -7.86 -27.25
N SER B 30 -38.95 -9.00 -26.70
CA SER B 30 -39.69 -10.24 -26.87
C SER B 30 -40.18 -10.68 -25.50
N THR B 31 -41.39 -11.22 -25.44
CA THR B 31 -42.00 -11.55 -24.15
C THR B 31 -42.71 -12.91 -24.14
N ARG B 32 -42.51 -13.67 -23.07
CA ARG B 32 -43.22 -14.94 -22.89
C ARG B 32 -44.59 -14.70 -22.26
N ALA B 33 -44.74 -13.55 -21.61
CA ALA B 33 -46.00 -13.18 -20.97
C ALA B 33 -46.30 -11.69 -21.17
N ASP B 34 -47.58 -11.35 -21.23
CA ASP B 34 -47.99 -9.97 -21.46
C ASP B 34 -49.11 -9.51 -20.52
N ARG B 35 -49.02 -8.27 -20.07
CA ARG B 35 -50.00 -7.68 -19.15
C ARG B 35 -50.53 -6.37 -19.71
N LEU B 36 -51.77 -6.37 -20.17
CA LEU B 36 -52.38 -5.17 -20.74
C LEU B 36 -53.61 -4.73 -19.96
N ALA B 37 -53.60 -3.48 -19.51
CA ALA B 37 -54.74 -2.91 -18.80
C ALA B 37 -55.03 -1.51 -19.33
N ILE B 38 -56.29 -1.27 -19.68
CA ILE B 38 -56.69 0.00 -20.26
C ILE B 38 -57.98 0.48 -19.61
N GLY B 39 -58.04 1.77 -19.32
CA GLY B 39 -59.27 2.38 -18.84
C GLY B 39 -59.93 3.13 -19.99
N PHE B 40 -61.21 2.89 -20.20
CA PHE B 40 -61.91 3.48 -21.33
C PHE B 40 -63.38 3.72 -21.08
N SER B 41 -63.97 4.56 -21.93
CA SER B 41 -65.41 4.78 -21.95
C SER B 41 -65.85 5.10 -23.37
N THR B 42 -66.89 4.40 -23.84
CA THR B 42 -67.34 4.58 -25.22
C THR B 42 -68.78 4.08 -25.42
N VAL B 43 -69.34 4.46 -26.57
CA VAL B 43 -70.72 4.10 -26.91
C VAL B 43 -70.75 3.36 -28.25
N GLN B 44 -69.59 3.23 -28.87
CA GLN B 44 -69.42 2.60 -30.18
C GLN B 44 -69.83 1.13 -30.21
N LYS B 45 -70.33 0.68 -31.36
CA LYS B 45 -70.66 -0.73 -31.56
C LYS B 45 -69.43 -1.51 -32.03
N GLU B 46 -68.57 -0.87 -32.84
CA GLU B 46 -67.38 -1.53 -33.39
C GLU B 46 -66.17 -0.59 -33.42
N ALA B 47 -65.05 -1.04 -32.85
CA ALA B 47 -63.83 -0.23 -32.84
C ALA B 47 -62.58 -1.05 -32.46
N VAL B 48 -61.41 -0.46 -32.72
CA VAL B 48 -60.14 -1.07 -32.32
C VAL B 48 -59.38 -0.12 -31.40
N LEU B 49 -59.20 -0.52 -30.15
CA LEU B 49 -58.59 0.34 -29.14
C LEU B 49 -57.06 0.36 -29.23
N VAL B 50 -56.44 -0.79 -29.00
CA VAL B 50 -54.98 -0.90 -29.01
C VAL B 50 -54.55 -2.10 -29.84
N ARG B 51 -53.42 -1.96 -30.52
CA ARG B 51 -52.84 -3.06 -31.28
C ARG B 51 -51.32 -3.00 -31.20
N VAL B 52 -50.71 -4.10 -30.78
CA VAL B 52 -49.26 -4.18 -30.74
C VAL B 52 -48.77 -5.06 -31.87
N ASP B 53 -47.99 -4.48 -32.77
CA ASP B 53 -47.55 -5.17 -33.96
C ASP B 53 -46.07 -5.47 -33.88
N SER B 54 -45.69 -6.62 -34.39
CA SER B 54 -44.29 -7.01 -34.39
C SER B 54 -43.52 -6.24 -35.43
N SER B 55 -42.19 -6.31 -35.32
CA SER B 55 -41.31 -5.69 -36.29
C SER B 55 -41.59 -6.21 -37.69
N SER B 56 -41.07 -5.50 -38.69
CA SER B 56 -41.21 -5.90 -40.08
C SER B 56 -40.72 -7.33 -40.31
N GLY B 57 -41.53 -8.13 -40.98
CA GLY B 57 -41.18 -9.52 -41.26
C GLY B 57 -41.74 -10.52 -40.27
N LEU B 58 -42.57 -10.08 -39.33
CA LEU B 58 -43.15 -10.99 -38.35
C LEU B 58 -44.66 -10.84 -38.22
N GLY B 59 -45.33 -11.99 -38.09
CA GLY B 59 -46.78 -12.04 -38.04
C GLY B 59 -47.35 -11.93 -36.64
N ASP B 60 -46.49 -12.07 -35.63
CA ASP B 60 -46.88 -11.88 -34.24
C ASP B 60 -47.62 -10.55 -34.01
N TYR B 61 -48.77 -10.61 -33.34
CA TYR B 61 -49.50 -9.38 -32.99
C TYR B 61 -50.47 -9.57 -31.84
N LEU B 62 -50.86 -8.44 -31.24
CA LEU B 62 -51.84 -8.40 -30.16
C LEU B 62 -52.83 -7.26 -30.40
N GLU B 63 -54.13 -7.58 -30.45
CA GLU B 63 -55.15 -6.57 -30.72
C GLU B 63 -56.29 -6.57 -29.71
N LEU B 64 -56.56 -5.41 -29.14
CA LEU B 64 -57.72 -5.21 -28.27
C LEU B 64 -58.81 -4.42 -28.97
N HIS B 65 -60.01 -4.98 -29.06
CA HIS B 65 -61.06 -4.36 -29.85
C HIS B 65 -62.46 -4.59 -29.30
N ILE B 66 -63.40 -3.77 -29.75
CA ILE B 66 -64.81 -3.95 -29.43
C ILE B 66 -65.55 -4.42 -30.68
N HIS B 67 -66.38 -5.44 -30.52
CA HIS B 67 -67.16 -5.99 -31.64
C HIS B 67 -68.55 -6.34 -31.14
N GLN B 68 -69.55 -5.61 -31.64
CA GLN B 68 -70.93 -5.73 -31.21
C GLN B 68 -71.06 -5.33 -29.74
N GLY B 69 -70.33 -4.30 -29.35
CA GLY B 69 -70.37 -3.77 -28.00
C GLY B 69 -69.67 -4.63 -26.96
N LYS B 70 -69.10 -5.74 -27.40
CA LYS B 70 -68.43 -6.68 -26.49
C LYS B 70 -66.91 -6.58 -26.63
N ILE B 71 -66.24 -6.29 -25.51
CA ILE B 71 -64.78 -6.15 -25.52
C ILE B 71 -64.11 -7.52 -25.64
N GLY B 72 -63.02 -7.57 -26.40
CA GLY B 72 -62.32 -8.82 -26.66
C GLY B 72 -60.87 -8.63 -27.05
N VAL B 73 -60.12 -9.72 -27.08
CA VAL B 73 -58.73 -9.70 -27.50
C VAL B 73 -58.39 -10.83 -28.49
N LYS B 74 -57.58 -10.51 -29.49
CA LYS B 74 -57.12 -11.47 -30.48
C LYS B 74 -55.61 -11.33 -30.61
N PHE B 75 -54.88 -12.44 -30.53
CA PHE B 75 -53.42 -12.37 -30.62
C PHE B 75 -52.81 -13.55 -31.37
N ASN B 76 -51.57 -13.38 -31.80
CA ASN B 76 -50.86 -14.39 -32.58
C ASN B 76 -49.38 -14.47 -32.19
N VAL B 77 -48.96 -15.62 -31.68
CA VAL B 77 -47.57 -15.84 -31.27
C VAL B 77 -46.62 -16.01 -32.46
N GLY B 78 -47.20 -16.46 -33.58
CA GLY B 78 -46.48 -16.70 -34.81
C GLY B 78 -47.34 -17.55 -35.73
N THR B 79 -47.71 -18.73 -35.27
CA THR B 79 -48.48 -19.68 -36.07
C THR B 79 -49.96 -19.35 -36.26
N ASP B 80 -50.70 -19.24 -35.16
CA ASP B 80 -52.16 -19.17 -35.24
C ASP B 80 -52.79 -18.08 -34.40
N ASP B 81 -54.00 -17.68 -34.78
CA ASP B 81 -54.75 -16.64 -34.08
C ASP B 81 -55.50 -17.19 -32.87
N ILE B 82 -55.40 -16.50 -31.75
CA ILE B 82 -56.14 -16.89 -30.55
C ILE B 82 -57.05 -15.77 -30.08
N ALA B 83 -58.31 -16.11 -29.84
CA ALA B 83 -59.32 -15.11 -29.54
C ALA B 83 -59.94 -15.32 -28.16
N ILE B 84 -60.21 -14.22 -27.47
CA ILE B 84 -60.92 -14.27 -26.19
C ILE B 84 -61.77 -13.01 -26.00
N GLU B 85 -63.04 -13.19 -25.64
CA GLU B 85 -63.98 -12.08 -25.58
C GLU B 85 -64.96 -12.18 -24.41
N GLU B 86 -65.31 -11.03 -23.85
CA GLU B 86 -66.37 -10.97 -22.84
C GLU B 86 -67.76 -10.96 -23.49
N SER B 87 -68.37 -12.13 -23.61
CA SER B 87 -69.64 -12.25 -24.30
C SER B 87 -70.86 -12.23 -23.36
N ASN B 88 -70.62 -12.30 -22.06
CA ASN B 88 -71.72 -12.28 -21.10
C ASN B 88 -72.47 -10.96 -21.06
N ALA B 89 -71.78 -9.86 -21.35
CA ALA B 89 -72.40 -8.55 -21.25
C ALA B 89 -71.77 -7.52 -22.19
N ILE B 90 -72.17 -6.26 -22.01
CA ILE B 90 -71.82 -5.18 -22.92
C ILE B 90 -71.05 -4.06 -22.23
N ILE B 91 -70.10 -3.43 -22.94
CA ILE B 91 -69.29 -2.37 -22.33
C ILE B 91 -69.40 -1.00 -23.01
N ASN B 92 -70.24 -0.90 -24.04
CA ASN B 92 -70.38 0.37 -24.76
C ASN B 92 -71.52 1.25 -24.22
N ASP B 93 -71.75 1.22 -22.92
CA ASP B 93 -72.81 2.03 -22.31
C ASP B 93 -72.38 3.48 -22.05
N GLY B 94 -71.11 3.78 -22.30
CA GLY B 94 -70.60 5.13 -22.14
C GLY B 94 -69.92 5.39 -20.80
N LYS B 95 -70.05 4.43 -19.88
CA LYS B 95 -69.42 4.58 -18.58
C LYS B 95 -67.98 4.05 -18.58
N TYR B 96 -67.22 4.42 -17.56
CA TYR B 96 -65.83 4.01 -17.44
C TYR B 96 -65.72 2.52 -17.15
N HIS B 97 -64.80 1.86 -17.85
CA HIS B 97 -64.47 0.48 -17.56
C HIS B 97 -62.97 0.26 -17.64
N VAL B 98 -62.49 -0.72 -16.89
CA VAL B 98 -61.11 -1.15 -17.01
C VAL B 98 -61.12 -2.61 -17.43
N VAL B 99 -60.59 -2.90 -18.61
CA VAL B 99 -60.44 -4.27 -19.03
C VAL B 99 -58.97 -4.68 -18.87
N ARG B 100 -58.75 -5.88 -18.35
CA ARG B 100 -57.40 -6.40 -18.18
C ARG B 100 -57.15 -7.64 -19.02
N PHE B 101 -56.09 -7.61 -19.80
CA PHE B 101 -55.70 -8.78 -20.58
C PHE B 101 -54.39 -9.35 -20.06
N THR B 102 -54.30 -10.67 -20.08
CA THR B 102 -53.13 -11.36 -19.58
C THR B 102 -52.78 -12.51 -20.51
N ARG B 103 -51.51 -12.58 -20.92
CA ARG B 103 -51.08 -13.67 -21.78
C ARG B 103 -49.92 -14.42 -21.15
N SER B 104 -50.04 -15.74 -21.08
CA SER B 104 -48.93 -16.58 -20.69
C SER B 104 -48.76 -17.64 -21.76
N GLY B 105 -47.85 -17.38 -22.70
CA GLY B 105 -47.67 -18.23 -23.85
C GLY B 105 -48.96 -18.32 -24.65
N GLY B 106 -49.58 -19.50 -24.63
CA GLY B 106 -50.80 -19.71 -25.39
C GLY B 106 -52.01 -19.26 -24.60
N ASN B 107 -51.89 -19.28 -23.29
CA ASN B 107 -52.98 -18.90 -22.39
C ASN B 107 -53.32 -17.44 -22.40
N ALA B 108 -54.58 -17.13 -22.15
CA ALA B 108 -55.03 -15.75 -22.10
C ALA B 108 -56.04 -15.53 -20.98
N THR B 109 -56.15 -14.29 -20.55
CA THR B 109 -57.05 -13.90 -19.48
C THR B 109 -57.66 -12.55 -19.80
N LEU B 110 -58.97 -12.44 -19.62
CA LEU B 110 -59.68 -11.20 -19.84
C LEU B 110 -60.50 -10.96 -18.61
N GLN B 111 -60.54 -9.71 -18.13
CA GLN B 111 -61.47 -9.40 -17.07
C GLN B 111 -61.98 -7.98 -17.22
N VAL B 112 -63.29 -7.87 -17.36
CA VAL B 112 -63.93 -6.57 -17.35
C VAL B 112 -63.93 -6.09 -15.92
N ASP B 113 -64.02 -4.78 -15.73
CA ASP B 113 -63.96 -4.21 -14.41
C ASP B 113 -65.05 -4.79 -13.51
N SER B 114 -64.64 -5.39 -12.40
CA SER B 114 -65.54 -5.88 -11.35
C SER B 114 -66.55 -6.94 -11.82
N TRP B 115 -66.19 -7.73 -12.83
CA TRP B 115 -67.05 -8.79 -13.33
C TRP B 115 -66.28 -10.10 -13.19
N PRO B 116 -66.96 -11.25 -13.34
CA PRO B 116 -66.21 -12.51 -13.31
C PRO B 116 -65.07 -12.53 -14.32
N VAL B 117 -63.92 -13.06 -13.89
CA VAL B 117 -62.73 -13.14 -14.74
C VAL B 117 -62.90 -14.20 -15.82
N ILE B 118 -62.42 -13.90 -17.03
CA ILE B 118 -62.49 -14.86 -18.12
C ILE B 118 -61.11 -15.50 -18.28
N GLU B 119 -61.06 -16.82 -18.23
CA GLU B 119 -59.81 -17.50 -18.46
C GLU B 119 -59.94 -18.47 -19.62
N ARG B 120 -58.95 -18.44 -20.50
CA ARG B 120 -59.01 -19.25 -21.70
C ARG B 120 -57.68 -19.95 -21.93
N TYR B 121 -57.74 -21.28 -22.02
CA TYR B 121 -56.53 -22.10 -22.13
C TYR B 121 -56.53 -22.92 -23.41
N PRO B 122 -55.57 -22.64 -24.31
CA PRO B 122 -55.48 -23.38 -25.57
C PRO B 122 -55.10 -24.84 -25.36
N ALA B 123 -55.58 -25.71 -26.23
CA ALA B 123 -55.27 -27.14 -26.15
C ALA B 123 -53.85 -27.42 -26.62
N GLY B 124 -53.24 -28.46 -26.06
CA GLY B 124 -51.91 -28.87 -26.48
C GLY B 124 -50.84 -27.85 -26.11
N ARG B 125 -49.69 -27.94 -26.77
CA ARG B 125 -48.60 -27.02 -26.50
C ARG B 125 -48.53 -25.94 -27.58
N GLN B 126 -48.48 -24.69 -27.15
CA GLN B 126 -48.45 -23.57 -28.08
C GLN B 126 -47.12 -22.86 -28.05
N LEU B 127 -46.92 -22.01 -29.05
CA LEU B 127 -45.77 -21.11 -29.07
C LEU B 127 -45.92 -20.13 -27.92
N THR B 128 -44.82 -19.82 -27.24
CA THR B 128 -44.91 -19.00 -26.04
C THR B 128 -44.38 -17.59 -26.22
N ILE B 129 -43.84 -17.25 -27.39
CA ILE B 129 -43.18 -15.96 -27.49
C ILE B 129 -43.67 -15.00 -28.58
N PHE B 130 -44.12 -13.85 -28.06
CA PHE B 130 -44.51 -12.69 -28.85
C PHE B 130 -43.24 -11.98 -29.26
N ASN B 131 -43.03 -11.92 -30.57
CA ASN B 131 -41.68 -11.77 -31.08
C ASN B 131 -41.33 -10.37 -31.66
N SER B 132 -40.41 -9.69 -30.95
CA SER B 132 -39.84 -8.39 -31.32
C SER B 132 -40.88 -7.30 -31.61
N GLN B 133 -41.59 -6.88 -30.57
CA GLN B 133 -42.60 -5.81 -30.65
C GLN B 133 -42.02 -4.48 -31.16
N ALA B 134 -42.65 -3.91 -32.18
CA ALA B 134 -42.13 -2.69 -32.79
C ALA B 134 -42.94 -1.46 -32.43
N THR B 135 -44.26 -1.57 -32.43
CA THR B 135 -45.12 -0.42 -32.21
C THR B 135 -46.36 -0.73 -31.38
N ILE B 136 -46.79 0.27 -30.62
CA ILE B 136 -48.12 0.25 -30.00
C ILE B 136 -48.98 1.30 -30.69
N ILE B 137 -50.11 0.88 -31.26
CA ILE B 137 -50.95 1.79 -32.02
C ILE B 137 -52.33 1.95 -31.36
N ILE B 138 -52.45 3.02 -30.58
CA ILE B 138 -53.68 3.32 -29.87
C ILE B 138 -54.61 4.20 -30.70
N GLY B 139 -55.78 3.67 -31.04
CA GLY B 139 -56.73 4.42 -31.83
C GLY B 139 -57.47 3.55 -32.84
N GLY B 140 -56.73 2.65 -33.48
CA GLY B 140 -57.31 1.74 -34.45
C GLY B 140 -57.78 2.44 -35.70
N LYS B 141 -57.07 3.51 -36.08
CA LYS B 141 -57.40 4.21 -37.32
C LYS B 141 -56.92 3.41 -38.51
N GLU B 142 -55.67 2.94 -38.45
CA GLU B 142 -55.07 2.19 -39.54
C GLU B 142 -55.79 0.87 -39.82
N GLN B 143 -56.57 0.38 -38.85
CA GLN B 143 -57.32 -0.85 -39.03
C GLN B 143 -58.67 -0.60 -39.68
N GLY B 144 -58.99 0.67 -39.91
CA GLY B 144 -60.25 1.05 -40.52
C GLY B 144 -61.41 0.93 -39.56
N GLN B 145 -61.12 1.03 -38.27
CA GLN B 145 -62.13 1.05 -37.22
C GLN B 145 -61.74 2.00 -36.10
N PRO B 146 -61.57 3.29 -36.41
CA PRO B 146 -61.10 4.23 -35.38
C PRO B 146 -62.02 4.27 -34.16
N PHE B 147 -61.43 4.46 -32.99
CA PHE B 147 -62.18 4.48 -31.75
C PHE B 147 -62.65 5.89 -31.41
N GLN B 148 -63.83 5.99 -30.80
CA GLN B 148 -64.37 7.28 -30.37
C GLN B 148 -64.81 7.25 -28.92
N GLY B 149 -64.08 7.99 -28.07
CA GLY B 149 -64.35 8.02 -26.64
C GLY B 149 -63.16 8.51 -25.84
N GLN B 150 -63.04 8.01 -24.60
CA GLN B 150 -61.97 8.43 -23.71
C GLN B 150 -61.14 7.24 -23.22
N LEU B 151 -59.81 7.38 -23.25
CA LEU B 151 -58.90 6.32 -22.80
C LEU B 151 -58.02 6.79 -21.67
N SER B 152 -57.95 6.02 -20.59
CA SER B 152 -57.16 6.40 -19.43
C SER B 152 -56.34 5.24 -18.85
N GLY B 153 -55.20 5.58 -18.26
CA GLY B 153 -54.39 4.62 -17.52
C GLY B 153 -54.00 3.37 -18.28
N LEU B 154 -53.64 3.52 -19.54
CA LEU B 154 -53.21 2.38 -20.34
C LEU B 154 -51.92 1.82 -19.76
N TYR B 155 -51.87 0.49 -19.64
CA TYR B 155 -50.73 -0.21 -19.08
C TYR B 155 -50.33 -1.37 -19.97
N TYR B 156 -49.09 -1.39 -20.43
CA TYR B 156 -48.60 -2.52 -21.22
C TYR B 156 -47.17 -2.92 -20.85
N ASN B 157 -47.06 -4.02 -20.13
CA ASN B 157 -45.78 -4.58 -19.70
C ASN B 157 -44.90 -3.59 -18.94
N GLY B 158 -45.51 -2.86 -18.01
CA GLY B 158 -44.77 -1.92 -17.18
C GLY B 158 -44.75 -0.51 -17.74
N LEU B 159 -45.26 -0.37 -18.95
CA LEU B 159 -45.31 0.93 -19.62
C LEU B 159 -46.66 1.63 -19.45
N LYS B 160 -46.63 2.83 -18.90
CA LYS B 160 -47.81 3.68 -18.86
C LYS B 160 -47.77 4.56 -20.10
N VAL B 161 -48.24 4.03 -21.22
CA VAL B 161 -48.04 4.66 -22.52
C VAL B 161 -48.71 6.03 -22.67
N LEU B 162 -49.95 6.14 -22.20
CA LEU B 162 -50.68 7.41 -22.29
C LEU B 162 -50.02 8.48 -21.43
N ASN B 163 -49.61 8.10 -20.23
CA ASN B 163 -48.87 8.97 -19.34
C ASN B 163 -47.57 9.44 -19.99
N MET B 164 -46.98 8.57 -20.80
CA MET B 164 -45.76 8.89 -21.50
C MET B 164 -46.02 9.85 -22.66
N ALA B 165 -47.23 9.77 -23.21
CA ALA B 165 -47.63 10.67 -24.29
C ALA B 165 -47.92 12.06 -23.73
N ALA B 166 -48.42 12.10 -22.50
CA ALA B 166 -48.71 13.36 -21.83
C ALA B 166 -47.42 14.02 -21.34
N GLU B 167 -46.31 13.31 -21.48
CA GLU B 167 -45.02 13.82 -21.08
C GLU B 167 -44.16 14.13 -22.30
N ASN B 168 -44.79 14.15 -23.47
CA ASN B 168 -44.14 14.46 -24.74
C ASN B 168 -42.86 13.67 -25.00
N ASP B 169 -42.92 12.37 -24.70
CA ASP B 169 -41.79 11.47 -24.97
C ASP B 169 -41.43 11.55 -26.44
N ALA B 170 -40.12 11.60 -26.72
CA ALA B 170 -39.62 11.84 -28.08
C ALA B 170 -40.12 10.81 -29.09
N ASN B 171 -40.20 9.55 -28.67
CA ASN B 171 -40.67 8.48 -29.55
C ASN B 171 -42.13 8.60 -29.96
N ILE B 172 -42.97 9.05 -29.03
CA ILE B 172 -44.40 9.19 -29.24
C ILE B 172 -44.76 10.06 -30.46
N ALA B 173 -45.72 9.58 -31.25
CA ALA B 173 -46.21 10.34 -32.39
C ALA B 173 -47.72 10.52 -32.30
N ILE B 174 -48.15 11.76 -32.06
CA ILE B 174 -49.57 12.07 -31.93
C ILE B 174 -50.12 12.61 -33.25
N VAL B 175 -51.15 11.94 -33.77
CA VAL B 175 -51.71 12.30 -35.07
C VAL B 175 -53.24 12.17 -35.03
N GLY B 176 -53.93 13.03 -35.78
CA GLY B 176 -55.37 13.00 -35.86
C GLY B 176 -56.06 13.83 -34.80
N ASN B 177 -57.36 13.65 -34.66
CA ASN B 177 -58.16 14.45 -33.74
C ASN B 177 -58.14 13.86 -32.33
N VAL B 178 -57.02 14.05 -31.63
CA VAL B 178 -56.88 13.59 -30.26
C VAL B 178 -56.48 14.73 -29.33
N ARG B 179 -57.18 14.85 -28.21
CA ARG B 179 -56.90 15.91 -27.24
C ARG B 179 -56.61 15.35 -25.86
N LEU B 180 -55.61 15.92 -25.19
CA LEU B 180 -55.23 15.50 -23.83
C LEU B 180 -55.95 16.36 -22.80
N VAL B 181 -57.19 16.01 -22.48
CA VAL B 181 -57.97 16.74 -21.48
C VAL B 181 -57.36 16.61 -20.08
N CYS C 1 -16.65 -0.21 -25.86
CA CYS C 1 -15.97 -0.76 -24.70
C CYS C 1 -15.41 0.34 -23.81
N PRO C 2 -15.69 0.24 -22.49
CA PRO C 2 -15.24 1.20 -21.47
C PRO C 2 -13.71 1.35 -21.41
N PRO C 3 -13.24 2.51 -20.91
CA PRO C 3 -11.81 2.88 -20.93
C PRO C 3 -10.94 2.00 -20.04
N LYS C 4 -9.66 1.85 -20.40
CA LYS C 4 -8.68 1.08 -19.64
C LYS C 4 -8.99 -0.42 -19.63
N CYS C 5 -9.97 -0.83 -20.41
CA CYS C 5 -10.44 -2.21 -20.38
C CYS C 5 -10.35 -2.84 -21.76
N ARG C 6 -9.70 -4.00 -21.85
CA ARG C 6 -9.68 -4.74 -23.11
C ARG C 6 -10.79 -5.79 -23.11
N CYS C 7 -11.50 -5.89 -24.22
CA CYS C 7 -12.64 -6.80 -24.32
C CYS C 7 -12.45 -7.83 -25.43
N GLU C 8 -12.25 -9.09 -25.07
CA GLU C 8 -12.05 -10.14 -26.05
C GLU C 8 -13.35 -10.47 -26.77
N LYS C 9 -14.47 -10.40 -26.06
CA LYS C 9 -15.79 -10.60 -26.65
C LYS C 9 -16.82 -9.73 -25.95
N LEU C 10 -17.90 -10.37 -25.52
CA LEU C 10 -18.84 -9.71 -24.61
C LEU C 10 -18.24 -9.80 -23.21
N LEU C 11 -17.19 -10.61 -23.10
CA LEU C 11 -16.40 -10.72 -21.89
C LEU C 11 -15.50 -9.49 -21.72
N PHE C 12 -15.54 -8.89 -20.53
CA PHE C 12 -14.74 -7.69 -20.25
C PHE C 12 -13.63 -8.01 -19.26
N TYR C 13 -12.39 -7.81 -19.68
CA TYR C 13 -11.23 -8.09 -18.83
C TYR C 13 -10.57 -6.82 -18.33
N CYS C 14 -10.92 -6.41 -17.12
CA CYS C 14 -10.44 -5.15 -16.57
C CYS C 14 -9.52 -5.36 -15.37
N ASP C 15 -8.74 -6.44 -15.40
CA ASP C 15 -7.80 -6.74 -14.32
C ASP C 15 -6.64 -5.75 -14.25
N SER C 16 -6.13 -5.56 -13.04
CA SER C 16 -4.90 -4.79 -12.78
C SER C 16 -4.91 -3.38 -13.36
N GLN C 17 -5.99 -2.66 -13.13
CA GLN C 17 -6.04 -1.24 -13.44
C GLN C 17 -6.50 -0.54 -12.18
N GLY C 18 -6.22 0.74 -12.06
CA GLY C 18 -6.59 1.45 -10.85
C GLY C 18 -8.05 1.87 -10.85
N PHE C 19 -8.93 0.90 -10.61
CA PHE C 19 -10.36 1.17 -10.56
C PHE C 19 -10.81 1.17 -9.11
N HIS C 20 -11.40 2.27 -8.69
CA HIS C 20 -11.91 2.39 -7.33
C HIS C 20 -13.42 2.13 -7.28
N SER C 21 -14.03 1.96 -8.45
CA SER C 21 -15.41 1.50 -8.56
C SER C 21 -15.68 0.87 -9.92
N VAL C 22 -16.83 0.22 -10.05
CA VAL C 22 -17.21 -0.40 -11.31
C VAL C 22 -17.46 0.66 -12.36
N PRO C 23 -16.83 0.51 -13.54
CA PRO C 23 -17.01 1.47 -14.64
C PRO C 23 -18.37 1.32 -15.30
N ASN C 24 -18.96 2.45 -15.73
CA ASN C 24 -20.18 2.40 -16.52
C ASN C 24 -19.82 1.84 -17.89
N ALA C 25 -20.75 1.11 -18.52
CA ALA C 25 -20.43 0.39 -19.75
C ALA C 25 -21.24 0.85 -20.95
N THR C 26 -20.55 1.13 -22.05
CA THR C 26 -21.19 1.50 -23.30
C THR C 26 -22.07 0.35 -23.79
N ASP C 27 -21.54 -0.86 -23.68
CA ASP C 27 -22.26 -2.07 -24.04
C ASP C 27 -22.75 -2.75 -22.76
N LYS C 28 -24.07 -2.91 -22.63
CA LYS C 28 -24.64 -3.45 -21.41
C LYS C 28 -25.02 -4.92 -21.56
N GLY C 29 -24.67 -5.51 -22.71
CA GLY C 29 -24.97 -6.90 -22.98
C GLY C 29 -23.78 -7.82 -22.74
N SER C 30 -22.93 -7.44 -21.79
CA SER C 30 -21.73 -8.21 -21.47
C SER C 30 -22.06 -9.52 -20.74
N LEU C 31 -21.33 -10.58 -21.09
CA LEU C 31 -21.53 -11.89 -20.48
C LEU C 31 -20.68 -12.12 -19.24
N GLY C 32 -19.44 -11.64 -19.26
CA GLY C 32 -18.55 -11.81 -18.12
C GLY C 32 -17.76 -10.57 -17.80
N LEU C 33 -17.38 -10.41 -16.54
CA LEU C 33 -16.69 -9.22 -16.09
C LEU C 33 -15.58 -9.54 -15.09
N SER C 34 -14.39 -9.05 -15.37
CA SER C 34 -13.24 -9.29 -14.50
C SER C 34 -12.69 -7.97 -13.96
N LEU C 35 -12.69 -7.82 -12.64
CA LEU C 35 -12.18 -6.61 -12.00
C LEU C 35 -11.14 -6.96 -10.94
N ARG C 36 -10.21 -7.83 -11.31
CA ARG C 36 -9.22 -8.33 -10.37
C ARG C 36 -8.07 -7.37 -10.14
N HIS C 37 -7.57 -7.36 -8.91
CA HIS C 37 -6.40 -6.57 -8.52
C HIS C 37 -6.52 -5.08 -8.83
N ASN C 38 -7.69 -4.51 -8.54
CA ASN C 38 -7.89 -3.07 -8.60
C ASN C 38 -7.93 -2.59 -7.15
N HIS C 39 -8.35 -1.36 -6.90
CA HIS C 39 -8.57 -0.93 -5.51
C HIS C 39 -10.01 -0.50 -5.33
N ILE C 40 -10.95 -1.43 -5.52
CA ILE C 40 -12.35 -1.15 -5.23
C ILE C 40 -12.61 -1.33 -3.75
N THR C 41 -13.21 -0.33 -3.12
CA THR C 41 -13.40 -0.36 -1.68
C THR C 41 -14.88 -0.48 -1.30
N GLU C 42 -15.76 -0.30 -2.27
CA GLU C 42 -17.19 -0.28 -1.99
C GLU C 42 -18.01 -0.79 -3.16
N LEU C 43 -19.09 -1.51 -2.85
CA LEU C 43 -20.03 -1.99 -3.87
C LEU C 43 -21.40 -1.37 -3.68
N GLU C 44 -21.78 -0.49 -4.60
CA GLU C 44 -23.02 0.28 -4.52
C GLU C 44 -24.26 -0.55 -4.84
N ARG C 45 -25.42 -0.02 -4.47
CA ARG C 45 -26.69 -0.62 -4.84
C ARG C 45 -26.84 -0.62 -6.35
N ASP C 46 -27.32 -1.73 -6.91
CA ASP C 46 -27.55 -1.86 -8.34
C ASP C 46 -26.31 -1.47 -9.16
N GLN C 47 -25.13 -1.79 -8.65
CA GLN C 47 -23.88 -1.42 -9.33
C GLN C 47 -23.73 -2.13 -10.67
N PHE C 48 -24.24 -3.35 -10.74
CA PHE C 48 -24.12 -4.15 -11.95
C PHE C 48 -25.45 -4.19 -12.70
N ALA C 49 -26.30 -3.20 -12.43
CA ALA C 49 -27.61 -3.12 -13.06
C ALA C 49 -27.48 -3.07 -14.58
N SER C 50 -26.40 -2.47 -15.06
CA SER C 50 -26.14 -2.40 -16.49
C SER C 50 -25.74 -3.77 -17.06
N PHE C 51 -24.93 -4.52 -16.31
CA PHE C 51 -24.51 -5.85 -16.74
C PHE C 51 -25.53 -6.92 -16.37
N SER C 52 -26.73 -6.84 -16.91
CA SER C 52 -27.78 -7.79 -16.53
C SER C 52 -27.42 -9.21 -16.98
N GLN C 53 -26.84 -9.31 -18.16
CA GLN C 53 -26.57 -10.59 -18.80
C GLN C 53 -25.29 -11.28 -18.32
N LEU C 54 -24.73 -10.78 -17.22
CA LEU C 54 -23.50 -11.33 -16.65
C LEU C 54 -23.69 -12.77 -16.16
N THR C 55 -22.81 -13.66 -16.62
CA THR C 55 -22.82 -15.06 -16.17
C THR C 55 -21.74 -15.31 -15.12
N TRP C 56 -20.56 -14.72 -15.31
CA TRP C 56 -19.54 -14.77 -14.26
C TRP C 56 -18.97 -13.39 -13.97
N LEU C 57 -18.64 -13.16 -12.71
CA LEU C 57 -18.18 -11.88 -12.22
C LEU C 57 -17.02 -12.06 -11.23
N HIS C 58 -15.84 -11.59 -11.60
CA HIS C 58 -14.66 -11.73 -10.76
C HIS C 58 -14.26 -10.43 -10.06
N LEU C 59 -14.38 -10.42 -8.74
CA LEU C 59 -14.06 -9.23 -7.94
C LEU C 59 -12.96 -9.49 -6.92
N ASP C 60 -12.15 -10.52 -7.16
CA ASP C 60 -11.12 -10.91 -6.20
C ASP C 60 -9.98 -9.89 -6.09
N HIS C 61 -9.33 -9.91 -4.93
CA HIS C 61 -8.17 -9.07 -4.64
C HIS C 61 -8.46 -7.58 -4.81
N ASN C 62 -9.55 -7.16 -4.20
CA ASN C 62 -9.93 -5.77 -4.09
C ASN C 62 -10.06 -5.46 -2.60
N GLN C 63 -9.96 -4.19 -2.23
CA GLN C 63 -10.06 -3.84 -0.81
C GLN C 63 -11.52 -3.65 -0.36
N ILE C 64 -12.45 -4.34 -1.02
CA ILE C 64 -13.87 -4.22 -0.71
C ILE C 64 -14.17 -4.48 0.77
N SER C 65 -14.80 -3.49 1.40
CA SER C 65 -15.07 -3.53 2.83
C SER C 65 -16.56 -3.39 3.14
N THR C 66 -17.28 -2.68 2.29
CA THR C 66 -18.71 -2.50 2.50
C THR C 66 -19.52 -2.87 1.26
N VAL C 67 -20.50 -3.75 1.46
CA VAL C 67 -21.39 -4.18 0.39
C VAL C 67 -22.81 -3.77 0.72
N LYS C 68 -23.34 -2.82 -0.05
CA LYS C 68 -24.68 -2.32 0.19
C LYS C 68 -25.72 -3.37 -0.14
N GLU C 69 -26.90 -3.23 0.43
CA GLU C 69 -27.99 -4.16 0.15
C GLU C 69 -28.35 -4.01 -1.33
N ASP C 70 -28.78 -5.11 -1.96
CA ASP C 70 -29.16 -5.10 -3.37
C ASP C 70 -27.98 -4.70 -4.25
N ALA C 71 -26.78 -5.11 -3.85
CA ALA C 71 -25.57 -4.79 -4.60
C ALA C 71 -25.51 -5.53 -5.94
N PHE C 72 -25.98 -6.78 -5.93
CA PHE C 72 -25.91 -7.62 -7.13
C PHE C 72 -27.26 -7.77 -7.81
N GLN C 73 -28.18 -6.85 -7.55
CA GLN C 73 -29.56 -7.00 -8.01
C GLN C 73 -29.63 -7.10 -9.52
N GLY C 74 -30.55 -7.93 -10.01
CA GLY C 74 -30.77 -8.06 -11.44
C GLY C 74 -29.87 -9.05 -12.14
N LEU C 75 -28.90 -9.60 -11.42
CA LEU C 75 -27.97 -10.58 -12.01
C LEU C 75 -28.56 -11.99 -11.93
N TYR C 76 -29.68 -12.18 -12.61
CA TYR C 76 -30.38 -13.45 -12.58
C TYR C 76 -29.58 -14.55 -13.27
N LYS C 77 -28.82 -14.17 -14.30
CA LYS C 77 -28.09 -15.15 -15.11
C LYS C 77 -26.67 -15.44 -14.58
N LEU C 78 -26.30 -14.78 -13.49
CA LEU C 78 -24.98 -14.98 -12.89
C LEU C 78 -24.86 -16.37 -12.25
N LYS C 79 -23.83 -17.12 -12.63
CA LYS C 79 -23.63 -18.46 -12.06
C LYS C 79 -22.26 -18.63 -11.37
N GLU C 80 -21.36 -17.66 -11.56
CA GLU C 80 -20.10 -17.65 -10.79
C GLU C 80 -19.78 -16.26 -10.22
N LEU C 81 -19.59 -16.20 -8.92
CA LEU C 81 -19.25 -14.95 -8.24
C LEU C 81 -18.03 -15.11 -7.33
N ILE C 82 -16.94 -14.44 -7.69
CA ILE C 82 -15.71 -14.55 -6.92
C ILE C 82 -15.48 -13.28 -6.11
N LEU C 83 -15.52 -13.41 -4.79
CA LEU C 83 -15.33 -12.26 -3.91
C LEU C 83 -14.20 -12.48 -2.92
N SER C 84 -13.25 -13.34 -3.28
CA SER C 84 -12.16 -13.69 -2.36
C SER C 84 -11.09 -12.60 -2.29
N SER C 85 -10.26 -12.68 -1.25
CA SER C 85 -9.13 -11.77 -1.04
C SER C 85 -9.58 -10.31 -0.91
N ASN C 86 -10.59 -10.06 -0.09
CA ASN C 86 -11.05 -8.70 0.15
C ASN C 86 -11.06 -8.41 1.64
N LYS C 87 -11.77 -7.37 2.05
CA LYS C 87 -11.87 -7.05 3.47
C LYS C 87 -13.33 -7.04 3.92
N ILE C 88 -14.14 -7.90 3.30
CA ILE C 88 -15.57 -8.01 3.63
C ILE C 88 -15.76 -8.62 5.01
N PHE C 89 -16.59 -7.99 5.84
CA PHE C 89 -16.83 -8.49 7.19
C PHE C 89 -18.31 -8.53 7.56
N TYR C 90 -19.14 -7.84 6.78
CA TYR C 90 -20.58 -7.90 6.98
C TYR C 90 -21.31 -8.03 5.65
N LEU C 91 -22.30 -8.91 5.60
CA LEU C 91 -23.11 -9.11 4.41
C LEU C 91 -24.59 -9.06 4.73
N PRO C 92 -25.31 -8.11 4.13
CA PRO C 92 -26.76 -7.97 4.32
C PRO C 92 -27.47 -9.26 3.93
N ASN C 93 -28.49 -9.66 4.68
CA ASN C 93 -29.09 -10.97 4.46
C ASN C 93 -29.70 -11.17 3.08
N THR C 94 -29.97 -10.09 2.38
CA THR C 94 -30.64 -10.17 1.09
C THR C 94 -29.64 -10.07 -0.06
N THR C 95 -28.35 -10.20 0.25
CA THR C 95 -27.31 -9.86 -0.71
C THR C 95 -27.14 -10.91 -1.82
N PHE C 96 -27.45 -12.17 -1.53
CA PHE C 96 -27.28 -13.22 -2.53
C PHE C 96 -28.60 -13.86 -2.97
N THR C 97 -29.66 -13.59 -2.22
CA THR C 97 -30.95 -14.27 -2.43
C THR C 97 -31.51 -14.10 -3.84
N GLN C 98 -31.28 -12.94 -4.45
CA GLN C 98 -31.77 -12.70 -5.81
C GLN C 98 -31.01 -13.52 -6.85
N LEU C 99 -29.73 -13.78 -6.61
CA LEU C 99 -28.89 -14.49 -7.56
C LEU C 99 -29.21 -15.98 -7.60
N ILE C 100 -30.26 -16.34 -8.34
CA ILE C 100 -30.79 -17.71 -8.29
C ILE C 100 -29.93 -18.77 -9.01
N ASN C 101 -29.33 -18.43 -10.14
CA ASN C 101 -28.62 -19.41 -10.96
C ASN C 101 -27.17 -19.57 -10.55
N LEU C 102 -26.83 -19.04 -9.38
CA LEU C 102 -25.47 -19.08 -8.86
C LEU C 102 -25.00 -20.52 -8.66
N GLN C 103 -23.81 -20.84 -9.16
CA GLN C 103 -23.29 -22.19 -9.05
C GLN C 103 -22.01 -22.22 -8.21
N ASN C 104 -21.18 -21.20 -8.39
CA ASN C 104 -19.92 -21.11 -7.67
C ASN C 104 -19.82 -19.77 -6.97
N LEU C 105 -19.75 -19.82 -5.64
CA LEU C 105 -19.62 -18.61 -4.85
C LEU C 105 -18.38 -18.68 -3.97
N ASP C 106 -17.50 -17.70 -4.11
CA ASP C 106 -16.25 -17.68 -3.37
C ASP C 106 -16.20 -16.46 -2.45
N LEU C 107 -16.07 -16.72 -1.16
CA LEU C 107 -15.99 -15.68 -0.15
C LEU C 107 -14.76 -15.90 0.74
N SER C 108 -13.77 -16.61 0.22
CA SER C 108 -12.59 -16.96 1.00
C SER C 108 -11.66 -15.77 1.15
N PHE C 109 -10.75 -15.84 2.13
CA PHE C 109 -9.78 -14.79 2.39
C PHE C 109 -10.45 -13.44 2.64
N ASN C 110 -11.44 -13.45 3.53
CA ASN C 110 -12.14 -12.23 3.93
C ASN C 110 -12.17 -12.14 5.44
N GLN C 111 -12.75 -11.06 5.96
CA GLN C 111 -12.82 -10.88 7.41
C GLN C 111 -14.21 -11.12 7.98
N LEU C 112 -14.88 -12.15 7.48
CA LEU C 112 -16.21 -12.50 7.98
C LEU C 112 -16.12 -13.13 9.36
N SER C 113 -16.94 -12.66 10.29
CA SER C 113 -16.91 -13.18 11.66
C SER C 113 -18.16 -13.99 11.95
N SER C 114 -19.23 -13.67 11.23
CA SER C 114 -20.49 -14.39 11.38
C SER C 114 -21.33 -14.26 10.11
N LEU C 115 -22.31 -15.15 9.95
CA LEU C 115 -23.14 -15.18 8.76
C LEU C 115 -24.62 -15.20 9.11
N HIS C 116 -25.40 -14.39 8.39
CA HIS C 116 -26.84 -14.34 8.57
C HIS C 116 -27.49 -15.68 8.18
N PRO C 117 -28.25 -16.27 9.11
CA PRO C 117 -28.89 -17.58 8.95
C PRO C 117 -29.71 -17.74 7.67
N GLU C 118 -30.03 -16.64 6.99
CA GLU C 118 -30.74 -16.70 5.72
C GLU C 118 -29.92 -16.13 4.57
N LEU C 119 -28.60 -16.12 4.73
CA LEU C 119 -27.71 -15.53 3.72
C LEU C 119 -27.73 -16.31 2.43
N PHE C 120 -27.74 -17.64 2.55
CA PHE C 120 -27.65 -18.53 1.40
C PHE C 120 -28.99 -19.16 1.05
N TYR C 121 -30.07 -18.59 1.55
CA TYR C 121 -31.40 -19.06 1.18
C TYR C 121 -31.65 -18.86 -0.30
N GLY C 122 -32.26 -19.86 -0.94
CA GLY C 122 -32.60 -19.79 -2.35
C GLY C 122 -31.45 -19.91 -3.33
N LEU C 123 -30.40 -20.63 -2.95
CA LEU C 123 -29.28 -20.87 -3.85
C LEU C 123 -29.24 -22.33 -4.25
N ARG C 124 -30.36 -22.83 -4.77
CA ARG C 124 -30.53 -24.25 -5.03
C ARG C 124 -29.62 -24.78 -6.13
N LYS C 125 -29.13 -23.90 -6.99
CA LYS C 125 -28.26 -24.34 -8.09
C LYS C 125 -26.78 -24.23 -7.72
N LEU C 126 -26.51 -23.85 -6.47
CA LEU C 126 -25.15 -23.72 -5.98
C LEU C 126 -24.46 -25.09 -5.86
N GLN C 127 -23.27 -25.20 -6.41
CA GLN C 127 -22.53 -26.46 -6.39
C GLN C 127 -21.31 -26.37 -5.48
N THR C 128 -20.61 -25.24 -5.54
CA THR C 128 -19.40 -25.05 -4.74
C THR C 128 -19.48 -23.77 -3.91
N LEU C 129 -18.99 -23.85 -2.67
CA LEU C 129 -18.97 -22.70 -1.77
C LEU C 129 -17.66 -22.61 -0.98
N HIS C 130 -16.87 -21.58 -1.28
CA HIS C 130 -15.57 -21.41 -0.64
C HIS C 130 -15.60 -20.35 0.44
N LEU C 131 -15.52 -20.77 1.70
CA LEU C 131 -15.49 -19.86 2.82
C LEU C 131 -14.17 -19.98 3.57
N ARG C 132 -13.13 -20.38 2.85
CA ARG C 132 -11.82 -20.64 3.45
C ARG C 132 -11.27 -19.35 4.05
N SER C 133 -10.44 -19.48 5.09
CA SER C 133 -9.65 -18.37 5.58
C SER C 133 -10.47 -17.16 6.00
N ASN C 134 -11.47 -17.42 6.83
CA ASN C 134 -12.26 -16.37 7.45
C ASN C 134 -12.15 -16.51 8.97
N SER C 135 -12.74 -15.59 9.71
CA SER C 135 -12.68 -15.68 11.17
C SER C 135 -14.03 -16.05 11.78
N LEU C 136 -14.79 -16.89 11.08
CA LEU C 136 -16.04 -17.41 11.63
C LEU C 136 -15.81 -18.23 12.89
N ARG C 137 -16.63 -17.99 13.91
CA ARG C 137 -16.49 -18.70 15.18
C ARG C 137 -17.62 -19.71 15.36
N THR C 138 -18.75 -19.42 14.73
CA THR C 138 -19.91 -20.30 14.80
C THR C 138 -20.64 -20.33 13.47
N ILE C 139 -21.53 -21.29 13.31
CA ILE C 139 -22.26 -21.44 12.05
C ILE C 139 -23.74 -21.77 12.26
N PRO C 140 -24.63 -20.91 11.74
CA PRO C 140 -26.08 -21.02 11.92
C PRO C 140 -26.62 -22.39 11.52
N VAL C 141 -27.58 -22.89 12.28
CA VAL C 141 -28.11 -24.23 12.08
C VAL C 141 -28.83 -24.37 10.74
N ARG C 142 -29.37 -23.26 10.26
CA ARG C 142 -30.24 -23.28 9.08
C ARG C 142 -29.57 -22.78 7.82
N LEU C 143 -28.27 -22.50 7.89
CA LEU C 143 -27.59 -21.76 6.83
C LEU C 143 -27.70 -22.49 5.50
N PHE C 144 -27.52 -23.82 5.54
CA PHE C 144 -27.49 -24.61 4.33
C PHE C 144 -28.80 -25.33 4.05
N TRP C 145 -29.89 -24.80 4.60
CA TRP C 145 -31.19 -25.45 4.45
C TRP C 145 -31.62 -25.50 2.98
N ASP C 146 -31.31 -24.46 2.22
CA ASP C 146 -31.72 -24.38 0.82
C ASP C 146 -30.67 -24.86 -0.18
N CYS C 147 -29.48 -25.22 0.31
CA CYS C 147 -28.38 -25.59 -0.57
C CYS C 147 -28.47 -27.05 -1.03
N ARG C 148 -29.50 -27.32 -1.82
CA ARG C 148 -29.85 -28.68 -2.20
C ARG C 148 -28.80 -29.37 -3.08
N SER C 149 -28.20 -28.62 -4.01
CA SER C 149 -27.27 -29.20 -4.97
C SER C 149 -25.81 -28.87 -4.68
N LEU C 150 -25.53 -28.38 -3.48
CA LEU C 150 -24.16 -28.13 -3.07
C LEU C 150 -23.41 -29.45 -2.91
N GLU C 151 -22.23 -29.56 -3.50
CA GLU C 151 -21.45 -30.79 -3.35
C GLU C 151 -20.01 -30.54 -2.93
N PHE C 152 -19.64 -29.27 -2.77
CA PHE C 152 -18.34 -28.91 -2.23
C PHE C 152 -18.44 -27.72 -1.28
N LEU C 153 -18.02 -27.94 -0.04
CA LEU C 153 -18.10 -26.89 0.97
C LEU C 153 -16.75 -26.73 1.68
N ASP C 154 -16.22 -25.51 1.65
CA ASP C 154 -14.90 -25.24 2.23
C ASP C 154 -14.98 -24.29 3.42
N LEU C 155 -14.76 -24.83 4.62
CA LEU C 155 -14.78 -24.02 5.84
C LEU C 155 -13.45 -24.05 6.55
N SER C 156 -12.38 -24.32 5.81
CA SER C 156 -11.07 -24.49 6.45
C SER C 156 -10.50 -23.15 6.86
N THR C 157 -9.52 -23.19 7.77
CA THR C 157 -8.83 -22.01 8.26
C THR C 157 -9.80 -20.96 8.80
N ASN C 158 -10.64 -21.37 9.74
CA ASN C 158 -11.49 -20.44 10.47
C ASN C 158 -11.26 -20.58 11.96
N ARG C 159 -12.23 -20.11 12.75
CA ARG C 159 -12.13 -20.21 14.20
C ARG C 159 -13.33 -20.94 14.77
N LEU C 160 -13.77 -22.00 14.10
CA LEU C 160 -14.89 -22.80 14.57
C LEU C 160 -14.53 -23.55 15.85
N ARG C 161 -15.27 -23.24 16.91
CA ARG C 161 -15.03 -23.85 18.21
C ARG C 161 -15.61 -25.27 18.31
N SER C 162 -16.83 -25.45 17.79
CA SER C 162 -17.47 -26.76 17.79
C SER C 162 -18.62 -26.85 16.80
N LEU C 163 -19.15 -28.07 16.63
CA LEU C 163 -20.16 -28.35 15.61
C LEU C 163 -21.58 -28.47 16.17
N ALA C 164 -22.52 -27.78 15.53
CA ALA C 164 -23.93 -27.88 15.91
C ALA C 164 -24.48 -29.25 15.55
N ARG C 165 -25.51 -29.69 16.28
CA ARG C 165 -26.08 -31.03 16.09
C ARG C 165 -26.58 -31.26 14.68
N ASN C 166 -27.36 -30.31 14.17
CA ASN C 166 -27.99 -30.46 12.87
C ASN C 166 -27.77 -29.24 11.99
N GLY C 167 -26.60 -28.65 12.10
CA GLY C 167 -26.26 -27.49 11.29
C GLY C 167 -26.29 -27.77 9.80
N PHE C 168 -25.99 -29.01 9.43
CA PHE C 168 -25.82 -29.37 8.02
C PHE C 168 -27.11 -29.69 7.24
N ALA C 169 -28.27 -29.41 7.81
CA ALA C 169 -29.52 -29.84 7.18
C ALA C 169 -29.67 -29.23 5.79
N GLY C 170 -29.82 -30.09 4.78
CA GLY C 170 -30.06 -29.64 3.42
C GLY C 170 -28.86 -29.81 2.53
N LEU C 171 -27.82 -30.45 3.05
CA LEU C 171 -26.61 -30.73 2.28
C LEU C 171 -26.61 -32.17 1.84
N ILE C 172 -27.78 -32.65 1.40
CA ILE C 172 -27.97 -34.06 1.13
C ILE C 172 -27.12 -34.55 -0.05
N LYS C 173 -26.64 -33.62 -0.86
CA LYS C 173 -25.86 -33.98 -2.04
C LYS C 173 -24.39 -33.59 -1.89
N LEU C 174 -24.02 -33.06 -0.74
CA LEU C 174 -22.63 -32.65 -0.49
C LEU C 174 -21.70 -33.87 -0.53
N ARG C 175 -20.61 -33.75 -1.29
CA ARG C 175 -19.67 -34.85 -1.45
C ARG C 175 -18.38 -34.65 -0.67
N GLU C 176 -17.87 -33.42 -0.67
CA GLU C 176 -16.56 -33.14 -0.08
C GLU C 176 -16.65 -31.97 0.91
N LEU C 177 -16.20 -32.20 2.14
CA LEU C 177 -16.32 -31.19 3.20
C LEU C 177 -14.95 -30.86 3.81
N HIS C 178 -14.59 -29.59 3.79
CA HIS C 178 -13.31 -29.14 4.35
C HIS C 178 -13.51 -28.41 5.68
N LEU C 179 -13.00 -29.00 6.75
CA LEU C 179 -13.08 -28.39 8.07
C LEU C 179 -11.71 -28.29 8.74
N GLU C 180 -10.66 -28.37 7.94
CA GLU C 180 -9.31 -28.40 8.49
C GLU C 180 -8.89 -27.03 9.00
N HIS C 181 -7.86 -27.02 9.86
CA HIS C 181 -7.30 -25.79 10.40
C HIS C 181 -8.32 -24.92 11.12
N ASN C 182 -9.22 -25.55 11.85
CA ASN C 182 -10.10 -24.81 12.74
C ASN C 182 -9.68 -25.05 14.18
N GLN C 183 -10.63 -25.01 15.10
CA GLN C 183 -10.29 -25.15 16.50
C GLN C 183 -11.24 -26.11 17.21
N LEU C 184 -11.61 -27.18 16.51
CA LEU C 184 -12.50 -28.19 17.07
C LEU C 184 -11.82 -28.96 18.19
N THR C 185 -12.61 -29.42 19.15
CA THR C 185 -12.08 -30.08 20.34
C THR C 185 -12.43 -31.56 20.35
N LYS C 186 -13.64 -31.86 19.92
CA LYS C 186 -14.18 -33.21 19.96
C LYS C 186 -14.94 -33.47 18.67
N ILE C 187 -15.08 -34.73 18.29
CA ILE C 187 -15.89 -35.06 17.13
C ILE C 187 -16.92 -36.13 17.44
N ASN C 188 -18.19 -35.75 17.37
CA ASN C 188 -19.27 -36.71 17.49
C ASN C 188 -19.87 -36.94 16.13
N PHE C 189 -19.50 -38.06 15.51
CA PHE C 189 -19.82 -38.32 14.11
C PHE C 189 -21.32 -38.41 13.83
N ALA C 190 -22.13 -38.45 14.88
CA ALA C 190 -23.58 -38.37 14.71
C ALA C 190 -24.00 -36.99 14.21
N HIS C 191 -23.11 -36.00 14.38
CA HIS C 191 -23.38 -34.63 13.94
C HIS C 191 -23.36 -34.52 12.42
N PHE C 192 -22.75 -35.50 11.76
CA PHE C 192 -22.68 -35.50 10.30
C PHE C 192 -23.77 -36.36 9.67
N LEU C 193 -24.78 -36.71 10.46
CA LEU C 193 -25.77 -37.70 10.04
C LEU C 193 -26.48 -37.27 8.75
N ARG C 194 -26.69 -35.97 8.61
CA ARG C 194 -27.44 -35.42 7.49
C ARG C 194 -26.67 -35.44 6.16
N LEU C 195 -25.34 -35.50 6.24
CA LEU C 195 -24.52 -35.58 5.03
C LEU C 195 -24.43 -37.01 4.54
N SER C 196 -25.36 -37.40 3.68
CA SER C 196 -25.50 -38.79 3.30
C SER C 196 -24.85 -39.10 1.95
N SER C 197 -24.18 -38.11 1.37
CA SER C 197 -23.53 -38.29 0.08
C SER C 197 -22.03 -38.01 0.16
N LEU C 198 -21.55 -37.78 1.37
CA LEU C 198 -20.16 -37.38 1.58
C LEU C 198 -19.20 -38.53 1.24
N HIS C 199 -18.16 -38.25 0.46
CA HIS C 199 -17.15 -39.28 0.22
C HIS C 199 -15.83 -38.92 0.90
N THR C 200 -15.58 -37.63 1.08
CA THR C 200 -14.35 -37.20 1.74
C THR C 200 -14.60 -36.14 2.82
N LEU C 201 -13.95 -36.33 3.96
CA LEU C 201 -14.07 -35.40 5.09
C LEU C 201 -12.67 -35.02 5.60
N PHE C 202 -12.35 -33.74 5.55
CA PHE C 202 -11.06 -33.25 6.05
C PHE C 202 -11.20 -32.56 7.40
N LEU C 203 -10.55 -33.12 8.42
CA LEU C 203 -10.63 -32.57 9.77
C LEU C 203 -9.26 -32.34 10.38
N GLN C 204 -8.23 -32.26 9.53
CA GLN C 204 -6.86 -32.19 10.03
C GLN C 204 -6.53 -30.84 10.66
N TRP C 205 -5.53 -30.85 11.55
CA TRP C 205 -5.00 -29.65 12.18
C TRP C 205 -6.05 -28.86 12.96
N ASN C 206 -6.85 -29.58 13.72
CA ASN C 206 -7.70 -28.99 14.74
C ASN C 206 -7.09 -29.26 16.11
N LYS C 207 -7.93 -29.35 17.14
CA LYS C 207 -7.45 -29.65 18.48
C LYS C 207 -8.22 -30.83 19.05
N ILE C 208 -8.54 -31.78 18.18
CA ILE C 208 -9.44 -32.88 18.49
C ILE C 208 -8.85 -33.90 19.46
N SER C 209 -9.50 -34.04 20.61
CA SER C 209 -9.06 -34.97 21.63
C SER C 209 -9.82 -36.28 21.56
N ASN C 210 -11.13 -36.20 21.31
CA ASN C 210 -12.00 -37.36 21.38
C ASN C 210 -12.74 -37.69 20.09
N LEU C 211 -12.90 -38.99 19.86
CA LEU C 211 -13.70 -39.49 18.74
C LEU C 211 -14.84 -40.36 19.27
N THR C 212 -16.06 -39.82 19.25
CA THR C 212 -17.22 -40.54 19.75
C THR C 212 -18.32 -40.62 18.70
N CYS C 213 -19.30 -41.49 18.92
CA CYS C 213 -20.46 -41.57 18.04
C CYS C 213 -21.73 -41.87 18.82
N GLY C 214 -22.50 -40.83 19.08
CA GLY C 214 -23.68 -40.93 19.93
C GLY C 214 -24.83 -41.76 19.42
N MET C 215 -25.16 -41.58 18.14
CA MET C 215 -26.23 -42.34 17.53
C MET C 215 -25.62 -43.42 16.64
N GLU C 216 -26.11 -44.64 16.75
CA GLU C 216 -25.65 -45.71 15.88
C GLU C 216 -26.20 -45.47 14.48
N TRP C 217 -25.36 -45.52 13.46
CA TRP C 217 -25.83 -45.37 12.08
C TRP C 217 -24.78 -45.85 11.08
N THR C 218 -25.14 -45.89 9.80
CA THR C 218 -24.23 -46.37 8.77
C THR C 218 -23.97 -45.33 7.69
N TRP C 219 -22.73 -44.85 7.66
CA TRP C 219 -22.30 -43.82 6.73
C TRP C 219 -21.67 -44.45 5.50
N GLY C 220 -22.49 -45.10 4.68
CA GLY C 220 -22.00 -45.96 3.63
C GLY C 220 -21.17 -45.31 2.54
N THR C 221 -21.25 -43.99 2.42
CA THR C 221 -20.64 -43.30 1.30
C THR C 221 -19.26 -42.71 1.63
N LEU C 222 -18.95 -42.60 2.91
CA LEU C 222 -17.69 -42.02 3.35
C LEU C 222 -16.54 -42.95 2.99
N GLU C 223 -15.54 -42.43 2.28
CA GLU C 223 -14.42 -43.23 1.84
C GLU C 223 -13.07 -42.73 2.34
N LYS C 224 -12.97 -41.43 2.62
CA LYS C 224 -11.72 -40.85 3.09
C LYS C 224 -11.93 -39.98 4.32
N LEU C 225 -11.11 -40.19 5.33
CA LEU C 225 -11.18 -39.42 6.56
C LEU C 225 -9.78 -38.97 6.97
N ASP C 226 -9.54 -37.65 6.91
CA ASP C 226 -8.23 -37.11 7.27
C ASP C 226 -8.29 -36.44 8.63
N LEU C 227 -7.59 -37.02 9.60
CA LEU C 227 -7.57 -36.51 10.96
C LEU C 227 -6.14 -36.16 11.38
N THR C 228 -5.28 -35.89 10.40
CA THR C 228 -3.86 -35.64 10.64
C THR C 228 -3.62 -34.42 11.53
N GLY C 229 -2.72 -34.56 12.50
CA GLY C 229 -2.22 -33.43 13.26
C GLY C 229 -3.16 -32.90 14.32
N ASN C 230 -3.98 -33.77 14.89
CA ASN C 230 -4.78 -33.39 16.03
C ASN C 230 -4.15 -33.85 17.35
N GLU C 231 -4.98 -34.06 18.36
CA GLU C 231 -4.49 -34.45 19.68
C GLU C 231 -5.26 -35.66 20.15
N ILE C 232 -5.66 -36.50 19.20
CA ILE C 232 -6.49 -37.65 19.48
C ILE C 232 -5.80 -38.65 20.40
N LYS C 233 -6.44 -38.94 21.53
CA LYS C 233 -5.90 -39.88 22.50
C LYS C 233 -6.91 -40.97 22.79
N ALA C 234 -8.18 -40.69 22.50
CA ALA C 234 -9.26 -41.62 22.82
C ALA C 234 -10.23 -41.79 21.64
N ILE C 235 -10.67 -43.02 21.42
CA ILE C 235 -11.61 -43.33 20.34
C ILE C 235 -12.65 -44.36 20.76
N ASP C 236 -13.92 -43.97 20.73
CA ASP C 236 -15.02 -44.89 21.08
C ASP C 236 -15.00 -46.09 20.14
N LEU C 237 -15.29 -47.27 20.70
CA LEU C 237 -15.10 -48.53 19.99
C LEU C 237 -16.08 -48.79 18.84
N THR C 238 -16.90 -47.80 18.52
CA THR C 238 -17.89 -47.98 17.47
C THR C 238 -17.89 -46.88 16.41
N VAL C 239 -16.91 -45.98 16.45
CA VAL C 239 -16.90 -44.85 15.53
C VAL C 239 -16.54 -45.28 14.10
N PHE C 240 -15.93 -46.45 13.98
CA PHE C 240 -15.55 -46.93 12.65
C PHE C 240 -16.47 -48.06 12.19
N GLU C 241 -17.38 -48.47 13.07
CA GLU C 241 -18.46 -49.36 12.67
C GLU C 241 -19.36 -48.58 11.73
N THR C 242 -19.34 -47.25 11.91
CA THR C 242 -20.20 -46.33 11.18
C THR C 242 -19.77 -46.16 9.73
N MET C 243 -18.49 -46.38 9.44
CA MET C 243 -17.95 -46.13 8.11
C MET C 243 -17.37 -47.39 7.50
N PRO C 244 -18.24 -48.30 7.05
CA PRO C 244 -17.84 -49.62 6.55
C PRO C 244 -17.05 -49.56 5.26
N ASN C 245 -17.25 -48.47 4.51
CA ASN C 245 -16.60 -48.33 3.21
C ASN C 245 -15.46 -47.33 3.25
N LEU C 246 -15.03 -46.99 4.46
CA LEU C 246 -13.89 -46.11 4.65
C LEU C 246 -12.66 -46.79 4.08
N LYS C 247 -11.97 -46.11 3.17
CA LYS C 247 -10.85 -46.72 2.47
C LYS C 247 -9.54 -45.97 2.68
N ILE C 248 -9.64 -44.72 3.10
CA ILE C 248 -8.46 -43.94 3.47
C ILE C 248 -8.65 -43.30 4.84
N LEU C 249 -7.82 -43.70 5.81
CA LEU C 249 -7.87 -43.13 7.15
C LEU C 249 -6.49 -42.64 7.55
N LEU C 250 -6.38 -41.34 7.80
CA LEU C 250 -5.11 -40.73 8.16
C LEU C 250 -5.15 -40.19 9.57
N MET C 251 -4.31 -40.74 10.45
CA MET C 251 -4.26 -40.29 11.82
C MET C 251 -2.83 -40.06 12.30
N ASP C 252 -2.02 -39.47 11.43
CA ASP C 252 -0.64 -39.12 11.77
C ASP C 252 -0.59 -37.92 12.70
N ASN C 253 0.51 -37.83 13.45
CA ASN C 253 0.79 -36.68 14.29
C ASN C 253 -0.30 -36.43 15.33
N ASN C 254 -0.80 -37.50 15.93
CA ASN C 254 -1.73 -37.38 17.03
C ASN C 254 -1.06 -37.87 18.31
N LYS C 255 -1.87 -38.15 19.33
CA LYS C 255 -1.35 -38.62 20.60
C LYS C 255 -1.91 -40.00 20.92
N LEU C 256 -2.21 -40.76 19.86
CA LEU C 256 -2.70 -42.12 20.01
C LEU C 256 -1.69 -42.96 20.78
N ASN C 257 -2.20 -43.81 21.65
CA ASN C 257 -1.35 -44.55 22.58
C ASN C 257 -1.31 -46.02 22.21
N SER C 258 -2.42 -46.51 21.66
CA SER C 258 -2.58 -47.89 21.24
C SER C 258 -3.90 -47.99 20.50
N LEU C 259 -4.25 -49.18 20.02
CA LEU C 259 -5.55 -49.37 19.40
C LEU C 259 -6.18 -50.70 19.82
N ASP C 260 -7.44 -50.63 20.26
CA ASP C 260 -8.18 -51.80 20.67
C ASP C 260 -8.40 -52.67 19.46
N SER C 261 -8.44 -53.99 19.66
CA SER C 261 -8.73 -54.90 18.56
C SER C 261 -10.17 -54.72 18.06
N LYS C 262 -11.04 -54.20 18.92
CA LYS C 262 -12.41 -53.90 18.54
C LYS C 262 -12.45 -52.81 17.46
N ILE C 263 -11.61 -51.81 17.63
CA ILE C 263 -11.44 -50.74 16.64
C ILE C 263 -10.95 -51.28 15.31
N LEU C 264 -9.80 -51.95 15.36
CA LEU C 264 -9.10 -52.41 14.16
C LEU C 264 -9.90 -53.41 13.33
N ASN C 265 -10.80 -54.14 13.98
CA ASN C 265 -11.61 -55.13 13.29
C ASN C 265 -12.66 -54.50 12.38
N SER C 266 -12.91 -53.20 12.58
CA SER C 266 -13.86 -52.48 11.74
C SER C 266 -13.15 -51.84 10.55
N LEU C 267 -11.85 -51.58 10.72
CA LEU C 267 -11.04 -51.01 9.65
C LEU C 267 -10.42 -52.08 8.77
N ARG C 268 -11.24 -52.76 7.98
CA ARG C 268 -10.75 -53.82 7.12
C ARG C 268 -10.89 -53.49 5.64
N SER C 269 -11.64 -52.43 5.33
CA SER C 269 -11.82 -52.03 3.94
C SER C 269 -10.76 -51.01 3.55
N LEU C 270 -9.86 -50.74 4.47
CA LEU C 270 -8.85 -49.71 4.26
C LEU C 270 -7.85 -50.10 3.18
N THR C 271 -7.48 -49.13 2.36
CA THR C 271 -6.48 -49.32 1.33
C THR C 271 -5.25 -48.48 1.66
N THR C 272 -5.46 -47.43 2.45
CA THR C 272 -4.40 -46.55 2.89
C THR C 272 -4.61 -46.16 4.35
N VAL C 273 -3.56 -46.25 5.16
CA VAL C 273 -3.66 -45.85 6.55
C VAL C 273 -2.46 -44.96 6.88
N GLY C 274 -2.55 -44.24 7.99
CA GLY C 274 -1.46 -43.41 8.47
C GLY C 274 -1.45 -43.41 9.97
N LEU C 275 -0.36 -43.89 10.57
CA LEU C 275 -0.29 -44.04 12.01
C LEU C 275 1.02 -43.52 12.59
N SER C 276 1.76 -42.78 11.77
CA SER C 276 3.07 -42.27 12.15
C SER C 276 3.00 -41.09 13.10
N GLY C 277 4.04 -40.92 13.92
CA GLY C 277 4.17 -39.74 14.76
C GLY C 277 3.33 -39.79 16.03
N ASN C 278 2.63 -40.89 16.23
CA ASN C 278 1.80 -41.06 17.42
C ASN C 278 2.63 -41.47 18.63
N LEU C 279 2.01 -41.42 19.80
CA LEU C 279 2.68 -41.76 21.05
C LEU C 279 2.50 -43.24 21.39
N TRP C 280 2.88 -44.12 20.46
CA TRP C 280 2.64 -45.55 20.64
C TRP C 280 3.41 -46.13 21.81
N GLU C 281 2.73 -46.94 22.62
CA GLU C 281 3.37 -47.62 23.73
C GLU C 281 3.73 -49.04 23.32
N CYS C 282 5.02 -49.27 23.09
CA CYS C 282 5.47 -50.58 22.61
C CYS C 282 5.56 -51.64 23.71
N SER C 283 4.46 -52.37 23.87
CA SER C 283 4.35 -53.44 24.84
C SER C 283 3.26 -54.37 24.31
N ALA C 284 2.82 -55.33 25.12
CA ALA C 284 1.85 -56.32 24.66
C ALA C 284 0.56 -55.68 24.15
N ARG C 285 0.33 -54.43 24.53
CA ARG C 285 -0.87 -53.70 24.13
C ARG C 285 -0.98 -53.52 22.61
N ILE C 286 0.16 -53.34 21.94
CA ILE C 286 0.14 -53.10 20.49
C ILE C 286 -0.02 -54.35 19.63
N CYS C 287 -0.13 -55.52 20.26
CA CYS C 287 -0.27 -56.78 19.53
C CYS C 287 -1.44 -56.74 18.55
N ALA C 288 -2.54 -56.11 18.98
CA ALA C 288 -3.70 -55.92 18.13
C ALA C 288 -3.28 -55.19 16.86
N LEU C 289 -2.49 -54.14 17.03
CA LEU C 289 -2.00 -53.36 15.91
C LEU C 289 -0.94 -54.12 15.12
N ALA C 290 -0.01 -54.76 15.82
CA ALA C 290 1.07 -55.50 15.18
C ALA C 290 0.54 -56.64 14.32
N SER C 291 -0.40 -57.41 14.87
CA SER C 291 -1.00 -58.53 14.16
C SER C 291 -1.75 -58.05 12.93
N TRP C 292 -2.45 -56.92 13.09
CA TRP C 292 -3.24 -56.33 12.01
C TRP C 292 -2.35 -56.00 10.82
N LEU C 293 -1.17 -55.47 11.11
CA LEU C 293 -0.21 -55.09 10.08
C LEU C 293 0.27 -56.30 9.27
N GLY C 294 0.48 -57.42 9.95
CA GLY C 294 0.83 -58.66 9.26
C GLY C 294 -0.33 -59.10 8.39
N SER C 295 -1.53 -58.98 8.93
CA SER C 295 -2.76 -59.34 8.23
C SER C 295 -3.11 -58.34 7.12
N PHE C 296 -2.83 -57.07 7.37
CA PHE C 296 -3.19 -55.97 6.46
C PHE C 296 -2.67 -56.18 5.04
N GLN C 297 -3.47 -55.77 4.05
CA GLN C 297 -3.09 -55.89 2.65
C GLN C 297 -3.14 -54.55 1.92
N GLY C 298 -3.22 -53.47 2.69
CA GLY C 298 -3.26 -52.14 2.10
C GLY C 298 -1.89 -51.49 2.16
N ARG C 299 -1.86 -50.17 2.02
CA ARG C 299 -0.60 -49.43 2.02
C ARG C 299 -0.54 -48.44 3.16
N TRP C 300 0.69 -48.07 3.54
CA TRP C 300 0.91 -46.96 4.45
C TRP C 300 2.18 -46.23 4.03
N GLU C 301 2.07 -44.93 3.77
CA GLU C 301 3.17 -44.17 3.19
C GLU C 301 4.40 -44.07 4.09
N HIS C 302 4.18 -43.84 5.39
CA HIS C 302 5.31 -43.65 6.29
C HIS C 302 5.41 -44.76 7.34
N SER C 303 6.62 -45.03 7.79
CA SER C 303 6.86 -46.10 8.76
C SER C 303 6.27 -45.74 10.11
N ILE C 304 5.79 -46.74 10.83
CA ILE C 304 5.19 -46.54 12.14
C ILE C 304 6.19 -46.87 13.23
N LEU C 305 6.46 -45.91 14.11
CA LEU C 305 7.55 -46.04 15.08
C LEU C 305 7.09 -45.94 16.52
N CYS C 306 7.72 -46.75 17.37
CA CYS C 306 7.41 -46.82 18.79
C CYS C 306 7.83 -45.52 19.48
N HIS C 307 7.08 -45.11 20.49
CA HIS C 307 7.47 -43.94 21.27
C HIS C 307 7.74 -44.27 22.74
N SER C 308 7.24 -45.41 23.20
CA SER C 308 7.38 -45.82 24.59
C SER C 308 7.38 -47.34 24.70
N PRO C 309 8.21 -47.90 25.61
CA PRO C 309 9.13 -47.22 26.51
C PRO C 309 10.34 -46.67 25.76
N ASP C 310 11.26 -46.02 26.46
CA ASP C 310 12.32 -45.28 25.78
C ASP C 310 13.28 -46.13 24.94
N HIS C 311 13.58 -47.34 25.40
CA HIS C 311 14.51 -48.20 24.67
C HIS C 311 13.97 -48.69 23.32
N THR C 312 12.68 -48.48 23.07
CA THR C 312 12.09 -48.91 21.81
C THR C 312 11.80 -47.73 20.87
N GLN C 313 12.17 -46.53 21.33
CA GLN C 313 11.87 -45.30 20.59
C GLN C 313 12.45 -45.27 19.18
N GLY C 314 11.64 -44.82 18.24
CA GLY C 314 12.07 -44.66 16.86
C GLY C 314 12.18 -45.95 16.06
N GLU C 315 11.88 -47.07 16.69
CA GLU C 315 12.01 -48.35 16.01
C GLU C 315 10.66 -48.85 15.54
N ASP C 316 10.62 -49.29 14.28
CA ASP C 316 9.38 -49.81 13.69
C ASP C 316 8.74 -50.82 14.62
N ILE C 317 7.41 -50.76 14.69
CA ILE C 317 6.62 -51.57 15.60
C ILE C 317 6.96 -53.05 15.47
N LEU C 318 6.87 -53.58 14.26
CA LEU C 318 7.10 -55.00 14.03
C LEU C 318 8.53 -55.40 14.39
N ASP C 319 9.49 -54.55 14.04
CA ASP C 319 10.89 -54.77 14.43
C ASP C 319 11.05 -54.85 15.95
N ALA C 320 10.33 -54.00 16.66
CA ALA C 320 10.39 -53.97 18.12
C ALA C 320 9.61 -55.12 18.74
N VAL C 321 8.50 -55.50 18.09
CA VAL C 321 7.68 -56.61 18.58
C VAL C 321 8.47 -57.91 18.54
N ALA C 322 9.09 -58.19 17.40
CA ALA C 322 9.84 -59.43 17.22
C ALA C 322 11.18 -59.36 17.95
N GLY C 323 11.72 -58.16 18.07
CA GLY C 323 13.01 -57.95 18.72
C GLY C 323 12.96 -58.07 20.23
N PHE C 324 11.83 -57.68 20.83
CA PHE C 324 11.69 -57.69 22.29
C PHE C 324 10.74 -58.76 22.81
N GLN C 325 10.33 -59.70 21.97
CA GLN C 325 9.45 -60.79 22.38
C GLN C 325 8.21 -60.28 23.10
N LEU C 326 7.53 -59.31 22.51
CA LEU C 326 6.41 -58.65 23.16
C LEU C 326 5.10 -59.43 23.06
N CYS C 327 4.98 -60.26 22.03
CA CYS C 327 3.73 -60.98 21.78
C CYS C 327 3.92 -62.49 21.64
N TRP C 328 2.80 -63.21 21.58
CA TRP C 328 2.77 -64.64 21.28
C TRP C 328 3.66 -65.46 22.21
N SER D 4 53.05 -42.23 6.92
CA SER D 4 52.35 -41.09 6.34
C SER D 4 51.04 -40.85 7.08
N HIS D 5 51.04 -39.88 7.99
CA HIS D 5 50.11 -39.89 9.12
C HIS D 5 49.47 -38.51 9.40
N ALA D 6 49.87 -37.50 8.65
CA ALA D 6 49.49 -36.11 8.93
C ALA D 6 47.99 -35.86 9.04
N GLY D 7 47.65 -34.98 9.98
CA GLY D 7 46.28 -34.63 10.33
C GLY D 7 46.35 -34.29 11.80
N THR D 8 45.26 -33.81 12.40
CA THR D 8 45.30 -33.53 13.84
C THR D 8 45.46 -34.85 14.59
N THR D 9 46.44 -34.89 15.49
CA THR D 9 46.82 -36.15 16.13
C THR D 9 47.11 -35.99 17.62
N TYR D 10 46.76 -37.00 18.41
CA TYR D 10 47.01 -37.01 19.85
C TYR D 10 47.88 -38.19 20.27
N ILE D 11 48.89 -37.92 21.10
CA ILE D 11 49.75 -38.97 21.62
C ILE D 11 49.20 -39.55 22.93
N PHE D 12 48.86 -40.84 22.90
CA PHE D 12 48.46 -41.54 24.10
C PHE D 12 49.63 -42.37 24.61
N SER D 13 50.33 -41.86 25.61
CA SER D 13 51.52 -42.55 26.11
C SER D 13 51.21 -43.34 27.37
N LYS D 14 52.25 -43.92 27.97
CA LYS D 14 52.10 -44.78 29.13
C LYS D 14 51.35 -44.08 30.27
N GLY D 15 50.55 -44.85 31.01
CA GLY D 15 49.77 -44.32 32.10
C GLY D 15 48.31 -44.13 31.76
N GLY D 16 47.99 -44.22 30.47
CA GLY D 16 46.62 -44.10 30.01
C GLY D 16 46.20 -42.67 29.75
N GLY D 17 45.21 -42.50 28.88
CA GLY D 17 44.72 -41.19 28.50
C GLY D 17 43.28 -41.28 28.03
N GLN D 18 42.62 -40.13 27.90
CA GLN D 18 41.21 -40.14 27.54
C GLN D 18 40.73 -38.80 27.00
N ILE D 19 40.11 -38.81 25.82
CA ILE D 19 39.43 -37.65 25.27
C ILE D 19 37.94 -37.93 25.22
N THR D 20 37.15 -37.04 25.82
CA THR D 20 35.70 -37.24 25.89
C THR D 20 34.91 -36.05 25.40
N TYR D 21 33.77 -36.33 24.77
CA TYR D 21 32.87 -35.30 24.31
C TYR D 21 31.49 -35.49 24.94
N LYS D 22 30.96 -34.41 25.50
CA LYS D 22 29.65 -34.44 26.14
C LYS D 22 28.62 -33.73 25.28
N TRP D 23 27.58 -34.46 24.86
CA TRP D 23 26.49 -33.84 24.12
C TRP D 23 25.61 -33.04 25.08
N PRO D 24 24.97 -31.97 24.59
CA PRO D 24 23.98 -31.27 25.41
C PRO D 24 22.85 -32.23 25.77
N PRO D 25 22.30 -32.10 26.98
CA PRO D 25 21.35 -33.08 27.54
C PRO D 25 20.14 -33.32 26.66
N ASN D 26 19.62 -32.25 26.08
CA ASN D 26 18.46 -32.32 25.21
C ASN D 26 18.74 -32.90 23.81
N ASP D 27 19.93 -32.64 23.28
CA ASP D 27 20.25 -32.98 21.88
C ASP D 27 20.94 -34.32 21.65
N ARG D 28 21.03 -35.16 22.67
CA ARG D 28 21.63 -36.49 22.51
C ARG D 28 20.96 -37.21 21.34
N PRO D 29 21.72 -37.45 20.28
CA PRO D 29 21.11 -37.88 19.02
C PRO D 29 20.71 -39.35 19.00
N SER D 30 19.72 -39.69 18.19
CA SER D 30 19.42 -41.08 17.88
C SER D 30 19.67 -41.29 16.39
N THR D 31 20.22 -42.44 16.02
CA THR D 31 20.60 -42.68 14.63
C THR D 31 20.24 -44.08 14.14
N ARG D 32 19.72 -44.16 12.92
CA ARG D 32 19.44 -45.43 12.28
C ARG D 32 20.69 -45.98 11.61
N ALA D 33 21.63 -45.08 11.33
CA ALA D 33 22.88 -45.46 10.69
C ALA D 33 24.07 -44.70 11.28
N ASP D 34 25.24 -45.33 11.28
CA ASP D 34 26.42 -44.73 11.88
C ASP D 34 27.66 -44.86 10.98
N ARG D 35 28.48 -43.81 10.96
CA ARG D 35 29.69 -43.77 10.15
C ARG D 35 30.89 -43.38 11.02
N LEU D 36 31.75 -44.35 11.30
CA LEU D 36 32.92 -44.09 12.14
C LEU D 36 34.22 -44.37 11.39
N ALA D 37 35.09 -43.37 11.34
CA ALA D 37 36.39 -43.50 10.70
C ALA D 37 37.47 -42.88 11.58
N ILE D 38 38.52 -43.65 11.84
CA ILE D 38 39.60 -43.21 12.73
C ILE D 38 40.95 -43.54 12.12
N GLY D 39 41.88 -42.59 12.24
CA GLY D 39 43.26 -42.84 11.83
C GLY D 39 44.09 -43.10 13.06
N PHE D 40 44.87 -44.17 13.03
CA PHE D 40 45.64 -44.58 14.20
C PHE D 40 46.93 -45.30 13.85
N SER D 41 47.81 -45.37 14.84
CA SER D 41 49.03 -46.16 14.75
C SER D 41 49.40 -46.68 16.14
N THR D 42 49.67 -47.97 16.25
CA THR D 42 49.96 -48.58 17.55
C THR D 42 50.68 -49.91 17.42
N VAL D 43 51.21 -50.38 18.56
CA VAL D 43 51.95 -51.63 18.62
C VAL D 43 51.34 -52.57 19.66
N GLN D 44 50.31 -52.08 20.34
CA GLN D 44 49.62 -52.81 21.41
C GLN D 44 48.95 -54.10 20.94
N LYS D 45 48.89 -55.09 21.83
CA LYS D 45 48.17 -56.33 21.54
C LYS D 45 46.68 -56.20 21.90
N GLU D 46 46.38 -55.43 22.95
CA GLU D 46 45.00 -55.26 23.42
C GLU D 46 44.71 -53.81 23.87
N ALA D 47 43.65 -53.22 23.34
CA ALA D 47 43.27 -51.85 23.73
C ALA D 47 41.86 -51.50 23.28
N VAL D 48 41.32 -50.42 23.84
CA VAL D 48 40.02 -49.90 23.42
C VAL D 48 40.17 -48.45 22.93
N LEU D 49 39.92 -48.24 21.64
CA LEU D 49 40.15 -46.94 21.02
C LEU D 49 39.02 -45.95 21.30
N VAL D 50 37.83 -46.25 20.79
CA VAL D 50 36.68 -45.37 20.95
C VAL D 50 35.46 -46.15 21.41
N ARG D 51 34.64 -45.51 22.23
CA ARG D 51 33.40 -46.11 22.69
C ARG D 51 32.32 -45.04 22.82
N VAL D 52 31.19 -45.27 22.15
CA VAL D 52 30.06 -44.36 22.25
C VAL D 52 28.99 -44.99 23.12
N ASP D 53 28.69 -44.35 24.23
CA ASP D 53 27.76 -44.91 25.21
C ASP D 53 26.47 -44.13 25.21
N SER D 54 25.38 -44.84 25.40
CA SER D 54 24.07 -44.20 25.45
C SER D 54 23.88 -43.46 26.75
N SER D 55 22.85 -42.62 26.78
CA SER D 55 22.49 -41.89 27.98
C SER D 55 22.19 -42.86 29.12
N SER D 56 22.17 -42.34 30.34
CA SER D 56 21.86 -43.12 31.51
C SER D 56 20.52 -43.84 31.35
N GLY D 57 20.49 -45.13 31.65
CA GLY D 57 19.28 -45.92 31.53
C GLY D 57 19.13 -46.68 30.22
N LEU D 58 20.16 -46.65 29.38
CA LEU D 58 20.11 -47.36 28.11
C LEU D 58 21.35 -48.23 27.85
N GLY D 59 21.11 -49.41 27.29
CA GLY D 59 22.17 -50.38 27.04
C GLY D 59 22.83 -50.25 25.68
N ASP D 60 22.23 -49.46 24.81
CA ASP D 60 22.80 -49.16 23.49
C ASP D 60 24.27 -48.68 23.58
N TYR D 61 25.16 -49.27 22.80
CA TYR D 61 26.54 -48.80 22.76
C TYR D 61 27.30 -49.21 21.49
N LEU D 62 28.40 -48.52 21.23
CA LEU D 62 29.29 -48.81 20.10
C LEU D 62 30.74 -48.76 20.56
N GLU D 63 31.49 -49.85 20.36
CA GLU D 63 32.88 -49.91 20.81
C GLU D 63 33.85 -50.36 19.72
N LEU D 64 34.89 -49.56 19.49
CA LEU D 64 35.98 -49.92 18.60
C LEU D 64 37.22 -50.29 19.38
N HIS D 65 37.75 -51.49 19.15
CA HIS D 65 38.84 -52.00 19.98
C HIS D 65 39.79 -52.91 19.22
N ILE D 66 40.98 -53.10 19.79
CA ILE D 66 41.94 -54.05 19.28
C ILE D 66 42.03 -55.24 20.22
N HIS D 67 42.01 -56.45 19.66
CA HIS D 67 42.10 -57.67 20.45
C HIS D 67 42.96 -58.68 19.71
N GLN D 68 44.12 -58.99 20.29
CA GLN D 68 45.12 -59.85 19.67
C GLN D 68 45.65 -59.22 18.39
N GLY D 69 45.82 -57.91 18.42
CA GLY D 69 46.37 -57.16 17.30
C GLY D 69 45.40 -56.96 16.16
N LYS D 70 44.18 -57.50 16.31
CA LYS D 70 43.17 -57.42 15.27
C LYS D 70 42.10 -56.40 15.60
N ILE D 71 41.91 -55.42 14.72
CA ILE D 71 40.92 -54.36 14.94
C ILE D 71 39.50 -54.91 14.73
N GLY D 72 38.57 -54.43 15.55
CA GLY D 72 37.20 -54.92 15.50
C GLY D 72 36.20 -53.95 16.08
N VAL D 73 34.93 -54.23 15.85
CA VAL D 73 33.85 -53.42 16.43
C VAL D 73 32.75 -54.29 17.04
N LYS D 74 32.23 -53.83 18.18
CA LYS D 74 31.14 -54.50 18.89
C LYS D 74 30.09 -53.45 19.23
N PHE D 75 28.83 -53.71 18.90
CA PHE D 75 27.78 -52.73 19.17
C PHE D 75 26.47 -53.37 19.59
N ASN D 76 25.60 -52.57 20.20
CA ASN D 76 24.32 -53.03 20.71
C ASN D 76 23.22 -52.00 20.48
N VAL D 77 22.21 -52.36 19.70
CA VAL D 77 21.08 -51.48 19.41
C VAL D 77 20.12 -51.32 20.60
N GLY D 78 20.13 -52.35 21.43
CA GLY D 78 19.28 -52.42 22.61
C GLY D 78 19.26 -53.85 23.13
N THR D 79 18.81 -54.76 22.29
CA THR D 79 18.66 -56.16 22.68
C THR D 79 19.96 -56.96 22.78
N ASP D 80 20.72 -57.03 21.69
CA ASP D 80 21.83 -57.97 21.61
C ASP D 80 23.13 -57.38 21.08
N ASP D 81 24.25 -58.03 21.43
CA ASP D 81 25.56 -57.60 20.99
C ASP D 81 25.87 -58.11 19.60
N ILE D 82 26.40 -57.24 18.74
CA ILE D 82 26.81 -57.62 17.41
C ILE D 82 28.30 -57.31 17.21
N ALA D 83 29.04 -58.29 16.73
CA ALA D 83 30.48 -58.16 16.63
C ALA D 83 30.97 -58.29 15.19
N ILE D 84 31.98 -57.51 14.83
CA ILE D 84 32.62 -57.61 13.53
C ILE D 84 34.12 -57.24 13.63
N GLU D 85 34.97 -58.10 13.08
CA GLU D 85 36.41 -57.93 13.25
C GLU D 85 37.21 -58.28 12.00
N GLU D 86 38.31 -57.56 11.78
CA GLU D 86 39.25 -57.91 10.72
C GLU D 86 40.21 -59.01 11.17
N SER D 87 39.88 -60.25 10.87
CA SER D 87 40.67 -61.39 11.34
C SER D 87 41.69 -61.89 10.32
N ASN D 88 41.63 -61.39 9.09
CA ASN D 88 42.58 -61.82 8.06
C ASN D 88 44.02 -61.40 8.35
N ALA D 89 44.19 -60.26 9.03
CA ALA D 89 45.53 -59.75 9.25
C ALA D 89 45.63 -58.90 10.51
N ILE D 90 46.77 -58.25 10.67
CA ILE D 90 47.13 -57.54 11.90
C ILE D 90 47.37 -56.05 11.67
N ILE D 91 47.00 -55.20 12.63
CA ILE D 91 47.16 -53.76 12.48
C ILE D 91 48.07 -53.10 13.52
N ASN D 92 48.63 -53.90 14.43
CA ASN D 92 49.49 -53.32 15.47
C ASN D 92 50.98 -53.30 15.11
N ASP D 93 51.28 -53.09 13.84
CA ASP D 93 52.68 -53.05 13.40
C ASP D 93 53.35 -51.69 13.63
N GLY D 94 52.57 -50.72 14.12
CA GLY D 94 53.09 -49.40 14.43
C GLY D 94 52.92 -48.37 13.33
N LYS D 95 52.50 -48.82 12.15
CA LYS D 95 52.27 -47.92 11.03
C LYS D 95 50.86 -47.34 11.05
N TYR D 96 50.66 -46.27 10.30
CA TYR D 96 49.35 -45.62 10.22
C TYR D 96 48.32 -46.48 9.51
N HIS D 97 47.13 -46.54 10.07
CA HIS D 97 46.01 -47.19 9.42
C HIS D 97 44.74 -46.39 9.62
N VAL D 98 43.82 -46.51 8.66
CA VAL D 98 42.50 -45.94 8.81
C VAL D 98 41.49 -47.08 8.74
N VAL D 99 40.77 -47.29 9.83
CA VAL D 99 39.70 -48.26 9.84
C VAL D 99 38.36 -47.53 9.73
N ARG D 100 37.47 -48.05 8.90
CA ARG D 100 36.15 -47.47 8.74
C ARG D 100 35.05 -48.41 9.18
N PHE D 101 34.18 -47.91 10.07
CA PHE D 101 33.04 -48.70 10.50
C PHE D 101 31.75 -48.07 9.99
N THR D 102 30.81 -48.93 9.62
CA THR D 102 29.55 -48.48 9.07
C THR D 102 28.41 -49.32 9.65
N ARG D 103 27.38 -48.67 10.16
CA ARG D 103 26.23 -49.39 10.69
C ARG D 103 24.97 -48.95 10.01
N SER D 104 24.19 -49.91 9.53
CA SER D 104 22.84 -49.64 9.05
C SER D 104 21.89 -50.61 9.75
N GLY D 105 21.28 -50.11 10.83
CA GLY D 105 20.45 -50.95 11.69
C GLY D 105 21.25 -52.09 12.25
N GLY D 106 20.95 -53.30 11.80
CA GLY D 106 21.64 -54.48 12.30
C GLY D 106 22.93 -54.72 11.55
N ASN D 107 22.98 -54.27 10.31
CA ASN D 107 24.15 -54.44 9.45
C ASN D 107 25.36 -53.66 9.87
N ALA D 108 26.53 -54.20 9.56
CA ALA D 108 27.77 -53.54 9.88
C ALA D 108 28.81 -53.72 8.77
N THR D 109 29.76 -52.79 8.74
CA THR D 109 30.81 -52.81 7.75
C THR D 109 32.11 -52.36 8.39
N LEU D 110 33.17 -53.10 8.11
CA LEU D 110 34.49 -52.78 8.61
C LEU D 110 35.42 -52.77 7.42
N GLN D 111 36.31 -51.80 7.35
CA GLN D 111 37.34 -51.86 6.33
C GLN D 111 38.64 -51.27 6.84
N VAL D 112 39.67 -52.10 6.85
CA VAL D 112 41.00 -51.64 7.15
C VAL D 112 41.48 -50.87 5.94
N ASP D 113 42.43 -49.97 6.15
CA ASP D 113 42.92 -49.13 5.07
C ASP D 113 43.47 -49.99 3.93
N SER D 114 42.90 -49.79 2.75
CA SER D 114 43.37 -50.42 1.51
C SER D 114 43.37 -51.95 1.51
N TRP D 115 42.46 -52.56 2.26
CA TRP D 115 42.35 -54.01 2.31
C TRP D 115 40.93 -54.37 1.88
N PRO D 116 40.65 -55.66 1.60
CA PRO D 116 39.26 -56.01 1.27
C PRO D 116 38.27 -55.57 2.35
N VAL D 117 37.13 -55.03 1.92
CA VAL D 117 36.10 -54.56 2.84
C VAL D 117 35.39 -55.72 3.52
N ILE D 118 35.08 -55.57 4.80
CA ILE D 118 34.36 -56.60 5.53
C ILE D 118 32.91 -56.19 5.66
N GLU D 119 32.01 -57.05 5.22
CA GLU D 119 30.59 -56.78 5.39
C GLU D 119 29.93 -57.88 6.17
N ARG D 120 29.10 -57.49 7.12
CA ARG D 120 28.47 -58.45 8.00
C ARG D 120 26.99 -58.13 8.16
N TYR D 121 26.15 -59.10 7.82
CA TYR D 121 24.71 -58.90 7.82
C TYR D 121 24.02 -59.86 8.78
N PRO D 122 23.38 -59.32 9.84
CA PRO D 122 22.69 -60.16 10.82
C PRO D 122 21.47 -60.84 10.21
N ALA D 123 21.15 -62.02 10.71
CA ALA D 123 19.99 -62.76 10.22
C ALA D 123 18.68 -62.16 10.74
N GLY D 124 17.62 -62.30 9.96
CA GLY D 124 16.30 -61.84 10.38
C GLY D 124 16.22 -60.34 10.48
N ARG D 125 15.23 -59.84 11.22
CA ARG D 125 15.05 -58.41 11.39
C ARG D 125 15.59 -57.95 12.74
N GLN D 126 16.43 -56.93 12.72
CA GLN D 126 17.04 -56.41 13.93
C GLN D 126 16.52 -55.03 14.28
N LEU D 127 16.81 -54.62 15.51
CA LEU D 127 16.54 -53.26 15.94
C LEU D 127 17.43 -52.32 15.13
N THR D 128 16.89 -51.17 14.73
CA THR D 128 17.65 -50.32 13.83
C THR D 128 18.16 -49.04 14.49
N ILE D 129 17.84 -48.82 15.75
CA ILE D 129 18.19 -47.52 16.33
C ILE D 129 19.06 -47.49 17.58
N PHE D 130 20.20 -46.85 17.38
CA PHE D 130 21.17 -46.54 18.43
C PHE D 130 20.62 -45.35 19.19
N ASN D 131 20.36 -45.57 20.47
CA ASN D 131 19.39 -44.74 21.17
C ASN D 131 19.97 -43.71 22.17
N SER D 132 19.81 -42.43 21.81
CA SER D 132 20.22 -41.27 22.63
C SER D 132 21.67 -41.28 23.10
N GLN D 133 22.60 -41.13 22.17
CA GLN D 133 24.04 -41.08 22.46
C GLN D 133 24.43 -39.94 23.40
N ALA D 134 25.15 -40.26 24.47
CA ALA D 134 25.49 -39.26 25.48
C ALA D 134 26.95 -38.83 25.41
N THR D 135 27.86 -39.79 25.23
CA THR D 135 29.29 -39.49 25.27
C THR D 135 30.09 -40.29 24.25
N ILE D 136 31.17 -39.67 23.78
CA ILE D 136 32.21 -40.37 23.05
C ILE D 136 33.46 -40.43 23.92
N ILE D 137 33.95 -41.63 24.21
CA ILE D 137 35.10 -41.79 25.10
C ILE D 137 36.30 -42.37 24.35
N ILE D 138 37.19 -41.47 23.91
CA ILE D 138 38.38 -41.87 23.18
C ILE D 138 39.56 -42.13 24.12
N GLY D 139 40.04 -43.36 24.14
CA GLY D 139 41.15 -43.72 25.00
C GLY D 139 41.01 -45.09 25.61
N GLY D 140 39.79 -45.41 26.04
CA GLY D 140 39.51 -46.71 26.62
C GLY D 140 40.17 -46.91 27.97
N LYS D 141 40.31 -45.83 28.72
CA LYS D 141 40.87 -45.92 30.06
C LYS D 141 39.84 -46.52 31.01
N GLU D 142 38.61 -46.00 30.95
CA GLU D 142 37.54 -46.47 31.82
C GLU D 142 37.18 -47.93 31.60
N GLN D 143 37.55 -48.48 30.45
CA GLN D 143 37.26 -49.89 30.15
C GLN D 143 38.37 -50.81 30.69
N GLY D 144 39.41 -50.21 31.26
CA GLY D 144 40.53 -50.95 31.80
C GLY D 144 41.43 -51.52 30.72
N GLN D 145 41.42 -50.86 29.57
CA GLN D 145 42.31 -51.20 28.46
C GLN D 145 42.78 -49.94 27.73
N PRO D 146 43.46 -49.02 28.44
CA PRO D 146 43.86 -47.76 27.82
C PRO D 146 44.71 -47.97 26.57
N PHE D 147 44.53 -47.09 25.59
CA PHE D 147 45.26 -47.19 24.33
C PHE D 147 46.58 -46.43 24.37
N GLN D 148 47.58 -46.96 23.69
CA GLN D 148 48.88 -46.31 23.61
C GLN D 148 49.37 -46.18 22.17
N GLY D 149 49.42 -44.93 21.68
CA GLY D 149 49.81 -44.67 20.31
C GLY D 149 49.35 -43.30 19.82
N GLN D 150 49.08 -43.19 18.53
CA GLN D 150 48.66 -41.93 17.93
C GLN D 150 47.31 -42.06 17.20
N LEU D 151 46.42 -41.10 17.43
CA LEU D 151 45.10 -41.09 16.81
C LEU D 151 44.88 -39.83 15.97
N SER D 152 44.44 -40.00 14.73
CA SER D 152 44.24 -38.87 13.84
C SER D 152 42.94 -38.95 13.05
N GLY D 153 42.39 -37.78 12.72
CA GLY D 153 41.25 -37.69 11.83
C GLY D 153 40.04 -38.53 12.20
N LEU D 154 39.73 -38.56 13.50
CA LEU D 154 38.56 -39.31 13.95
C LEU D 154 37.29 -38.66 13.39
N TYR D 155 36.41 -39.51 12.87
CA TYR D 155 35.16 -39.07 12.26
C TYR D 155 34.00 -39.89 12.81
N TYR D 156 33.00 -39.23 13.38
CA TYR D 156 31.81 -39.91 13.86
C TYR D 156 30.54 -39.13 13.55
N ASN D 157 29.81 -39.61 12.54
CA ASN D 157 28.55 -39.02 12.12
C ASN D 157 28.63 -37.52 11.81
N GLY D 158 29.66 -37.13 11.08
CA GLY D 158 29.81 -35.74 10.67
C GLY D 158 30.66 -34.93 11.63
N LEU D 159 31.01 -35.54 12.76
CA LEU D 159 31.82 -34.86 13.77
C LEU D 159 33.30 -35.23 13.66
N LYS D 160 34.14 -34.22 13.50
CA LYS D 160 35.58 -34.40 13.57
C LYS D 160 36.00 -34.14 15.02
N VAL D 161 35.86 -35.15 15.85
CA VAL D 161 35.97 -34.98 17.30
C VAL D 161 37.35 -34.54 17.77
N LEU D 162 38.40 -35.14 17.22
CA LEU D 162 39.76 -34.78 17.60
C LEU D 162 40.08 -33.35 17.20
N ASN D 163 39.65 -32.98 15.99
CA ASN D 163 39.77 -31.61 15.49
C ASN D 163 39.04 -30.64 16.40
N MET D 164 37.94 -31.09 16.98
CA MET D 164 37.15 -30.26 17.89
C MET D 164 37.84 -30.13 19.23
N ALA D 165 38.62 -31.13 19.60
CA ALA D 165 39.39 -31.10 20.85
C ALA D 165 40.58 -30.17 20.71
N ALA D 166 41.13 -30.11 19.50
CA ALA D 166 42.24 -29.22 19.22
C ALA D 166 41.78 -27.78 19.10
N GLU D 167 40.47 -27.57 19.15
CA GLU D 167 39.90 -26.25 19.08
C GLU D 167 39.31 -25.84 20.42
N ASN D 168 39.66 -26.61 21.46
CA ASN D 168 39.23 -26.34 22.83
C ASN D 168 37.72 -26.13 22.97
N ASP D 169 36.94 -26.97 22.30
CA ASP D 169 35.49 -26.92 22.41
C ASP D 169 35.09 -27.08 23.88
N ALA D 170 34.13 -26.27 24.31
CA ALA D 170 33.76 -26.19 25.73
C ALA D 170 33.34 -27.54 26.31
N ASN D 171 32.63 -28.33 25.52
CA ASN D 171 32.16 -29.64 25.97
C ASN D 171 33.28 -30.64 26.23
N ILE D 172 34.30 -30.60 25.37
CA ILE D 172 35.45 -31.50 25.46
C ILE D 172 36.12 -31.51 26.83
N ALA D 173 36.43 -32.70 27.32
CA ALA D 173 37.16 -32.85 28.58
C ALA D 173 38.41 -33.69 28.36
N ILE D 174 39.57 -33.05 28.47
CA ILE D 174 40.86 -33.73 28.27
C ILE D 174 41.46 -34.12 29.61
N VAL D 175 41.72 -35.42 29.78
CA VAL D 175 42.22 -35.94 31.05
C VAL D 175 43.29 -37.02 30.80
N GLY D 176 44.27 -37.10 31.70
CA GLY D 176 45.31 -38.11 31.59
C GLY D 176 46.50 -37.65 30.77
N ASN D 177 47.36 -38.60 30.43
CA ASN D 177 48.58 -38.29 29.70
C ASN D 177 48.36 -38.26 28.19
N VAL D 178 47.74 -37.18 27.71
CA VAL D 178 47.50 -37.00 26.28
C VAL D 178 48.06 -35.66 25.80
N ARG D 179 48.80 -35.71 24.69
CA ARG D 179 49.40 -34.50 24.13
C ARG D 179 48.99 -34.28 22.68
N LEU D 180 48.68 -33.03 22.33
CA LEU D 180 48.30 -32.67 20.98
C LEU D 180 49.52 -32.23 20.18
N VAL D 181 50.25 -33.20 19.63
CA VAL D 181 51.42 -32.91 18.81
C VAL D 181 51.05 -32.18 17.52
N CYS E 1 26.43 -1.73 15.47
CA CYS E 1 25.35 -1.11 14.73
C CYS E 1 24.22 -2.09 14.44
N PRO E 2 22.97 -1.69 14.72
CA PRO E 2 21.75 -2.49 14.52
C PRO E 2 21.56 -2.92 13.07
N PRO E 3 20.81 -4.03 12.86
CA PRO E 3 20.65 -4.67 11.54
C PRO E 3 19.89 -3.81 10.54
N LYS E 4 20.19 -4.00 9.25
CA LYS E 4 19.54 -3.30 8.13
C LYS E 4 19.83 -1.80 8.14
N CYS E 5 20.74 -1.36 9.00
CA CYS E 5 21.01 0.07 9.16
C CYS E 5 22.48 0.38 8.91
N ARG E 6 22.74 1.35 8.03
CA ARG E 6 24.11 1.80 7.82
C ARG E 6 24.39 3.02 8.70
N CYS E 7 25.55 3.04 9.32
CA CYS E 7 25.90 4.11 10.25
C CYS E 7 27.18 4.82 9.82
N GLU E 8 27.05 6.07 9.37
CA GLU E 8 28.20 6.84 8.91
C GLU E 8 29.08 7.26 10.09
N LYS E 9 28.43 7.55 11.22
CA LYS E 9 29.14 7.90 12.45
C LYS E 9 28.35 7.42 13.67
N LEU E 10 28.12 8.32 14.60
CA LEU E 10 27.16 8.08 15.68
C LEU E 10 25.77 8.31 15.13
N LEU E 11 25.73 8.90 13.94
CA LEU E 11 24.51 9.10 13.17
C LEU E 11 24.05 7.79 12.55
N PHE E 12 22.78 7.44 12.75
CA PHE E 12 22.21 6.20 12.24
C PHE E 12 21.23 6.47 11.11
N TYR E 13 21.52 5.95 9.92
CA TYR E 13 20.66 6.16 8.76
C TYR E 13 19.87 4.90 8.40
N CYS E 14 18.63 4.82 8.87
CA CYS E 14 17.82 3.63 8.67
C CYS E 14 16.63 3.89 7.74
N ASP E 15 16.82 4.76 6.76
CA ASP E 15 15.76 5.08 5.80
C ASP E 15 15.42 3.92 4.87
N SER E 16 14.15 3.89 4.44
CA SER E 16 13.68 2.98 3.41
C SER E 16 13.96 1.50 3.68
N GLN E 17 13.69 1.07 4.91
CA GLN E 17 13.72 -0.33 5.26
C GLN E 17 12.39 -0.66 5.90
N GLY E 18 12.01 -1.93 5.91
CA GLY E 18 10.72 -2.30 6.46
C GLY E 18 10.74 -2.40 7.97
N PHE E 19 10.74 -1.24 8.63
CA PHE E 19 10.73 -1.20 10.08
C PHE E 19 9.33 -0.82 10.56
N HIS E 20 8.73 -1.67 11.38
CA HIS E 20 7.41 -1.37 11.92
C HIS E 20 7.53 -0.81 13.33
N SER E 21 8.74 -0.79 13.85
CA SER E 21 9.04 -0.11 15.11
C SER E 21 10.51 0.26 15.20
N VAL E 22 10.85 1.07 16.19
CA VAL E 22 12.24 1.47 16.41
C VAL E 22 13.08 0.28 16.84
N PRO E 23 14.22 0.07 16.17
CA PRO E 23 15.12 -1.03 16.50
C PRO E 23 15.88 -0.78 17.79
N ASN E 24 16.13 -1.83 18.58
CA ASN E 24 16.98 -1.69 19.76
C ASN E 24 18.41 -1.49 19.27
N ALA E 25 19.20 -0.72 20.01
CA ALA E 25 20.53 -0.34 19.52
C ALA E 25 21.68 -0.87 20.36
N THR E 26 22.66 -1.48 19.70
CA THR E 26 23.87 -1.96 20.36
C THR E 26 24.62 -0.78 20.96
N ASP E 27 24.69 0.30 20.20
CA ASP E 27 25.34 1.54 20.64
C ASP E 27 24.25 2.55 21.02
N LYS E 28 24.26 2.98 22.28
CA LYS E 28 23.22 3.87 22.77
C LYS E 28 23.65 5.33 22.85
N GLY E 29 24.85 5.62 22.37
CA GLY E 29 25.37 6.97 22.39
C GLY E 29 25.24 7.67 21.05
N SER E 30 24.21 7.31 20.28
CA SER E 30 23.99 7.88 18.96
C SER E 30 23.53 9.33 19.01
N LEU E 31 24.04 10.14 18.08
CA LEU E 31 23.70 11.55 18.00
C LEU E 31 22.48 11.83 17.14
N GLY E 32 22.34 11.09 16.04
CA GLY E 32 21.21 11.27 15.15
C GLY E 32 20.60 9.97 14.66
N LEU E 33 19.30 10.01 14.35
CA LEU E 33 18.57 8.82 13.92
C LEU E 33 17.58 9.16 12.82
N SER E 34 17.66 8.42 11.72
CA SER E 34 16.76 8.61 10.59
C SER E 34 15.94 7.36 10.32
N LEU E 35 14.62 7.48 10.40
CA LEU E 35 13.72 6.35 10.16
C LEU E 35 12.69 6.69 9.11
N ARG E 36 13.17 7.27 8.02
CA ARG E 36 12.29 7.75 6.97
C ARG E 36 11.80 6.64 6.03
N HIS E 37 10.56 6.78 5.57
CA HIS E 37 9.96 5.86 4.61
C HIS E 37 9.98 4.39 5.03
N ASN E 38 9.67 4.15 6.29
CA ASN E 38 9.46 2.80 6.79
C ASN E 38 7.94 2.67 6.96
N HIS E 39 7.47 1.62 7.63
CA HIS E 39 6.05 1.60 8.00
C HIS E 39 5.90 1.47 9.50
N ILE E 40 6.34 2.48 10.23
CA ILE E 40 6.11 2.53 11.66
C ILE E 40 4.71 3.07 11.93
N THR E 41 3.94 2.33 12.72
CA THR E 41 2.54 2.67 12.92
C THR E 41 2.27 3.15 14.34
N GLU E 42 3.25 2.98 15.22
CA GLU E 42 3.06 3.28 16.62
C GLU E 42 4.36 3.71 17.30
N LEU E 43 4.27 4.66 18.22
CA LEU E 43 5.42 5.10 19.00
C LEU E 43 5.23 4.81 20.49
N GLU E 44 5.99 3.85 21.00
CA GLU E 44 5.85 3.37 22.37
C GLU E 44 6.40 4.34 23.40
N ARG E 45 6.01 4.14 24.65
CA ARG E 45 6.57 4.89 25.76
C ARG E 45 8.07 4.62 25.87
N ASP E 46 8.84 5.68 26.08
CA ASP E 46 10.30 5.58 26.23
C ASP E 46 10.94 4.80 25.08
N GLN E 47 10.42 4.97 23.88
CA GLN E 47 10.93 4.22 22.73
C GLN E 47 12.37 4.60 22.40
N PHE E 48 12.71 5.85 22.65
CA PHE E 48 14.04 6.36 22.34
C PHE E 48 14.89 6.49 23.60
N ALA E 49 14.49 5.77 24.64
CA ALA E 49 15.19 5.81 25.93
C ALA E 49 16.65 5.41 25.77
N SER E 50 16.92 4.52 24.83
CA SER E 50 18.29 4.12 24.54
C SER E 50 19.08 5.25 23.87
N PHE E 51 18.42 5.97 22.96
CA PHE E 51 19.07 7.07 22.26
C PHE E 51 19.00 8.38 23.04
N SER E 52 19.59 8.45 24.23
CA SER E 52 19.48 9.66 25.04
C SER E 52 20.16 10.84 24.37
N GLN E 53 21.31 10.59 23.76
CA GLN E 53 22.16 11.63 23.21
C GLN E 53 21.72 12.14 21.83
N LEU E 54 20.51 11.77 21.42
CA LEU E 54 19.99 12.17 20.13
C LEU E 54 19.79 13.68 20.03
N THR E 55 20.35 14.29 18.98
CA THR E 55 20.16 15.71 18.74
C THR E 55 19.12 15.96 17.65
N TRP E 56 19.11 15.10 16.64
CA TRP E 56 18.04 15.15 15.65
C TRP E 56 17.44 13.76 15.39
N LEU E 57 16.13 13.74 15.13
CA LEU E 57 15.37 12.50 14.94
C LEU E 57 14.37 12.65 13.80
N HIS E 58 14.56 11.88 12.74
CA HIS E 58 13.69 11.96 11.56
C HIS E 58 12.72 10.78 11.46
N LEU E 59 11.44 11.04 11.62
CA LEU E 59 10.43 9.99 11.57
C LEU E 59 9.40 10.24 10.48
N ASP E 60 9.77 11.01 9.46
CA ASP E 60 8.83 11.38 8.40
C ASP E 60 8.46 10.21 7.49
N HIS E 61 7.29 10.32 6.87
CA HIS E 61 6.77 9.34 5.90
C HIS E 61 6.66 7.95 6.51
N ASN E 62 6.04 7.90 7.69
CA ASN E 62 5.69 6.67 8.36
C ASN E 62 4.18 6.68 8.59
N GLN E 63 3.56 5.52 8.76
CA GLN E 63 2.12 5.47 9.00
C GLN E 63 1.74 5.67 10.46
N ILE E 64 2.57 6.39 11.21
CA ILE E 64 2.32 6.62 12.64
C ILE E 64 0.94 7.22 12.90
N SER E 65 0.15 6.56 13.73
CA SER E 65 -1.22 6.97 14.00
C SER E 65 -1.48 7.21 15.48
N THR E 66 -0.73 6.50 16.33
CA THR E 66 -0.88 6.65 17.78
C THR E 66 0.46 6.92 18.46
N VAL E 67 0.49 8.00 19.23
CA VAL E 67 1.69 8.38 19.97
C VAL E 67 1.41 8.31 21.47
N LYS E 68 2.04 7.35 22.14
CA LYS E 68 1.80 7.17 23.56
C LYS E 68 2.41 8.33 24.35
N GLU E 69 1.91 8.55 25.56
CA GLU E 69 2.45 9.58 26.42
C GLU E 69 3.89 9.22 26.76
N ASP E 70 4.74 10.23 26.93
CA ASP E 70 6.16 10.02 27.27
C ASP E 70 6.88 9.21 26.18
N ALA E 71 6.49 9.43 24.93
CA ALA E 71 7.09 8.70 23.81
C ALA E 71 8.53 9.14 23.57
N PHE E 72 8.80 10.43 23.76
CA PHE E 72 10.12 10.98 23.49
C PHE E 72 10.92 11.27 24.75
N GLN E 73 10.55 10.63 25.85
CA GLN E 73 11.13 10.97 27.15
C GLN E 73 12.64 10.76 27.17
N GLY E 74 13.34 11.64 27.87
CA GLY E 74 14.78 11.53 28.03
C GLY E 74 15.60 12.16 26.92
N LEU E 75 14.93 12.64 25.88
CA LEU E 75 15.62 13.27 24.75
C LEU E 75 15.86 14.75 25.04
N TYR E 76 16.64 15.02 26.07
CA TYR E 76 16.89 16.39 26.51
C TYR E 76 17.72 17.15 25.48
N LYS E 77 18.61 16.44 24.80
CA LYS E 77 19.53 17.08 23.86
C LYS E 77 18.98 17.16 22.43
N LEU E 78 17.75 16.68 22.24
CA LEU E 78 17.11 16.73 20.92
C LEU E 78 16.77 18.16 20.53
N LYS E 79 17.20 18.58 19.36
CA LYS E 79 16.88 19.92 18.88
C LYS E 79 16.15 19.93 17.53
N GLU E 80 16.08 18.79 16.86
CA GLU E 80 15.25 18.67 15.66
C GLU E 80 14.39 17.41 15.66
N LEU E 81 13.08 17.59 15.52
CA LEU E 81 12.15 16.47 15.46
C LEU E 81 11.22 16.58 14.26
N ILE E 82 11.36 15.67 13.31
CA ILE E 82 10.54 15.69 12.11
C ILE E 82 9.49 14.57 12.18
N LEU E 83 8.22 14.94 12.23
CA LEU E 83 7.14 13.96 12.30
C LEU E 83 6.14 14.15 11.17
N SER E 84 6.60 14.72 10.06
CA SER E 84 5.71 15.03 8.95
C SER E 84 5.35 13.80 8.11
N SER E 85 4.28 13.93 7.32
CA SER E 85 3.82 12.88 6.42
C SER E 85 3.47 11.58 7.15
N ASN E 86 2.67 11.70 8.21
CA ASN E 86 2.20 10.54 8.95
C ASN E 86 0.68 10.57 9.03
N LYS E 87 0.12 9.80 9.96
CA LYS E 87 -1.32 9.81 10.16
C LYS E 87 -1.67 10.20 11.59
N ILE E 88 -0.84 11.05 12.18
CA ILE E 88 -1.05 11.50 13.56
C ILE E 88 -2.27 12.40 13.66
N PHE E 89 -3.14 12.13 14.62
CA PHE E 89 -4.35 12.93 14.79
C PHE E 89 -4.59 13.35 16.24
N TYR E 90 -3.92 12.68 17.16
CA TYR E 90 -3.99 13.07 18.57
C TYR E 90 -2.62 13.07 19.23
N LEU E 91 -2.37 14.11 20.01
CA LEU E 91 -1.10 14.22 20.74
C LEU E 91 -1.34 14.53 22.22
N PRO E 92 -0.86 13.63 23.10
CA PRO E 92 -0.98 13.81 24.55
C PRO E 92 -0.30 15.11 24.97
N ASN E 93 -0.87 15.85 25.91
CA ASN E 93 -0.37 17.18 26.22
C ASN E 93 1.07 17.22 26.72
N THR E 94 1.56 16.09 27.21
CA THR E 94 2.89 16.04 27.80
C THR E 94 3.93 15.51 26.82
N THR E 95 3.55 15.43 25.55
CA THR E 95 4.37 14.71 24.58
C THR E 95 5.63 15.46 24.17
N PHE E 96 5.61 16.79 24.23
CA PHE E 96 6.78 17.58 23.82
C PHE E 96 7.42 18.36 24.96
N THR E 97 6.71 18.46 26.07
CA THR E 97 7.13 19.33 27.17
C THR E 97 8.52 19.01 27.72
N GLN E 98 8.87 17.73 27.72
CA GLN E 98 10.19 17.31 28.21
C GLN E 98 11.32 17.74 27.27
N LEU E 99 11.03 17.78 25.97
CA LEU E 99 12.04 18.10 24.96
C LEU E 99 12.38 19.59 24.97
N ILE E 100 13.25 20.00 25.89
CA ILE E 100 13.50 21.42 26.11
C ILE E 100 14.35 22.11 25.03
N ASN E 101 15.35 21.40 24.49
CA ASN E 101 16.29 22.04 23.56
C ASN E 101 15.82 21.97 22.12
N LEU E 102 14.54 21.64 21.94
CA LEU E 102 13.97 21.51 20.61
C LEU E 102 14.01 22.84 19.87
N GLN E 103 14.49 22.81 18.63
CA GLN E 103 14.63 24.03 17.84
C GLN E 103 13.75 23.98 16.61
N ASN E 104 13.65 22.81 16.00
CA ASN E 104 12.85 22.62 14.81
C ASN E 104 11.88 21.47 15.00
N LEU E 105 10.58 21.79 14.95
CA LEU E 105 9.57 20.76 15.09
C LEU E 105 8.63 20.77 13.90
N ASP E 106 8.52 19.62 13.25
CA ASP E 106 7.70 19.50 12.05
C ASP E 106 6.55 18.53 12.31
N LEU E 107 5.33 19.01 12.14
CA LEU E 107 4.14 18.18 12.32
C LEU E 107 3.25 18.30 11.08
N SER E 108 3.86 18.65 9.96
CA SER E 108 3.11 18.90 8.73
C SER E 108 2.63 17.60 8.08
N PHE E 109 1.63 17.73 7.21
CA PHE E 109 1.09 16.59 6.46
C PHE E 109 0.60 15.48 7.38
N ASN E 110 -0.18 15.86 8.37
CA ASN E 110 -0.77 14.91 9.31
C ASN E 110 -2.27 15.13 9.42
N GLN E 111 -2.94 14.33 10.23
CA GLN E 111 -4.39 14.46 10.38
C GLN E 111 -4.78 15.10 11.71
N LEU E 112 -4.04 16.12 12.13
CA LEU E 112 -4.36 16.82 13.37
C LEU E 112 -5.60 17.70 13.17
N SER E 113 -6.55 17.58 14.08
CA SER E 113 -7.78 18.34 13.97
C SER E 113 -7.84 19.40 15.05
N SER E 114 -7.11 19.16 16.15
CA SER E 114 -7.04 20.12 17.24
C SER E 114 -5.77 19.92 18.05
N LEU E 115 -5.41 20.94 18.82
CA LEU E 115 -4.18 20.90 19.62
C LEU E 115 -4.43 21.27 21.07
N HIS E 116 -3.83 20.50 21.97
CA HIS E 116 -3.93 20.77 23.40
C HIS E 116 -3.25 22.10 23.72
N PRO E 117 -3.98 23.01 24.36
CA PRO E 117 -3.52 24.37 24.68
C PRO E 117 -2.16 24.42 25.39
N GLU E 118 -1.71 23.31 25.96
CA GLU E 118 -0.41 23.29 26.63
C GLU E 118 0.55 22.33 25.93
N LEU E 119 0.31 22.10 24.64
CA LEU E 119 1.11 21.14 23.87
C LEU E 119 2.53 21.63 23.67
N PHE E 120 2.68 22.94 23.42
CA PHE E 120 3.98 23.50 23.12
C PHE E 120 4.55 24.30 24.29
N TYR E 121 4.01 24.07 25.48
CA TYR E 121 4.55 24.72 26.68
C TYR E 121 5.99 24.27 26.93
N GLY E 122 6.84 25.22 27.30
CA GLY E 122 8.22 24.94 27.63
C GLY E 122 9.12 24.63 26.44
N LEU E 123 8.80 25.21 25.29
CA LEU E 123 9.63 25.06 24.10
C LEU E 123 10.30 26.39 23.76
N ARG E 124 10.99 26.96 24.74
CA ARG E 124 11.55 28.30 24.62
C ARG E 124 12.66 28.41 23.57
N LYS E 125 13.31 27.31 23.25
CA LYS E 125 14.41 27.34 22.28
C LYS E 125 13.91 27.00 20.88
N LEU E 126 12.60 26.85 20.73
CA LEU E 126 12.00 26.53 19.43
C LEU E 126 12.13 27.72 18.50
N GLN E 127 12.62 27.49 17.29
CA GLN E 127 12.78 28.56 16.30
C GLN E 127 11.80 28.42 15.16
N THR E 128 11.58 27.19 14.71
CA THR E 128 10.68 26.92 13.59
C THR E 128 9.62 25.89 13.96
N LEU E 129 8.40 26.10 13.48
CA LEU E 129 7.31 25.19 13.76
C LEU E 129 6.44 24.99 12.51
N HIS E 130 6.46 23.77 11.97
CA HIS E 130 5.73 23.46 10.76
C HIS E 130 4.45 22.68 11.04
N LEU E 131 3.30 23.35 10.89
CA LEU E 131 2.02 22.69 11.06
C LEU E 131 1.21 22.70 9.76
N ARG E 132 1.93 22.73 8.64
CA ARG E 132 1.29 22.82 7.32
C ARG E 132 0.44 21.59 7.05
N SER E 133 -0.60 21.76 6.24
CA SER E 133 -1.34 20.63 5.71
C SER E 133 -1.92 19.71 6.76
N ASN E 134 -2.62 20.31 7.71
CA ASN E 134 -3.36 19.59 8.72
C ASN E 134 -4.82 20.00 8.61
N SER E 135 -5.70 19.41 9.41
CA SER E 135 -7.11 19.78 9.35
C SER E 135 -7.56 20.54 10.60
N LEU E 136 -6.68 21.37 11.14
CA LEU E 136 -7.03 22.23 12.26
C LEU E 136 -8.14 23.22 11.92
N ARG E 137 -9.12 23.35 12.83
CA ARG E 137 -10.25 24.26 12.60
C ARG E 137 -10.15 25.47 13.52
N THR E 138 -9.51 25.28 14.66
CA THR E 138 -9.33 26.37 15.62
C THR E 138 -7.97 26.28 16.28
N ILE E 139 -7.56 27.35 16.94
CA ILE E 139 -6.24 27.39 17.57
C ILE E 139 -6.30 28.03 18.95
N PRO E 140 -5.89 27.29 19.98
CA PRO E 140 -5.93 27.70 21.39
C PRO E 140 -5.26 29.05 21.63
N VAL E 141 -5.85 29.86 22.49
CA VAL E 141 -5.35 31.21 22.72
C VAL E 141 -3.97 31.22 23.38
N ARG E 142 -3.68 30.16 24.13
CA ARG E 142 -2.46 30.13 24.94
C ARG E 142 -1.37 29.25 24.34
N LEU E 143 -1.59 28.75 23.13
CA LEU E 143 -0.74 27.70 22.58
C LEU E 143 0.71 28.14 22.48
N PHE E 144 0.92 29.37 22.04
CA PHE E 144 2.27 29.90 21.81
C PHE E 144 2.78 30.78 22.93
N TRP E 145 2.21 30.62 24.13
CA TRP E 145 2.57 31.47 25.25
C TRP E 145 4.05 31.32 25.63
N ASP E 146 4.57 30.10 25.51
CA ASP E 146 5.96 29.82 25.89
C ASP E 146 6.96 29.87 24.73
N CYS E 147 6.48 30.06 23.50
CA CYS E 147 7.35 30.01 22.32
C CYS E 147 8.07 31.34 22.10
N ARG E 148 8.97 31.66 23.03
CA ARG E 148 9.61 32.96 23.08
C ARG E 148 10.52 33.26 21.89
N SER E 149 11.26 32.26 21.43
CA SER E 149 12.25 32.48 20.38
C SER E 149 11.82 31.90 19.02
N LEU E 150 10.54 31.57 18.89
CA LEU E 150 9.99 31.12 17.62
C LEU E 150 10.04 32.28 16.64
N GLU E 151 10.55 32.03 15.43
CA GLU E 151 10.60 33.08 14.42
C GLU E 151 10.04 32.64 13.07
N PHE E 152 9.61 31.38 12.98
CA PHE E 152 8.93 30.89 11.79
C PHE E 152 7.76 29.97 12.15
N LEU E 153 6.57 30.32 11.70
CA LEU E 153 5.38 29.53 12.00
C LEU E 153 4.58 29.25 10.72
N ASP E 154 4.35 27.97 10.45
CA ASP E 154 3.64 27.58 9.23
C ASP E 154 2.31 26.92 9.57
N LEU E 155 1.21 27.61 9.30
CA LEU E 155 -0.12 27.08 9.55
C LEU E 155 -0.93 26.99 8.26
N SER E 156 -0.23 26.90 7.14
CA SER E 156 -0.91 26.94 5.84
C SER E 156 -1.61 25.62 5.56
N THR E 157 -2.55 25.67 4.61
CA THR E 157 -3.33 24.50 4.19
C THR E 157 -4.01 23.80 5.37
N ASN E 158 -4.79 24.56 6.13
CA ASN E 158 -5.63 23.99 7.18
C ASN E 158 -7.09 24.37 6.97
N ARG E 159 -7.88 24.28 8.04
CA ARG E 159 -9.28 24.65 7.96
C ARG E 159 -9.61 25.71 9.00
N LEU E 160 -8.70 26.66 9.19
CA LEU E 160 -8.93 27.75 10.13
C LEU E 160 -10.05 28.66 9.67
N ARG E 161 -11.10 28.72 10.47
CA ARG E 161 -12.28 29.52 10.13
C ARG E 161 -12.04 31.00 10.42
N SER E 162 -11.44 31.29 11.56
CA SER E 162 -11.14 32.68 11.93
C SER E 162 -10.07 32.79 13.01
N LEU E 163 -9.65 34.03 13.27
CA LEU E 163 -8.54 34.31 14.18
C LEU E 163 -8.99 34.82 15.55
N ALA E 164 -8.45 34.22 16.60
CA ALA E 164 -8.72 34.67 17.97
C ALA E 164 -8.05 36.01 18.24
N ARG E 165 -8.60 36.79 19.18
CA ARG E 165 -8.09 38.13 19.46
C ARG E 165 -6.64 38.17 19.86
N ASN E 166 -6.28 37.32 20.80
CA ASN E 166 -4.95 37.34 21.38
C ASN E 166 -4.34 35.95 21.39
N GLY E 167 -4.63 35.17 20.35
CA GLY E 167 -4.10 33.82 20.23
C GLY E 167 -2.59 33.78 20.15
N PHE E 168 -2.00 34.83 19.58
CA PHE E 168 -0.56 34.84 19.29
C PHE E 168 0.35 35.25 20.45
N ALA E 169 -0.18 35.33 21.66
CA ALA E 169 0.60 35.88 22.77
C ALA E 169 1.87 35.05 23.01
N GLY E 170 3.02 35.71 22.95
CA GLY E 170 4.28 35.08 23.24
C GLY E 170 5.12 34.83 22.00
N LEU E 171 4.65 35.32 20.86
CA LEU E 171 5.38 35.19 19.61
C LEU E 171 6.09 36.49 19.30
N ILE E 172 6.70 37.08 20.33
CA ILE E 172 7.26 38.41 20.24
C ILE E 172 8.44 38.48 19.28
N LYS E 173 9.03 37.33 18.96
CA LYS E 173 10.19 37.31 18.08
C LYS E 173 9.88 36.69 16.72
N LEU E 174 8.63 36.31 16.51
CA LEU E 174 8.22 35.69 15.24
C LEU E 174 8.44 36.65 14.08
N ARG E 175 9.08 36.17 13.02
CA ARG E 175 9.37 37.00 11.86
C ARG E 175 8.47 36.71 10.66
N GLU E 176 8.20 35.44 10.41
CA GLU E 176 7.46 35.03 9.22
C GLU E 176 6.28 34.12 9.56
N LEU E 177 5.09 34.50 9.11
CA LEU E 177 3.88 33.76 9.44
C LEU E 177 3.12 33.29 8.20
N HIS E 178 2.87 31.99 8.12
CA HIS E 178 2.14 31.42 6.98
C HIS E 178 0.73 31.03 7.35
N LEU E 179 -0.24 31.72 6.77
CA LEU E 179 -1.65 31.43 7.01
C LEU E 179 -2.43 31.20 5.71
N GLU E 180 -1.70 30.92 4.64
CA GLU E 180 -2.31 30.79 3.33
C GLU E 180 -3.10 29.48 3.22
N HIS E 181 -4.02 29.45 2.25
CA HIS E 181 -4.82 28.27 1.97
C HIS E 181 -5.63 27.77 3.17
N ASN E 182 -6.17 28.70 3.95
CA ASN E 182 -7.14 28.33 4.97
C ASN E 182 -8.52 28.77 4.54
N GLN E 183 -9.37 29.11 5.50
CA GLN E 183 -10.74 29.48 5.18
C GLN E 183 -11.16 30.74 5.92
N LEU E 184 -10.24 31.69 6.03
CA LEU E 184 -10.51 32.94 6.70
C LEU E 184 -11.53 33.77 5.92
N THR E 185 -12.33 34.55 6.64
CA THR E 185 -13.42 35.32 6.03
C THR E 185 -13.13 36.82 6.08
N LYS E 186 -12.56 37.26 7.17
CA LYS E 186 -12.32 38.66 7.44
C LYS E 186 -10.94 38.80 8.08
N ILE E 187 -10.34 39.97 7.96
CA ILE E 187 -9.06 40.20 8.63
C ILE E 187 -9.09 41.48 9.44
N ASN E 188 -8.98 41.33 10.76
CA ASN E 188 -8.85 42.48 11.65
C ASN E 188 -7.41 42.55 12.12
N PHE E 189 -6.64 43.44 11.50
CA PHE E 189 -5.20 43.49 11.71
C PHE E 189 -4.80 43.82 13.14
N ALA E 190 -5.78 44.22 13.97
CA ALA E 190 -5.55 44.39 15.39
C ALA E 190 -5.28 43.05 16.06
N HIS E 191 -5.69 41.97 15.40
CA HIS E 191 -5.49 40.62 15.92
C HIS E 191 -4.03 40.20 15.89
N PHE E 192 -3.23 40.88 15.07
CA PHE E 192 -1.80 40.60 14.96
C PHE E 192 -0.95 41.52 15.83
N LEU E 193 -1.58 42.21 16.77
CA LEU E 193 -0.91 43.27 17.53
C LEU E 193 0.32 42.73 18.27
N ARG E 194 0.22 41.51 18.75
CA ARG E 194 1.28 40.91 19.56
C ARG E 194 2.52 40.50 18.78
N LEU E 195 2.37 40.31 17.46
CA LEU E 195 3.50 39.98 16.61
C LEU E 195 4.25 41.25 16.22
N SER E 196 5.24 41.63 17.01
CA SER E 196 5.88 42.93 16.85
C SER E 196 7.21 42.83 16.13
N SER E 197 7.55 41.62 15.68
CA SER E 197 8.81 41.43 14.96
C SER E 197 8.57 40.88 13.56
N LEU E 198 7.31 40.78 13.18
CA LEU E 198 6.93 40.17 11.90
C LEU E 198 7.40 41.03 10.74
N HIS E 199 8.04 40.40 9.74
CA HIS E 199 8.39 41.13 8.54
C HIS E 199 7.56 40.66 7.35
N THR E 200 7.11 39.41 7.37
CA THR E 200 6.32 38.88 6.28
C THR E 200 5.05 38.15 6.75
N LEU E 201 3.94 38.44 6.10
CA LEU E 201 2.66 37.79 6.41
C LEU E 201 2.00 37.24 5.16
N PHE E 202 1.78 35.94 5.12
CA PHE E 202 1.11 35.30 3.98
C PHE E 202 -0.33 34.93 4.30
N LEU E 203 -1.28 35.54 3.59
CA LEU E 203 -2.69 35.29 3.82
C LEU E 203 -3.45 34.91 2.56
N GLN E 204 -2.72 34.50 1.53
CA GLN E 204 -3.31 34.26 0.21
C GLN E 204 -4.20 33.03 0.17
N TRP E 205 -5.11 33.02 -0.79
CA TRP E 205 -6.00 31.90 -1.05
C TRP E 205 -6.85 31.49 0.15
N ASN E 206 -7.39 32.49 0.83
CA ASN E 206 -8.44 32.28 1.82
C ASN E 206 -9.78 32.71 1.22
N LYS E 207 -10.70 33.15 2.06
CA LYS E 207 -12.00 33.63 1.57
C LYS E 207 -12.26 35.03 2.11
N ILE E 208 -11.20 35.82 2.19
CA ILE E 208 -11.22 37.12 2.85
C ILE E 208 -12.01 38.18 2.07
N SER E 209 -13.08 38.68 2.69
CA SER E 209 -13.92 39.70 2.09
C SER E 209 -13.54 41.10 2.56
N ASN E 210 -13.23 41.21 3.86
CA ASN E 210 -13.03 42.52 4.49
C ASN E 210 -11.64 42.73 5.08
N LEU E 211 -11.14 43.95 4.97
CA LEU E 211 -9.91 44.35 5.61
C LEU E 211 -10.17 45.51 6.57
N THR E 212 -10.16 45.22 7.87
CA THR E 212 -10.45 46.24 8.88
C THR E 212 -9.32 46.31 9.91
N CYS E 213 -9.32 47.37 10.71
CA CYS E 213 -8.35 47.51 11.79
C CYS E 213 -8.99 48.19 13.00
N GLY E 214 -9.38 47.37 13.98
CA GLY E 214 -10.13 47.83 15.14
C GLY E 214 -9.39 48.76 16.09
N MET E 215 -8.15 48.42 16.40
CA MET E 215 -7.32 49.23 17.27
C MET E 215 -6.28 49.99 16.46
N GLU E 216 -6.13 51.29 16.73
CA GLU E 216 -5.09 52.06 16.07
C GLU E 216 -3.73 51.68 16.64
N TRP E 217 -2.78 51.37 15.76
CA TRP E 217 -1.42 51.04 16.18
C TRP E 217 -0.46 51.08 15.00
N THR E 218 0.83 50.93 15.28
CA THR E 218 1.84 51.01 14.23
C THR E 218 2.68 49.74 14.16
N TRP E 219 2.54 49.03 13.05
CA TRP E 219 3.23 47.76 12.82
C TRP E 219 4.51 48.00 12.05
N GLY E 220 5.48 48.61 12.72
CA GLY E 220 6.66 49.14 12.06
C GLY E 220 7.53 48.13 11.34
N THR E 221 7.40 46.86 11.68
CA THR E 221 8.33 45.85 11.18
C THR E 221 7.80 45.09 9.96
N LEU E 222 6.49 45.18 9.72
CA LEU E 222 5.89 44.46 8.59
C LEU E 222 6.32 45.06 7.26
N GLU E 223 6.85 44.22 6.38
CA GLU E 223 7.35 44.69 5.09
C GLU E 223 6.68 44.02 3.87
N LYS E 224 6.15 42.82 4.07
CA LYS E 224 5.50 42.12 2.97
C LYS E 224 4.15 41.57 3.39
N LEU E 225 3.13 41.83 2.58
CA LEU E 225 1.80 41.33 2.85
C LEU E 225 1.20 40.73 1.59
N ASP E 226 1.00 39.41 1.61
CA ASP E 226 0.46 38.70 0.46
C ASP E 226 -1.01 38.31 0.68
N LEU E 227 -1.90 38.94 -0.08
CA LEU E 227 -3.34 38.70 0.03
C LEU E 227 -3.93 38.19 -1.28
N THR E 228 -3.08 37.60 -2.11
CA THR E 228 -3.48 37.14 -3.45
C THR E 228 -4.57 36.08 -3.43
N GLY E 229 -5.57 36.25 -4.28
CA GLY E 229 -6.54 35.20 -4.53
C GLY E 229 -7.60 35.06 -3.46
N ASN E 230 -7.93 36.16 -2.80
CA ASN E 230 -9.05 36.19 -1.87
C ASN E 230 -10.29 36.77 -2.54
N GLU E 231 -11.19 37.36 -1.75
CA GLU E 231 -12.42 37.90 -2.30
C GLU E 231 -12.62 39.32 -1.80
N ILE E 232 -11.50 40.02 -1.59
CA ILE E 232 -11.50 41.36 -1.02
C ILE E 232 -12.24 42.36 -1.89
N LYS E 233 -13.26 42.99 -1.31
CA LYS E 233 -14.07 43.98 -2.00
C LYS E 233 -14.06 45.28 -1.21
N ALA E 234 -13.75 45.18 0.08
CA ALA E 234 -13.79 46.33 0.98
C ALA E 234 -12.55 46.43 1.85
N ILE E 235 -12.07 47.66 2.04
CA ILE E 235 -10.88 47.92 2.85
C ILE E 235 -11.03 49.20 3.68
N ASP E 236 -10.98 49.08 5.00
CA ASP E 236 -11.08 50.24 5.89
C ASP E 236 -9.94 51.21 5.58
N LEU E 237 -10.23 52.50 5.63
CA LEU E 237 -9.31 53.52 5.14
C LEU E 237 -8.07 53.74 6.01
N THR E 238 -7.89 52.90 7.03
CA THR E 238 -6.75 53.07 7.92
C THR E 238 -5.94 51.80 8.14
N VAL E 239 -6.22 50.74 7.37
CA VAL E 239 -5.54 49.48 7.59
C VAL E 239 -4.09 49.54 7.12
N PHE E 240 -3.78 50.52 6.26
CA PHE E 240 -2.44 50.65 5.73
C PHE E 240 -1.70 51.83 6.36
N GLU E 241 -2.41 52.58 7.19
CA GLU E 241 -1.77 53.55 8.06
C GLU E 241 -0.95 52.77 9.08
N THR E 242 -1.38 51.54 9.33
CA THR E 242 -0.79 50.67 10.34
C THR E 242 0.58 50.14 9.93
N MET E 243 0.81 50.04 8.63
CA MET E 243 2.03 49.43 8.10
C MET E 243 2.81 50.43 7.26
N PRO E 244 3.49 51.38 7.93
CA PRO E 244 4.19 52.49 7.27
C PRO E 244 5.39 52.02 6.46
N ASN E 245 5.94 50.88 6.84
CA ASN E 245 7.13 50.36 6.19
C ASN E 245 6.83 49.18 5.29
N LEU E 246 5.55 49.01 4.97
CA LEU E 246 5.12 47.96 4.04
C LEU E 246 5.73 48.23 2.68
N LYS E 247 6.45 47.24 2.13
CA LYS E 247 7.18 47.46 0.89
C LYS E 247 6.73 46.52 -0.22
N ILE E 248 6.07 45.42 0.15
CA ILE E 248 5.49 44.53 -0.83
C ILE E 248 4.04 44.22 -0.47
N LEU E 249 3.12 44.64 -1.32
CA LEU E 249 1.70 44.37 -1.12
C LEU E 249 1.11 43.70 -2.36
N LEU E 250 0.61 42.48 -2.19
CA LEU E 250 0.07 41.74 -3.33
C LEU E 250 -1.42 41.50 -3.15
N MET E 251 -2.23 42.06 -4.05
CA MET E 251 -3.67 41.90 -3.95
C MET E 251 -4.29 41.48 -5.28
N ASP E 252 -3.60 40.58 -5.99
CA ASP E 252 -4.11 40.05 -7.24
C ASP E 252 -5.25 39.05 -7.02
N ASN E 253 -6.08 38.89 -8.04
CA ASN E 253 -7.15 37.90 -8.05
C ASN E 253 -8.15 38.07 -6.92
N ASN E 254 -8.49 39.32 -6.61
CA ASN E 254 -9.54 39.60 -5.64
C ASN E 254 -10.74 40.20 -6.36
N LYS E 255 -11.61 40.84 -5.59
CA LYS E 255 -12.81 41.44 -6.17
C LYS E 255 -12.82 42.94 -5.92
N LEU E 256 -11.62 43.51 -5.79
CA LEU E 256 -11.49 44.95 -5.60
C LEU E 256 -12.14 45.71 -6.75
N ASN E 257 -12.81 46.81 -6.42
CA ASN E 257 -13.61 47.54 -7.39
C ASN E 257 -12.96 48.88 -7.73
N SER E 258 -12.26 49.44 -6.75
CA SER E 258 -11.56 50.71 -6.88
C SER E 258 -10.73 50.91 -5.63
N LEU E 259 -10.01 52.01 -5.54
CA LEU E 259 -9.28 52.32 -4.31
C LEU E 259 -9.38 53.80 -3.97
N ASP E 260 -9.74 54.08 -2.71
CA ASP E 260 -9.87 55.44 -2.22
C ASP E 260 -8.50 56.09 -2.21
N SER E 261 -8.44 57.39 -2.44
CA SER E 261 -7.16 58.10 -2.38
C SER E 261 -6.62 58.11 -0.95
N LYS E 262 -7.50 57.96 0.03
CA LYS E 262 -7.09 57.87 1.42
C LYS E 262 -6.24 56.61 1.64
N ILE E 263 -6.66 55.52 1.00
CA ILE E 263 -5.89 54.27 1.04
C ILE E 263 -4.51 54.43 0.41
N LEU E 264 -4.50 54.87 -0.84
CA LEU E 264 -3.28 54.95 -1.65
C LEU E 264 -2.24 55.91 -1.10
N ASN E 265 -2.67 56.92 -0.36
CA ASN E 265 -1.75 57.89 0.22
C ASN E 265 -0.91 57.30 1.36
N SER E 266 -1.32 56.15 1.87
CA SER E 266 -0.59 55.47 2.94
C SER E 266 0.42 54.48 2.36
N LEU E 267 0.12 53.98 1.15
CA LEU E 267 1.00 53.05 0.46
C LEU E 267 2.01 53.79 -0.40
N ARG E 268 2.97 54.46 0.24
CA ARG E 268 3.97 55.20 -0.50
C ARG E 268 5.37 54.63 -0.35
N SER E 269 5.53 53.70 0.58
CA SER E 269 6.82 53.07 0.80
C SER E 269 6.94 51.80 -0.03
N LEU E 270 5.91 51.53 -0.82
CA LEU E 270 5.83 50.30 -1.60
C LEU E 270 6.89 50.25 -2.69
N THR E 271 7.50 49.08 -2.88
CA THR E 271 8.47 48.89 -3.94
C THR E 271 7.89 47.92 -4.96
N THR E 272 6.94 47.10 -4.50
CA THR E 272 6.27 46.15 -5.38
C THR E 272 4.79 46.09 -5.02
N VAL E 273 3.94 46.13 -6.04
CA VAL E 273 2.50 46.02 -5.83
C VAL E 273 1.94 44.98 -6.80
N GLY E 274 0.73 44.50 -6.52
CA GLY E 274 0.05 43.58 -7.41
C GLY E 274 -1.44 43.83 -7.37
N LEU E 275 -2.00 44.21 -8.52
CA LEU E 275 -3.40 44.62 -8.57
C LEU E 275 -4.15 43.99 -9.74
N SER E 276 -3.54 42.98 -10.35
CA SER E 276 -4.11 42.32 -11.52
C SER E 276 -5.28 41.39 -11.18
N GLY E 277 -6.17 41.21 -12.14
CA GLY E 277 -7.26 40.24 -12.02
C GLY E 277 -8.43 40.72 -11.18
N ASN E 278 -8.35 41.95 -10.70
CA ASN E 278 -9.44 42.52 -9.90
C ASN E 278 -10.59 43.03 -10.76
N LEU E 279 -11.72 43.31 -10.10
CA LEU E 279 -12.92 43.78 -10.77
C LEU E 279 -12.98 45.30 -10.86
N TRP E 280 -11.94 45.90 -11.45
CA TRP E 280 -11.82 47.35 -11.48
C TRP E 280 -12.93 47.97 -12.34
N GLU E 281 -13.52 49.05 -11.83
CA GLU E 281 -14.52 49.82 -12.57
C GLU E 281 -13.86 51.02 -13.23
N CYS E 282 -13.65 50.95 -14.54
CA CYS E 282 -12.94 52.01 -15.26
C CYS E 282 -13.80 53.24 -15.55
N SER E 283 -13.75 54.19 -14.63
CA SER E 283 -14.47 55.45 -14.74
C SER E 283 -13.71 56.45 -13.89
N ALA E 284 -14.29 57.62 -13.64
CA ALA E 284 -13.60 58.67 -12.88
C ALA E 284 -13.14 58.20 -11.50
N ARG E 285 -13.73 57.11 -11.01
CA ARG E 285 -13.39 56.57 -9.69
C ARG E 285 -11.93 56.11 -9.58
N ILE E 286 -11.37 55.58 -10.67
CA ILE E 286 -10.02 55.05 -10.65
C ILE E 286 -8.93 56.10 -10.76
N CYS E 287 -9.31 57.37 -10.86
CA CYS E 287 -8.34 58.46 -11.01
C CYS E 287 -7.32 58.46 -9.88
N ALA E 288 -7.77 58.14 -8.67
CA ALA E 288 -6.88 58.04 -7.52
C ALA E 288 -5.80 57.01 -7.81
N LEU E 289 -6.21 55.88 -8.38
CA LEU E 289 -5.30 54.80 -8.73
C LEU E 289 -4.44 55.18 -9.93
N ALA E 290 -5.07 55.75 -10.96
CA ALA E 290 -4.37 56.14 -12.17
C ALA E 290 -3.28 57.17 -11.91
N SER E 291 -3.61 58.19 -11.12
CA SER E 291 -2.66 59.24 -10.77
C SER E 291 -1.49 58.66 -9.98
N TRP E 292 -1.81 57.74 -9.08
CA TRP E 292 -0.82 57.11 -8.23
C TRP E 292 0.23 56.37 -9.07
N LEU E 293 -0.24 55.68 -10.11
CA LEU E 293 0.64 54.91 -10.98
C LEU E 293 1.64 55.81 -11.72
N GLY E 294 1.16 56.98 -12.16
CA GLY E 294 2.05 57.95 -12.78
C GLY E 294 3.06 58.44 -11.76
N SER E 295 2.59 58.68 -10.53
CA SER E 295 3.44 59.12 -9.44
C SER E 295 4.36 58.02 -8.91
N PHE E 296 3.86 56.79 -8.92
CA PHE E 296 4.57 55.62 -8.37
C PHE E 296 5.96 55.44 -8.98
N GLN E 297 6.90 55.01 -8.15
CA GLN E 297 8.27 54.76 -8.60
C GLN E 297 8.72 53.34 -8.29
N GLY E 298 7.78 52.47 -7.95
CA GLY E 298 8.10 51.09 -7.65
C GLY E 298 7.82 50.22 -8.85
N ARG E 299 7.71 48.91 -8.62
CA ARG E 299 7.48 47.96 -9.71
C ARG E 299 6.15 47.24 -9.56
N TRP E 300 5.64 46.73 -10.67
CA TRP E 300 4.52 45.80 -10.64
C TRP E 300 4.69 44.76 -11.75
N GLU E 301 4.70 43.48 -11.36
CA GLU E 301 5.04 42.41 -12.27
C GLU E 301 4.05 42.23 -13.43
N HIS E 302 2.76 42.34 -13.14
CA HIS E 302 1.74 42.12 -14.16
C HIS E 302 0.92 43.37 -14.46
N SER E 303 0.43 43.47 -15.70
CA SER E 303 -0.33 44.63 -16.12
C SER E 303 -1.67 44.68 -15.40
N ILE E 304 -2.15 45.89 -15.12
CA ILE E 304 -3.43 46.08 -14.45
C ILE E 304 -4.51 46.43 -15.48
N LEU E 305 -5.57 45.64 -15.52
CA LEU E 305 -6.55 45.74 -16.60
C LEU E 305 -7.96 46.02 -16.08
N CYS E 306 -8.68 46.86 -16.83
CA CYS E 306 -10.03 47.27 -16.49
C CYS E 306 -11.00 46.10 -16.66
N HIS E 307 -12.03 46.06 -15.81
CA HIS E 307 -13.05 45.02 -15.92
C HIS E 307 -14.44 45.59 -16.20
N SER E 308 -14.65 46.87 -15.93
CA SER E 308 -15.95 47.50 -16.12
C SER E 308 -15.77 49.00 -16.40
N PRO E 309 -16.60 49.55 -17.32
CA PRO E 309 -17.66 48.90 -18.08
C PRO E 309 -17.11 47.98 -19.17
N ASP E 310 -17.99 47.32 -19.91
CA ASP E 310 -17.56 46.25 -20.81
C ASP E 310 -16.65 46.70 -21.94
N HIS E 311 -16.85 47.90 -22.47
CA HIS E 311 -16.02 48.37 -23.58
C HIS E 311 -14.57 48.66 -23.19
N THR E 312 -14.28 48.67 -21.89
CA THR E 312 -12.91 48.92 -21.41
C THR E 312 -12.23 47.66 -20.91
N GLN E 313 -12.93 46.54 -21.01
CA GLN E 313 -12.45 45.27 -20.48
C GLN E 313 -11.11 44.84 -21.09
N GLY E 314 -10.20 44.40 -20.22
CA GLY E 314 -8.90 43.89 -20.64
C GLY E 314 -7.87 44.93 -21.03
N GLU E 315 -8.25 46.21 -20.96
CA GLU E 315 -7.36 47.28 -21.37
C GLU E 315 -6.69 47.93 -20.16
N ASP E 316 -5.37 48.12 -20.26
CA ASP E 316 -4.60 48.74 -19.19
C ASP E 316 -5.29 50.01 -18.71
N ILE E 317 -5.27 50.23 -17.40
CA ILE E 317 -5.96 51.35 -16.79
C ILE E 317 -5.58 52.68 -17.43
N LEU E 318 -4.28 52.97 -17.48
CA LEU E 318 -3.79 54.23 -18.02
C LEU E 318 -4.16 54.40 -19.49
N ASP E 319 -4.05 53.32 -20.26
CA ASP E 319 -4.47 53.33 -21.66
C ASP E 319 -5.95 53.69 -21.79
N ALA E 320 -6.77 53.16 -20.90
CA ALA E 320 -8.21 53.41 -20.92
C ALA E 320 -8.54 54.79 -20.35
N VAL E 321 -7.77 55.23 -19.37
CA VAL E 321 -7.97 56.56 -18.78
C VAL E 321 -7.74 57.65 -19.83
N ALA E 322 -6.62 57.56 -20.54
CA ALA E 322 -6.27 58.56 -21.54
C ALA E 322 -7.09 58.37 -22.82
N GLY E 323 -7.48 57.12 -23.09
CA GLY E 323 -8.24 56.80 -24.29
C GLY E 323 -9.69 57.24 -24.24
N PHE E 324 -10.27 57.21 -23.05
CA PHE E 324 -11.69 57.56 -22.88
C PHE E 324 -11.94 58.87 -22.15
N GLN E 325 -10.89 59.67 -21.96
CA GLN E 325 -11.04 60.98 -21.31
C GLN E 325 -11.75 60.88 -19.96
N LEU E 326 -11.29 59.97 -19.11
CA LEU E 326 -11.97 59.68 -17.85
C LEU E 326 -11.63 60.66 -16.74
N CYS E 327 -10.46 61.28 -16.83
CA CYS E 327 -9.99 62.16 -15.76
C CYS E 327 -9.58 63.54 -16.28
N TRP E 328 -9.32 64.45 -15.33
CA TRP E 328 -8.74 65.76 -15.62
C TRP E 328 -9.57 66.55 -16.63
N SER F 4 -2.34 31.81 -60.37
CA SER F 4 -2.01 30.71 -59.48
C SER F 4 -2.70 30.89 -58.14
N HIS F 5 -3.82 30.20 -57.96
CA HIS F 5 -4.88 30.63 -57.05
C HIS F 5 -5.44 29.52 -56.14
N ALA F 6 -4.95 28.29 -56.35
CA ALA F 6 -5.51 27.10 -55.71
C ALA F 6 -5.62 27.18 -54.18
N GLY F 7 -6.72 26.62 -53.68
CA GLY F 7 -7.06 26.62 -52.27
C GLY F 7 -8.58 26.63 -52.27
N THR F 8 -9.22 26.51 -51.11
CA THR F 8 -10.67 26.58 -51.08
C THR F 8 -11.11 27.97 -51.50
N THR F 9 -12.03 28.04 -52.47
CA THR F 9 -12.37 29.32 -53.08
C THR F 9 -13.88 29.47 -53.33
N TYR F 10 -14.38 30.69 -53.17
CA TYR F 10 -15.79 30.99 -53.40
C TYR F 10 -15.97 32.04 -54.48
N ILE F 11 -16.89 31.79 -55.41
CA ILE F 11 -17.21 32.74 -56.45
C ILE F 11 -18.30 33.70 -56.02
N PHE F 12 -17.97 34.98 -55.94
CA PHE F 12 -18.96 36.02 -55.66
C PHE F 12 -19.32 36.71 -56.97
N SER F 13 -20.44 36.34 -57.55
CA SER F 13 -20.84 36.88 -58.85
C SER F 13 -21.88 37.99 -58.69
N LYS F 14 -22.37 38.48 -59.82
CA LYS F 14 -23.31 39.61 -59.84
C LYS F 14 -24.54 39.34 -58.98
N GLY F 15 -25.04 40.39 -58.34
CA GLY F 15 -26.20 40.27 -57.47
C GLY F 15 -25.80 40.28 -56.00
N GLY F 16 -24.51 40.10 -55.74
CA GLY F 16 -24.01 40.13 -54.39
C GLY F 16 -24.07 38.79 -53.70
N GLY F 17 -23.22 38.61 -52.69
CA GLY F 17 -23.15 37.38 -51.94
C GLY F 17 -22.61 37.64 -50.55
N GLN F 18 -22.73 36.65 -49.66
CA GLN F 18 -22.31 36.84 -48.28
C GLN F 18 -22.09 35.52 -47.55
N ILE F 19 -20.91 35.38 -46.95
CA ILE F 19 -20.61 34.26 -46.05
C ILE F 19 -20.43 34.81 -44.64
N THR F 20 -21.16 34.26 -43.68
CA THR F 20 -21.09 34.75 -42.31
C THR F 20 -20.83 33.63 -41.30
N TYR F 21 -20.09 33.97 -40.25
CA TYR F 21 -19.83 33.03 -39.17
C TYR F 21 -20.32 33.64 -37.86
N LYS F 22 -21.07 32.83 -37.11
CA LYS F 22 -21.61 33.27 -35.83
C LYS F 22 -20.88 32.58 -34.68
N TRP F 23 -20.25 33.36 -33.81
CA TRP F 23 -19.63 32.81 -32.62
C TRP F 23 -20.69 32.45 -31.60
N PRO F 24 -20.43 31.45 -30.75
CA PRO F 24 -21.34 31.17 -29.64
C PRO F 24 -21.42 32.40 -28.73
N PRO F 25 -22.60 32.68 -28.15
CA PRO F 25 -22.86 33.92 -27.42
C PRO F 25 -21.87 34.17 -26.29
N ASN F 26 -21.53 33.11 -25.56
CA ASN F 26 -20.59 33.19 -24.45
C ASN F 26 -19.13 33.35 -24.85
N ASP F 27 -18.74 32.74 -25.97
CA ASP F 27 -17.32 32.68 -26.36
C ASP F 27 -16.83 33.78 -27.31
N ARG F 28 -17.65 34.80 -27.56
CA ARG F 28 -17.23 35.92 -28.40
C ARG F 28 -15.89 36.48 -27.90
N PRO F 29 -14.82 36.31 -28.69
CA PRO F 29 -13.47 36.56 -28.17
C PRO F 29 -13.11 38.03 -28.08
N SER F 30 -12.19 38.36 -27.19
CA SER F 30 -11.54 39.66 -27.19
C SER F 30 -10.05 39.45 -27.44
N THR F 31 -9.44 40.35 -28.22
CA THR F 31 -8.06 40.15 -28.64
C THR F 31 -7.24 41.45 -28.57
N ARG F 32 -6.02 41.33 -28.09
CA ARG F 32 -5.09 42.46 -28.06
C ARG F 32 -4.39 42.55 -29.41
N ALA F 33 -4.38 41.45 -30.14
CA ALA F 33 -3.74 41.43 -31.45
C ALA F 33 -4.56 40.62 -32.46
N ASP F 34 -4.49 41.00 -33.73
CA ASP F 34 -5.26 40.34 -34.76
C ASP F 34 -4.41 40.02 -36.00
N ARG F 35 -4.65 38.85 -36.60
CA ARG F 35 -3.92 38.42 -37.79
C ARG F 35 -4.88 38.02 -38.90
N LEU F 36 -4.99 38.85 -39.92
CA LEU F 36 -5.91 38.58 -41.02
C LEU F 36 -5.20 38.43 -42.35
N ALA F 37 -5.43 37.29 -43.01
CA ALA F 37 -4.86 37.00 -44.32
C ALA F 37 -5.93 36.43 -45.24
N ILE F 38 -6.07 37.02 -46.42
CA ILE F 38 -7.10 36.61 -47.37
C ILE F 38 -6.51 36.54 -48.78
N GLY F 39 -6.88 35.49 -49.51
CA GLY F 39 -6.50 35.38 -50.90
C GLY F 39 -7.67 35.76 -51.76
N PHE F 40 -7.42 36.62 -52.75
CA PHE F 40 -8.51 37.12 -53.58
C PHE F 40 -8.07 37.46 -55.00
N SER F 41 -9.07 37.61 -55.87
CA SER F 41 -8.86 38.11 -57.22
C SER F 41 -10.12 38.86 -57.66
N THR F 42 -9.95 40.07 -58.16
CA THR F 42 -11.08 40.90 -58.55
C THR F 42 -10.70 42.02 -59.52
N VAL F 43 -11.71 42.63 -60.11
CA VAL F 43 -11.52 43.72 -61.06
C VAL F 43 -12.29 44.96 -60.62
N GLN F 44 -13.04 44.83 -59.52
CA GLN F 44 -13.88 45.91 -59.00
C GLN F 44 -13.11 47.16 -58.58
N LYS F 45 -13.75 48.31 -58.72
CA LYS F 45 -13.16 49.57 -58.27
C LYS F 45 -13.45 49.81 -56.79
N GLU F 46 -14.64 49.40 -56.35
CA GLU F 46 -15.05 49.60 -54.97
C GLU F 46 -15.80 48.38 -54.42
N ALA F 47 -15.34 47.89 -53.27
CA ALA F 47 -15.98 46.75 -52.61
C ALA F 47 -15.52 46.58 -51.16
N VAL F 48 -16.28 45.78 -50.40
CA VAL F 48 -15.91 45.42 -49.04
C VAL F 48 -15.78 43.91 -48.92
N LEU F 49 -14.58 43.44 -48.66
CA LEU F 49 -14.29 42.01 -48.62
C LEU F 49 -14.75 41.35 -47.33
N VAL F 50 -14.14 41.76 -46.22
CA VAL F 50 -14.43 41.17 -44.92
C VAL F 50 -14.67 42.26 -43.88
N ARG F 51 -15.56 41.98 -42.93
CA ARG F 51 -15.80 42.90 -41.83
C ARG F 51 -16.09 42.13 -40.55
N VAL F 52 -15.33 42.42 -39.50
CA VAL F 52 -15.56 41.80 -38.20
C VAL F 52 -16.20 42.80 -37.26
N ASP F 53 -17.42 42.49 -36.84
CA ASP F 53 -18.20 43.42 -36.03
C ASP F 53 -18.34 42.92 -34.61
N SER F 54 -18.31 43.84 -33.66
CA SER F 54 -18.46 43.49 -32.27
C SER F 54 -19.90 43.13 -31.95
N SER F 55 -20.08 42.50 -30.80
CA SER F 55 -21.40 42.15 -30.30
C SER F 55 -22.27 43.40 -30.18
N SER F 56 -23.56 43.20 -30.03
CA SER F 56 -24.50 44.31 -29.87
C SER F 56 -24.09 45.21 -28.72
N GLY F 57 -24.09 46.51 -28.96
CA GLY F 57 -23.74 47.48 -27.94
C GLY F 57 -22.29 47.93 -27.93
N LEU F 58 -21.52 47.49 -28.92
CA LEU F 58 -20.10 47.88 -29.01
C LEU F 58 -19.71 48.39 -30.40
N GLY F 59 -18.89 49.44 -30.40
CA GLY F 59 -18.49 50.10 -31.63
C GLY F 59 -17.22 49.54 -32.25
N ASP F 60 -16.50 48.70 -31.51
CA ASP F 60 -15.33 48.01 -32.04
C ASP F 60 -15.63 47.30 -33.36
N TYR F 61 -14.79 47.51 -34.36
CA TYR F 61 -14.93 46.79 -35.63
C TYR F 61 -13.65 46.73 -36.45
N LEU F 62 -13.60 45.81 -37.40
CA LEU F 62 -12.48 45.65 -38.32
C LEU F 62 -13.01 45.45 -39.74
N GLU F 63 -12.60 46.30 -40.67
CA GLU F 63 -13.10 46.21 -42.05
C GLU F 63 -11.98 46.19 -43.09
N LEU F 64 -12.01 45.17 -43.95
CA LEU F 64 -11.09 45.09 -45.08
C LEU F 64 -11.84 45.40 -46.37
N HIS F 65 -11.36 46.39 -47.12
CA HIS F 65 -12.09 46.85 -48.29
C HIS F 65 -11.19 47.35 -49.40
N ILE F 66 -11.76 47.45 -50.59
CA ILE F 66 -11.09 48.05 -51.73
C ILE F 66 -11.77 49.39 -52.04
N HIS F 67 -10.95 50.41 -52.25
CA HIS F 67 -11.45 51.74 -52.57
C HIS F 67 -10.55 52.37 -53.62
N GLN F 68 -11.11 52.58 -54.81
CA GLN F 68 -10.36 53.08 -55.96
C GLN F 68 -9.26 52.10 -56.37
N GLY F 69 -9.60 50.81 -56.31
CA GLY F 69 -8.70 49.74 -56.73
C GLY F 69 -7.57 49.47 -55.76
N LYS F 70 -7.52 50.23 -54.68
CA LYS F 70 -6.46 50.10 -53.70
C LYS F 70 -6.97 49.42 -52.43
N ILE F 71 -6.35 48.31 -52.05
CA ILE F 71 -6.76 47.56 -50.87
C ILE F 71 -6.38 48.29 -49.58
N GLY F 72 -7.25 48.23 -48.57
CA GLY F 72 -7.01 48.94 -47.33
C GLY F 72 -7.76 48.35 -46.14
N VAL F 73 -7.39 48.78 -44.94
CA VAL F 73 -8.08 48.33 -43.74
C VAL F 73 -8.41 49.50 -42.80
N LYS F 74 -9.60 49.44 -42.20
CA LYS F 74 -10.07 50.45 -41.27
C LYS F 74 -10.60 49.74 -40.02
N PHE F 75 -10.14 50.15 -38.85
CA PHE F 75 -10.57 49.49 -37.62
C PHE F 75 -10.75 50.45 -36.44
N ASN F 76 -11.48 50.00 -35.43
CA ASN F 76 -11.81 50.79 -34.25
C ASN F 76 -11.78 49.95 -32.97
N VAL F 77 -10.88 50.30 -32.06
CA VAL F 77 -10.75 49.61 -30.78
C VAL F 77 -11.88 49.92 -29.80
N GLY F 78 -12.47 51.10 -29.99
CA GLY F 78 -13.55 51.59 -29.16
C GLY F 78 -13.73 53.07 -29.41
N THR F 79 -12.68 53.83 -29.16
CA THR F 79 -12.73 55.29 -29.27
C THR F 79 -12.71 55.83 -30.71
N ASP F 80 -11.68 55.50 -31.48
CA ASP F 80 -11.47 56.17 -32.77
C ASP F 80 -11.17 55.23 -33.93
N ASP F 81 -11.42 55.71 -35.14
CA ASP F 81 -11.16 54.94 -36.36
C ASP F 81 -9.70 55.04 -36.77
N ILE F 82 -9.11 53.90 -37.12
CA ILE F 82 -7.75 53.87 -37.63
C ILE F 82 -7.70 53.25 -39.01
N ALA F 83 -7.03 53.92 -39.94
CA ALA F 83 -7.02 53.50 -41.34
C ALA F 83 -5.61 53.20 -41.83
N ILE F 84 -5.48 52.18 -42.67
CA ILE F 84 -4.22 51.85 -43.33
C ILE F 84 -4.49 51.27 -44.72
N GLU F 85 -3.80 51.79 -45.73
CA GLU F 85 -4.08 51.42 -47.11
C GLU F 85 -2.82 51.32 -47.96
N GLU F 86 -2.81 50.37 -48.90
CA GLU F 86 -1.76 50.27 -49.91
C GLU F 86 -1.99 51.24 -51.06
N SER F 87 -1.37 52.41 -51.00
CA SER F 87 -1.61 53.45 -51.99
C SER F 87 -0.57 53.51 -53.11
N ASN F 88 0.52 52.76 -52.97
CA ASN F 88 1.55 52.77 -54.02
C ASN F 88 1.09 52.16 -55.33
N ALA F 89 0.18 51.19 -55.26
CA ALA F 89 -0.23 50.47 -56.46
C ALA F 89 -1.66 49.93 -56.38
N ILE F 90 -2.02 49.12 -57.36
CA ILE F 90 -3.39 48.66 -57.55
C ILE F 90 -3.51 47.13 -57.51
N ILE F 91 -4.62 46.62 -56.97
CA ILE F 91 -4.81 45.17 -56.86
C ILE F 91 -6.03 44.64 -57.62
N ASN F 92 -6.77 45.49 -58.30
CA ASN F 92 -7.95 45.03 -59.04
C ASN F 92 -7.66 44.65 -60.49
N ASP F 93 -6.49 44.09 -60.74
CA ASP F 93 -6.12 43.68 -62.10
C ASP F 93 -6.69 42.32 -62.47
N GLY F 94 -7.35 41.66 -61.53
CA GLY F 94 -7.98 40.38 -61.79
C GLY F 94 -7.13 39.18 -61.43
N LYS F 95 -5.86 39.42 -61.11
CA LYS F 95 -4.97 38.34 -60.72
C LYS F 95 -5.05 38.06 -59.23
N TYR F 96 -4.53 36.90 -58.83
CA TYR F 96 -4.54 36.49 -57.43
C TYR F 96 -3.61 37.35 -56.58
N HIS F 97 -4.09 37.76 -55.42
CA HIS F 97 -3.25 38.46 -54.46
C HIS F 97 -3.54 37.96 -53.06
N VAL F 98 -2.54 38.03 -52.19
CA VAL F 98 -2.75 37.77 -50.78
C VAL F 98 -2.40 39.04 -50.02
N VAL F 99 -3.39 39.64 -49.36
CA VAL F 99 -3.13 40.78 -48.52
C VAL F 99 -3.13 40.33 -47.06
N ARG F 100 -2.15 40.81 -46.30
CA ARG F 100 -2.07 40.47 -44.88
C ARG F 100 -2.24 41.68 -43.99
N PHE F 101 -3.16 41.58 -43.04
CA PHE F 101 -3.34 42.64 -42.07
C PHE F 101 -2.95 42.16 -40.68
N THR F 102 -2.32 43.05 -39.92
CA THR F 102 -1.84 42.74 -38.58
C THR F 102 -2.15 43.90 -37.64
N ARG F 103 -2.73 43.59 -36.49
CA ARG F 103 -3.01 44.62 -35.50
C ARG F 103 -2.36 44.27 -34.17
N SER F 104 -1.62 45.21 -33.62
CA SER F 104 -1.12 45.09 -32.25
C SER F 104 -1.53 46.34 -31.51
N GLY F 105 -2.64 46.25 -30.79
CA GLY F 105 -3.23 47.40 -30.12
C GLY F 105 -3.59 48.48 -31.13
N GLY F 106 -2.86 49.60 -31.07
CA GLY F 106 -3.15 50.72 -31.95
C GLY F 106 -2.44 50.51 -33.28
N ASN F 107 -1.36 49.76 -33.24
CA ASN F 107 -0.55 49.49 -34.43
C ASN F 107 -1.23 48.61 -35.46
N ALA F 108 -0.87 48.83 -36.71
CA ALA F 108 -1.40 48.03 -37.79
C ALA F 108 -0.34 47.74 -38.83
N THR F 109 -0.56 46.67 -39.59
CA THR F 109 0.36 46.26 -40.64
C THR F 109 -0.45 45.73 -41.81
N LEU F 110 -0.06 46.18 -43.00
CA LEU F 110 -0.71 45.74 -44.21
C LEU F 110 0.41 45.30 -45.14
N GLN F 111 0.22 44.19 -45.84
CA GLN F 111 1.19 43.84 -46.86
C GLN F 111 0.53 43.14 -48.02
N VAL F 112 0.64 43.74 -49.19
CA VAL F 112 0.20 43.11 -50.42
C VAL F 112 1.18 42.02 -50.75
N ASP F 113 0.71 41.03 -51.51
CA ASP F 113 1.54 39.89 -51.85
C ASP F 113 2.82 40.34 -52.55
N SER F 114 3.95 39.98 -51.97
CA SER F 114 5.28 40.19 -52.56
C SER F 114 5.62 41.65 -52.85
N TRP F 115 5.07 42.57 -52.08
CA TRP F 115 5.35 44.00 -52.24
C TRP F 115 5.94 44.50 -50.92
N PRO F 116 6.52 45.72 -50.91
CA PRO F 116 6.99 46.26 -49.63
C PRO F 116 5.91 46.27 -48.56
N VAL F 117 6.27 45.87 -47.35
CA VAL F 117 5.32 45.83 -46.23
C VAL F 117 4.95 47.23 -45.76
N ILE F 118 3.68 47.43 -45.43
CA ILE F 118 3.23 48.73 -44.93
C ILE F 118 3.08 48.64 -43.42
N GLU F 119 3.74 49.53 -42.70
CA GLU F 119 3.58 49.56 -41.25
C GLU F 119 3.11 50.93 -40.82
N ARG F 120 2.12 50.92 -39.92
CA ARG F 120 1.52 52.16 -39.47
C ARG F 120 1.36 52.17 -37.96
N TYR F 121 1.95 53.17 -37.32
CA TYR F 121 1.98 53.27 -35.87
C TYR F 121 1.29 54.53 -35.39
N PRO F 122 0.20 54.39 -34.64
CA PRO F 122 -0.55 55.54 -34.13
C PRO F 122 0.27 56.29 -33.08
N ALA F 123 0.06 57.59 -32.99
CA ALA F 123 0.76 58.41 -32.00
C ALA F 123 0.18 58.22 -30.61
N GLY F 124 1.03 58.37 -29.60
CA GLY F 124 0.59 58.30 -28.22
C GLY F 124 0.15 56.91 -27.83
N ARG F 125 -0.63 56.80 -26.75
CA ARG F 125 -1.09 55.51 -26.28
C ARG F 125 -2.55 55.28 -26.70
N GLN F 126 -2.78 54.13 -27.31
CA GLN F 126 -4.11 53.79 -27.81
C GLN F 126 -4.73 52.65 -27.02
N LEU F 127 -6.03 52.48 -27.21
CA LEU F 127 -6.73 51.33 -26.67
C LEU F 127 -6.21 50.08 -27.37
N THR F 128 -6.05 48.99 -26.62
CA THR F 128 -5.40 47.82 -27.19
C THR F 128 -6.34 46.66 -27.46
N ILE F 129 -7.62 46.79 -27.11
CA ILE F 129 -8.47 45.61 -27.22
C ILE F 129 -9.74 45.72 -28.06
N PHE F 130 -9.77 44.84 -29.07
CA PHE F 130 -10.91 44.62 -29.93
C PHE F 130 -11.90 43.79 -29.16
N ASN F 131 -13.08 44.34 -28.90
CA ASN F 131 -13.89 43.90 -27.78
C ASN F 131 -15.12 43.06 -28.14
N SER F 132 -15.07 41.78 -27.75
CA SER F 132 -16.14 40.80 -27.93
C SER F 132 -16.67 40.63 -29.36
N GLN F 133 -15.85 40.06 -30.25
CA GLN F 133 -16.21 39.80 -31.64
C GLN F 133 -17.43 38.87 -31.80
N ALA F 134 -18.41 39.31 -32.59
CA ALA F 134 -19.66 38.55 -32.73
C ALA F 134 -19.78 37.85 -34.08
N THR F 135 -19.42 38.54 -35.16
CA THR F 135 -19.58 38.00 -36.51
C THR F 135 -18.45 38.35 -37.45
N ILE F 136 -18.18 37.45 -38.39
CA ILE F 136 -17.35 37.74 -39.54
C ILE F 136 -18.25 37.75 -40.76
N ILE F 137 -18.29 38.87 -41.47
CA ILE F 137 -19.20 39.01 -42.61
C ILE F 137 -18.42 39.16 -43.91
N ILE F 138 -18.24 38.03 -44.60
CA ILE F 138 -17.53 38.01 -45.86
C ILE F 138 -18.46 38.25 -47.04
N GLY F 139 -18.25 39.34 -47.76
CA GLY F 139 -19.08 39.67 -48.90
C GLY F 139 -19.35 41.16 -49.02
N GLY F 140 -19.58 41.80 -47.89
CA GLY F 140 -19.80 43.23 -47.86
C GLY F 140 -21.09 43.62 -48.56
N LYS F 141 -22.09 42.75 -48.48
CA LYS F 141 -23.39 43.05 -49.06
C LYS F 141 -24.15 44.04 -48.18
N GLU F 142 -24.15 43.78 -46.87
CA GLU F 142 -24.86 44.63 -45.91
C GLU F 142 -24.30 46.05 -45.85
N GLN F 143 -23.07 46.23 -46.31
CA GLN F 143 -22.44 47.56 -46.31
C GLN F 143 -22.78 48.34 -47.58
N GLY F 144 -23.51 47.71 -48.49
CA GLY F 144 -23.90 48.34 -49.74
C GLY F 144 -22.77 48.44 -50.74
N GLN F 145 -21.81 47.54 -50.63
CA GLN F 145 -20.70 47.43 -51.58
C GLN F 145 -20.31 45.98 -51.80
N PRO F 146 -21.24 45.15 -52.28
CA PRO F 146 -20.93 43.71 -52.41
C PRO F 146 -19.71 43.44 -53.29
N PHE F 147 -18.97 42.40 -52.93
CA PHE F 147 -17.75 42.05 -53.65
C PHE F 147 -18.04 41.08 -54.79
N GLN F 148 -17.30 41.24 -55.89
CA GLN F 148 -17.44 40.36 -57.04
C GLN F 148 -16.09 39.80 -57.50
N GLY F 149 -15.89 38.50 -57.32
CA GLY F 149 -14.65 37.84 -57.66
C GLY F 149 -14.46 36.51 -56.95
N GLN F 150 -13.21 36.15 -56.66
CA GLN F 150 -12.90 34.89 -55.99
C GLN F 150 -12.11 35.09 -54.70
N LEU F 151 -12.50 34.40 -53.63
CA LEU F 151 -11.80 34.49 -52.35
C LEU F 151 -11.28 33.15 -51.88
N SER F 152 -10.00 33.10 -51.49
CA SER F 152 -9.39 31.83 -51.05
C SER F 152 -8.53 31.95 -49.81
N GLY F 153 -8.46 30.88 -49.02
CA GLY F 153 -7.57 30.80 -47.89
C GLY F 153 -7.67 31.92 -46.87
N LEU F 154 -8.89 32.34 -46.57
CA LEU F 154 -9.10 33.39 -45.57
C LEU F 154 -8.64 32.91 -44.20
N TYR F 155 -7.91 33.76 -43.50
CA TYR F 155 -7.35 33.43 -42.20
C TYR F 155 -7.63 34.54 -41.20
N TYR F 156 -8.27 34.21 -40.08
CA TYR F 156 -8.50 35.20 -39.04
C TYR F 156 -8.29 34.63 -37.64
N ASN F 157 -7.17 35.00 -37.03
CA ASN F 157 -6.82 34.58 -35.67
C ASN F 157 -6.86 33.06 -35.47
N GLY F 158 -6.30 32.33 -36.42
CA GLY F 158 -6.23 30.88 -36.33
C GLY F 158 -7.38 30.18 -37.01
N LEU F 159 -8.37 30.95 -37.45
CA LEU F 159 -9.54 30.40 -38.11
C LEU F 159 -9.45 30.45 -39.63
N LYS F 160 -9.57 29.29 -40.26
CA LYS F 160 -9.69 29.21 -41.72
C LYS F 160 -11.18 29.22 -42.06
N VAL F 161 -11.76 30.42 -42.11
CA VAL F 161 -13.22 30.56 -42.17
C VAL F 161 -13.84 29.99 -43.45
N LEU F 162 -13.22 30.25 -44.60
CA LEU F 162 -13.74 29.73 -45.87
C LEU F 162 -13.68 28.20 -45.90
N ASN F 163 -12.58 27.66 -45.41
CA ASN F 163 -12.40 26.21 -45.29
C ASN F 163 -13.48 25.62 -44.36
N MET F 164 -13.88 26.39 -43.36
CA MET F 164 -14.91 25.96 -42.42
C MET F 164 -16.30 26.01 -43.05
N ALA F 165 -16.47 26.92 -44.02
CA ALA F 165 -17.73 27.04 -44.75
C ALA F 165 -17.88 25.88 -45.74
N ALA F 166 -16.75 25.42 -46.28
CA ALA F 166 -16.73 24.28 -47.20
C ALA F 166 -16.92 22.96 -46.46
N GLU F 167 -16.93 23.02 -45.13
CA GLU F 167 -17.14 21.85 -44.31
C GLU F 167 -18.51 21.89 -43.64
N ASN F 168 -19.36 22.80 -44.12
CA ASN F 168 -20.72 22.96 -43.64
C ASN F 168 -20.84 23.08 -42.12
N ASP F 169 -19.96 23.87 -41.52
CA ASP F 169 -20.01 24.12 -40.08
C ASP F 169 -21.37 24.69 -39.73
N ALA F 170 -21.95 24.21 -38.63
CA ALA F 170 -23.32 24.53 -38.26
C ALA F 170 -23.55 26.03 -38.12
N ASN F 171 -22.55 26.73 -37.56
CA ASN F 171 -22.65 28.18 -37.35
C ASN F 171 -22.72 28.97 -38.65
N ILE F 172 -21.97 28.51 -39.66
CA ILE F 172 -21.91 29.17 -40.96
C ILE F 172 -23.28 29.38 -41.60
N ALA F 173 -23.50 30.58 -42.15
CA ALA F 173 -24.72 30.90 -42.87
C ALA F 173 -24.38 31.42 -44.27
N ILE F 174 -24.70 30.62 -45.27
CA ILE F 174 -24.41 30.97 -46.66
C ILE F 174 -25.66 31.55 -47.33
N VAL F 175 -25.54 32.77 -47.83
CA VAL F 175 -26.69 33.48 -48.41
C VAL F 175 -26.25 34.24 -49.67
N GLY F 176 -27.15 34.33 -50.65
CA GLY F 176 -26.88 35.07 -51.88
C GLY F 176 -26.24 34.22 -52.96
N ASN F 177 -25.74 34.87 -53.99
CA ASN F 177 -25.17 34.18 -55.14
C ASN F 177 -23.69 33.85 -54.91
N VAL F 178 -23.44 32.82 -54.09
CA VAL F 178 -22.09 32.36 -53.82
C VAL F 178 -21.96 30.87 -54.12
N ARG F 179 -20.91 30.51 -54.86
CA ARG F 179 -20.67 29.12 -55.23
C ARG F 179 -19.29 28.65 -54.79
N LEU F 180 -19.22 27.44 -54.26
CA LEU F 180 -17.96 26.85 -53.82
C LEU F 180 -17.35 26.00 -54.93
N VAL F 181 -16.63 26.66 -55.84
CA VAL F 181 -15.96 25.97 -56.93
C VAL F 181 -14.86 25.03 -56.43
N CYS G 1 -18.76 20.87 -12.14
CA CYS G 1 -17.64 20.38 -11.37
C CYS G 1 -17.49 18.86 -11.52
N PRO G 2 -16.26 18.41 -11.82
CA PRO G 2 -15.90 16.99 -12.02
C PRO G 2 -16.22 16.12 -10.80
N PRO G 3 -16.43 14.82 -11.02
CA PRO G 3 -16.89 13.88 -9.98
C PRO G 3 -15.87 13.65 -8.86
N LYS G 4 -16.37 13.35 -7.66
CA LYS G 4 -15.55 13.06 -6.48
C LYS G 4 -14.77 14.29 -5.99
N CYS G 5 -15.06 15.44 -6.57
CA CYS G 5 -14.31 16.66 -6.27
C CYS G 5 -15.22 17.76 -5.75
N ARG G 6 -14.89 18.33 -4.61
CA ARG G 6 -15.64 19.48 -4.11
C ARG G 6 -14.94 20.77 -4.53
N CYS G 7 -15.72 21.73 -5.00
CA CYS G 7 -15.16 22.98 -5.50
C CYS G 7 -15.69 24.19 -4.74
N GLU G 8 -14.82 24.81 -3.95
CA GLU G 8 -15.21 25.97 -3.15
C GLU G 8 -15.44 27.19 -4.03
N LYS G 9 -14.64 27.31 -5.09
CA LYS G 9 -14.79 28.38 -6.07
C LYS G 9 -14.39 27.89 -7.45
N LEU G 10 -13.51 28.63 -8.10
CA LEU G 10 -12.84 28.16 -9.30
C LEU G 10 -11.70 27.25 -8.87
N LEU G 11 -11.43 27.27 -7.58
CA LEU G 11 -10.47 26.37 -6.94
C LEU G 11 -11.06 24.97 -6.80
N PHE G 12 -10.32 23.96 -7.25
CA PHE G 12 -10.80 22.58 -7.20
C PHE G 12 -10.01 21.78 -6.16
N TYR G 13 -10.71 21.26 -5.16
CA TYR G 13 -10.05 20.49 -4.10
C TYR G 13 -10.34 18.99 -4.23
N CYS G 14 -9.42 18.26 -4.84
CA CYS G 14 -9.64 16.84 -5.11
C CYS G 14 -8.67 15.96 -4.30
N ASP G 15 -8.35 16.39 -3.09
CA ASP G 15 -7.47 15.64 -2.21
C ASP G 15 -8.09 14.33 -1.72
N SER G 16 -7.24 13.35 -1.45
CA SER G 16 -7.62 12.10 -0.80
C SER G 16 -8.77 11.36 -1.48
N GLN G 17 -8.70 11.23 -2.80
CA GLN G 17 -9.61 10.39 -3.54
C GLN G 17 -8.76 9.47 -4.41
N GLY G 18 -9.33 8.35 -4.85
CA GLY G 18 -8.57 7.40 -5.62
C GLY G 18 -8.48 7.82 -7.07
N PHE G 19 -7.62 8.80 -7.35
CA PHE G 19 -7.42 9.27 -8.71
C PHE G 19 -6.09 8.74 -9.22
N HIS G 20 -6.14 8.01 -10.33
CA HIS G 20 -4.91 7.49 -10.92
C HIS G 20 -4.44 8.36 -12.09
N SER G 21 -5.26 9.36 -12.44
CA SER G 21 -4.86 10.41 -13.39
C SER G 21 -5.70 11.65 -13.18
N VAL G 22 -5.29 12.75 -13.82
CA VAL G 22 -6.02 14.00 -13.74
C VAL G 22 -7.39 13.87 -14.40
N PRO G 23 -8.44 14.28 -13.67
CA PRO G 23 -9.81 14.22 -14.22
C PRO G 23 -10.06 15.29 -15.28
N ASN G 24 -10.83 14.96 -16.30
CA ASN G 24 -11.24 15.97 -17.27
C ASN G 24 -12.22 16.91 -16.58
N ALA G 25 -12.23 18.18 -16.96
CA ALA G 25 -13.02 19.17 -16.23
C ALA G 25 -14.12 19.82 -17.05
N THR G 26 -15.32 19.83 -16.50
CA THR G 26 -16.46 20.50 -17.13
C THR G 26 -16.18 21.99 -17.25
N ASP G 27 -15.60 22.55 -16.19
CA ASP G 27 -15.21 23.96 -16.15
C ASP G 27 -13.70 24.05 -16.35
N LYS G 28 -13.28 24.74 -17.41
CA LYS G 28 -11.86 24.81 -17.73
C LYS G 28 -11.22 26.12 -17.33
N GLY G 29 -11.97 26.97 -16.64
CA GLY G 29 -11.45 28.25 -16.19
C GLY G 29 -11.05 28.24 -14.72
N SER G 30 -10.63 27.08 -14.24
CA SER G 30 -10.23 26.91 -12.83
C SER G 30 -8.93 27.63 -12.50
N LEU G 31 -8.90 28.23 -11.32
CA LEU G 31 -7.72 28.98 -10.86
C LEU G 31 -6.73 28.09 -10.11
N GLY G 32 -7.23 27.17 -9.32
CA GLY G 32 -6.37 26.27 -8.56
C GLY G 32 -6.84 24.83 -8.55
N LEU G 33 -5.89 23.91 -8.41
CA LEU G 33 -6.18 22.49 -8.44
C LEU G 33 -5.34 21.72 -7.42
N SER G 34 -6.02 20.94 -6.59
CA SER G 34 -5.35 20.16 -5.56
C SER G 34 -5.61 18.66 -5.78
N LEU G 35 -4.55 17.90 -5.98
CA LEU G 35 -4.65 16.46 -6.20
C LEU G 35 -3.78 15.70 -5.22
N ARG G 36 -3.88 16.08 -3.96
CA ARG G 36 -3.04 15.53 -2.92
C ARG G 36 -3.52 14.16 -2.43
N HIS G 37 -2.56 13.29 -2.11
CA HIS G 37 -2.82 11.98 -1.53
C HIS G 37 -3.76 11.11 -2.37
N ASN G 38 -3.53 11.09 -3.68
CA ASN G 38 -4.21 10.16 -4.58
C ASN G 38 -3.17 9.11 -4.95
N HIS G 39 -3.45 8.27 -5.96
CA HIS G 39 -2.42 7.38 -6.51
C HIS G 39 -2.19 7.68 -7.98
N ILE G 40 -1.74 8.88 -8.29
CA ILE G 40 -1.34 9.21 -9.66
C ILE G 40 0.09 8.74 -9.89
N THR G 41 0.28 7.98 -10.97
CA THR G 41 1.58 7.36 -11.23
C THR G 41 2.27 7.96 -12.45
N GLU G 42 1.53 8.75 -13.22
CA GLU G 42 2.06 9.27 -14.48
C GLU G 42 1.43 10.62 -14.84
N LEU G 43 2.24 11.50 -15.43
CA LEU G 43 1.75 12.79 -15.90
C LEU G 43 1.86 12.92 -17.42
N GLU G 44 0.72 12.91 -18.10
CA GLU G 44 0.67 12.90 -19.56
C GLU G 44 1.01 14.26 -20.18
N ARG G 45 1.31 14.24 -21.48
CA ARG G 45 1.52 15.45 -22.23
C ARG G 45 0.23 16.28 -22.24
N ASP G 46 0.37 17.58 -22.04
CA ASP G 46 -0.77 18.51 -22.04
C ASP G 46 -1.90 18.04 -21.12
N GLN G 47 -1.54 17.46 -19.99
CA GLN G 47 -2.53 16.94 -19.07
C GLN G 47 -3.39 18.04 -18.47
N PHE G 48 -2.78 19.20 -18.28
CA PHE G 48 -3.47 20.34 -17.67
C PHE G 48 -3.84 21.37 -18.73
N ALA G 49 -3.91 20.92 -19.98
CA ALA G 49 -4.24 21.78 -21.09
C ALA G 49 -5.60 22.44 -20.91
N SER G 50 -6.52 21.73 -20.25
CA SER G 50 -7.83 22.27 -19.95
C SER G 50 -7.75 23.36 -18.88
N PHE G 51 -6.90 23.14 -17.87
CA PHE G 51 -6.73 24.12 -16.80
C PHE G 51 -5.72 25.20 -17.15
N SER G 52 -5.98 26.00 -18.18
CA SER G 52 -5.00 27.00 -18.61
C SER G 52 -4.79 28.07 -17.54
N GLN G 53 -5.88 28.47 -16.89
CA GLN G 53 -5.89 29.59 -15.96
C GLN G 53 -5.38 29.23 -14.56
N LEU G 54 -4.78 28.05 -14.42
CA LEU G 54 -4.27 27.59 -13.14
C LEU G 54 -3.14 28.47 -12.62
N THR G 55 -3.28 28.94 -11.38
CA THR G 55 -2.24 29.73 -10.73
C THR G 55 -1.44 28.89 -9.76
N TRP G 56 -2.11 27.99 -9.05
CA TRP G 56 -1.40 27.02 -8.22
C TRP G 56 -1.90 25.59 -8.46
N LEU G 57 -0.98 24.64 -8.38
CA LEU G 57 -1.25 23.24 -8.68
C LEU G 57 -0.54 22.32 -7.67
N HIS G 58 -1.32 21.59 -6.87
CA HIS G 58 -0.76 20.72 -5.85
C HIS G 58 -0.84 19.24 -6.22
N LEU G 59 0.32 18.62 -6.45
CA LEU G 59 0.39 17.21 -6.83
C LEU G 59 1.20 16.37 -5.83
N ASP G 60 1.31 16.86 -4.59
CA ASP G 60 2.12 16.19 -3.59
C ASP G 60 1.53 14.85 -3.14
N HIS G 61 2.40 13.98 -2.65
CA HIS G 61 2.02 12.67 -2.09
C HIS G 61 1.25 11.82 -3.10
N ASN G 62 1.82 11.73 -4.30
CA ASN G 62 1.34 10.84 -5.33
C ASN G 62 2.50 9.93 -5.74
N GLN G 63 2.19 8.77 -6.32
CA GLN G 63 3.26 7.87 -6.72
C GLN G 63 3.84 8.18 -8.09
N ILE G 64 3.77 9.45 -8.49
CA ILE G 64 4.28 9.88 -9.80
C ILE G 64 5.72 9.47 -10.02
N SER G 65 5.96 8.75 -11.12
CA SER G 65 7.28 8.21 -11.41
C SER G 65 7.80 8.67 -12.77
N THR G 66 6.88 8.91 -13.70
CA THR G 66 7.26 9.35 -15.04
C THR G 66 6.54 10.62 -15.44
N VAL G 67 7.30 11.63 -15.84
CA VAL G 67 6.75 12.90 -16.28
C VAL G 67 7.10 13.12 -17.76
N LYS G 68 6.07 13.07 -18.61
CA LYS G 68 6.30 13.22 -20.04
C LYS G 68 6.70 14.66 -20.37
N GLU G 69 7.36 14.84 -21.50
CA GLU G 69 7.74 16.16 -21.95
C GLU G 69 6.47 16.97 -22.21
N ASP G 70 6.54 18.27 -21.97
CA ASP G 70 5.39 19.16 -22.19
C ASP G 70 4.20 18.76 -21.32
N ALA G 71 4.48 18.26 -20.12
CA ALA G 71 3.41 17.83 -19.22
C ALA G 71 2.61 19.02 -18.69
N PHE G 72 3.30 20.12 -18.44
CA PHE G 72 2.66 21.30 -17.85
C PHE G 72 2.40 22.39 -18.87
N GLN G 73 2.38 22.04 -20.15
CA GLN G 73 2.32 23.05 -21.21
C GLN G 73 1.06 23.91 -21.11
N GLY G 74 1.20 25.18 -21.43
CA GLY G 74 0.08 26.11 -21.45
C GLY G 74 -0.23 26.75 -20.11
N LEU G 75 0.46 26.32 -19.06
CA LEU G 75 0.23 26.87 -17.73
C LEU G 75 1.06 28.14 -17.51
N TYR G 76 0.77 29.15 -18.33
CA TYR G 76 1.53 30.39 -18.30
C TYR G 76 1.29 31.16 -17.00
N LYS G 77 0.09 31.04 -16.45
CA LYS G 77 -0.29 31.79 -15.26
C LYS G 77 0.02 31.06 -13.95
N LEU G 78 0.60 29.85 -14.05
CA LEU G 78 0.96 29.08 -12.88
C LEU G 78 2.12 29.71 -12.12
N LYS G 79 1.94 29.94 -10.83
CA LYS G 79 3.00 30.51 -10.01
C LYS G 79 3.40 29.64 -8.82
N GLU G 80 2.62 28.61 -8.52
CA GLU G 80 3.03 27.63 -7.52
C GLU G 80 2.83 26.19 -8.00
N LEU G 81 3.90 25.40 -7.97
CA LEU G 81 3.82 24.01 -8.36
C LEU G 81 4.46 23.10 -7.31
N ILE G 82 3.63 22.26 -6.67
CA ILE G 82 4.11 21.37 -5.63
C ILE G 82 4.16 19.93 -6.15
N LEU G 83 5.37 19.38 -6.23
CA LEU G 83 5.54 18.01 -6.71
C LEU G 83 6.28 17.14 -5.69
N SER G 84 6.18 17.50 -4.41
CA SER G 84 6.92 16.80 -3.38
C SER G 84 6.27 15.46 -3.01
N SER G 85 7.05 14.60 -2.34
CA SER G 85 6.60 13.29 -1.86
C SER G 85 6.10 12.39 -2.99
N ASN G 86 6.89 12.28 -4.05
CA ASN G 86 6.56 11.39 -5.15
C ASN G 86 7.72 10.44 -5.42
N LYS G 87 7.73 9.82 -6.59
CA LYS G 87 8.83 8.94 -6.95
C LYS G 87 9.51 9.39 -8.24
N ILE G 88 9.52 10.70 -8.45
CA ILE G 88 10.13 11.29 -9.63
C ILE G 88 11.64 11.14 -9.59
N PHE G 89 12.23 10.67 -10.69
CA PHE G 89 13.68 10.47 -10.75
C PHE G 89 14.30 11.02 -12.03
N TYR G 90 13.46 11.30 -13.03
CA TYR G 90 13.94 11.95 -14.25
C TYR G 90 13.00 13.05 -14.71
N LEU G 91 13.57 14.19 -15.08
CA LEU G 91 12.77 15.31 -15.59
C LEU G 91 13.34 15.82 -16.91
N PRO G 92 12.51 15.79 -17.96
CA PRO G 92 12.88 16.26 -19.29
C PRO G 92 13.28 17.73 -19.23
N ASN G 93 14.31 18.13 -19.98
CA ASN G 93 14.85 19.49 -19.82
C ASN G 93 13.86 20.60 -20.13
N THR G 94 12.80 20.30 -20.85
CA THR G 94 11.86 21.32 -21.27
C THR G 94 10.63 21.34 -20.37
N THR G 95 10.70 20.66 -19.23
CA THR G 95 9.50 20.40 -18.44
C THR G 95 9.00 21.64 -17.68
N PHE G 96 9.91 22.55 -17.33
CA PHE G 96 9.51 23.73 -16.56
C PHE G 96 9.70 25.04 -17.34
N THR G 97 10.42 24.97 -18.45
CA THR G 97 10.81 26.17 -19.18
C THR G 97 9.63 27.03 -19.63
N GLN G 98 8.52 26.40 -19.98
CA GLN G 98 7.33 27.13 -20.40
C GLN G 98 6.65 27.88 -19.24
N LEU G 99 6.75 27.33 -18.03
CA LEU G 99 6.08 27.93 -16.87
C LEU G 99 6.83 29.17 -16.40
N ILE G 100 6.57 30.30 -17.05
CA ILE G 100 7.35 31.50 -16.82
C ILE G 100 7.06 32.20 -15.48
N ASN G 101 5.80 32.22 -15.07
CA ASN G 101 5.41 33.01 -13.89
C ASN G 101 5.54 32.22 -12.60
N LEU G 102 6.23 31.09 -12.67
CA LEU G 102 6.43 30.21 -11.53
C LEU G 102 7.19 30.93 -10.42
N GLN G 103 6.66 30.86 -9.20
CA GLN G 103 7.26 31.54 -8.07
C GLN G 103 7.74 30.56 -7.01
N ASN G 104 6.96 29.50 -6.81
CA ASN G 104 7.28 28.49 -5.82
C ASN G 104 7.27 27.12 -6.48
N LEU G 105 8.43 26.47 -6.49
CA LEU G 105 8.54 25.13 -7.05
C LEU G 105 9.09 24.15 -6.02
N ASP G 106 8.33 23.09 -5.77
CA ASP G 106 8.71 22.10 -4.77
C ASP G 106 8.96 20.75 -5.44
N LEU G 107 10.18 20.24 -5.28
CA LEU G 107 10.56 18.94 -5.82
C LEU G 107 11.15 18.07 -4.73
N SER G 108 10.81 18.37 -3.48
CA SER G 108 11.40 17.67 -2.34
C SER G 108 10.81 16.27 -2.18
N PHE G 109 11.51 15.44 -1.43
CA PHE G 109 11.07 14.07 -1.14
C PHE G 109 10.80 13.28 -2.41
N ASN G 110 11.76 13.31 -3.32
CA ASN G 110 11.68 12.56 -4.57
C ASN G 110 12.95 11.75 -4.77
N GLN G 111 13.02 11.00 -5.86
CA GLN G 111 14.20 10.18 -6.13
C GLN G 111 15.07 10.77 -7.24
N LEU G 112 15.24 12.08 -7.25
CA LEU G 112 16.08 12.73 -8.25
C LEU G 112 17.54 12.45 -7.95
N SER G 113 18.28 12.02 -8.97
CA SER G 113 19.70 11.70 -8.79
C SER G 113 20.57 12.73 -9.50
N SER G 114 20.01 13.37 -10.51
CA SER G 114 20.71 14.40 -11.26
C SER G 114 19.72 15.36 -11.92
N LEU G 115 20.22 16.53 -12.30
CA LEU G 115 19.37 17.55 -12.90
C LEU G 115 19.96 18.09 -14.21
N HIS G 116 19.11 18.22 -15.21
CA HIS G 116 19.53 18.77 -16.49
C HIS G 116 19.95 20.24 -16.32
N PRO G 117 21.18 20.57 -16.74
CA PRO G 117 21.76 21.91 -16.59
C PRO G 117 20.89 23.05 -17.09
N GLU G 118 19.88 22.75 -17.90
CA GLU G 118 18.96 23.78 -18.38
C GLU G 118 17.53 23.55 -17.88
N LEU G 119 17.40 22.84 -16.78
CA LEU G 119 16.08 22.49 -16.25
C LEU G 119 15.34 23.72 -15.75
N PHE G 120 16.06 24.61 -15.10
CA PHE G 120 15.46 25.78 -14.47
C PHE G 120 15.70 27.06 -15.27
N TYR G 121 16.08 26.92 -16.54
CA TYR G 121 16.24 28.07 -17.40
C TYR G 121 14.91 28.80 -17.61
N GLY G 122 14.96 30.13 -17.57
CA GLY G 122 13.79 30.94 -17.81
C GLY G 122 12.78 30.96 -16.68
N LEU G 123 13.25 30.80 -15.45
CA LEU G 123 12.39 30.87 -14.29
C LEU G 123 12.73 32.12 -13.47
N ARG G 124 12.69 33.27 -14.14
CA ARG G 124 13.15 34.52 -13.56
C ARG G 124 12.29 35.01 -12.41
N LYS G 125 11.03 34.56 -12.35
CA LYS G 125 10.13 35.02 -11.30
C LYS G 125 10.11 34.04 -10.12
N LEU G 126 10.97 33.03 -10.19
CA LEU G 126 11.06 32.03 -9.13
C LEU G 126 11.65 32.65 -7.87
N GLN G 127 10.99 32.45 -6.74
CA GLN G 127 11.45 32.99 -5.47
C GLN G 127 11.97 31.90 -4.54
N THR G 128 11.25 30.78 -4.51
CA THR G 128 11.61 29.66 -3.64
C THR G 128 11.75 28.36 -4.42
N LEU G 129 12.73 27.55 -4.05
CA LEU G 129 12.98 26.28 -4.71
C LEU G 129 13.33 25.19 -3.70
N HIS G 130 12.45 24.21 -3.55
CA HIS G 130 12.64 23.15 -2.56
C HIS G 130 13.12 21.85 -3.21
N LEU G 131 14.39 21.52 -3.01
CA LEU G 131 14.94 20.28 -3.52
C LEU G 131 15.41 19.37 -2.39
N ARG G 132 14.78 19.51 -1.22
CA ARG G 132 15.16 18.77 -0.04
C ARG G 132 14.95 17.27 -0.26
N SER G 133 15.74 16.46 0.43
CA SER G 133 15.49 15.03 0.51
C SER G 133 15.43 14.34 -0.84
N ASN G 134 16.46 14.58 -1.64
CA ASN G 134 16.65 13.89 -2.90
C ASN G 134 17.99 13.18 -2.84
N SER G 135 18.34 12.43 -3.88
CA SER G 135 19.63 11.74 -3.88
C SER G 135 20.62 12.35 -4.87
N LEU G 136 20.55 13.67 -5.04
CA LEU G 136 21.51 14.38 -5.89
C LEU G 136 22.95 14.23 -5.38
N ARG G 137 23.87 13.94 -6.30
CA ARG G 137 25.27 13.75 -5.96
C ARG G 137 26.11 14.93 -6.43
N THR G 138 25.64 15.58 -7.51
CA THR G 138 26.33 16.73 -8.07
C THR G 138 25.34 17.76 -8.57
N ILE G 139 25.82 18.97 -8.83
CA ILE G 139 24.95 20.05 -9.27
C ILE G 139 25.57 20.88 -10.39
N PRO G 140 24.89 20.94 -11.55
CA PRO G 140 25.36 21.60 -12.76
C PRO G 140 25.78 23.05 -12.51
N VAL G 141 26.84 23.48 -13.17
CA VAL G 141 27.41 24.80 -12.93
C VAL G 141 26.47 25.92 -13.38
N ARG G 142 25.63 25.61 -14.36
CA ARG G 142 24.79 26.64 -14.98
C ARG G 142 23.33 26.59 -14.54
N LEU G 143 23.03 25.72 -13.57
CA LEU G 143 21.64 25.39 -13.26
C LEU G 143 20.83 26.62 -12.85
N PHE G 144 21.44 27.49 -12.05
CA PHE G 144 20.75 28.65 -11.51
C PHE G 144 21.08 29.94 -12.25
N TRP G 145 21.53 29.81 -13.49
CA TRP G 145 21.96 30.98 -14.26
C TRP G 145 20.81 31.96 -14.49
N ASP G 146 19.61 31.43 -14.69
CA ASP G 146 18.44 32.27 -14.98
C ASP G 146 17.60 32.61 -13.75
N CYS G 147 17.96 32.05 -12.59
CA CYS G 147 17.16 32.24 -11.38
C CYS G 147 17.48 33.56 -10.70
N ARG G 148 17.12 34.65 -11.37
CA ARG G 148 17.52 35.98 -10.94
C ARG G 148 16.90 36.42 -9.62
N SER G 149 15.63 36.09 -9.41
CA SER G 149 14.92 36.57 -8.23
C SER G 149 14.70 35.47 -7.18
N LEU G 150 15.43 34.37 -7.30
CA LEU G 150 15.39 33.32 -6.29
C LEU G 150 16.00 33.84 -5.00
N GLU G 151 15.31 33.66 -3.88
CA GLU G 151 15.84 34.10 -2.60
C GLU G 151 15.81 33.02 -1.53
N PHE G 152 15.29 31.84 -1.87
CA PHE G 152 15.33 30.68 -0.97
C PHE G 152 15.63 29.39 -1.73
N LEU G 153 16.71 28.73 -1.34
CA LEU G 153 17.11 27.49 -2.00
C LEU G 153 17.37 26.39 -0.98
N ASP G 154 16.67 25.28 -1.12
CA ASP G 154 16.78 24.18 -0.17
C ASP G 154 17.37 22.94 -0.85
N LEU G 155 18.61 22.62 -0.49
CA LEU G 155 19.28 21.45 -1.04
C LEU G 155 19.66 20.46 0.05
N SER G 156 18.95 20.50 1.16
CA SER G 156 19.31 19.69 2.32
C SER G 156 18.93 18.23 2.11
N THR G 157 19.55 17.37 2.91
CA THR G 157 19.32 15.93 2.88
C THR G 157 19.50 15.35 1.47
N ASN G 158 20.67 15.59 0.89
CA ASN G 158 21.03 14.96 -0.37
C ASN G 158 22.35 14.20 -0.24
N ARG G 159 23.01 13.95 -1.36
CA ARG G 159 24.28 13.26 -1.35
C ARG G 159 25.35 14.09 -2.05
N LEU G 160 25.31 15.40 -1.84
CA LEU G 160 26.31 16.29 -2.44
C LEU G 160 27.69 16.04 -1.86
N ARG G 161 28.62 15.63 -2.73
CA ARG G 161 29.98 15.32 -2.32
C ARG G 161 30.82 16.58 -2.13
N SER G 162 30.70 17.52 -3.04
CA SER G 162 31.44 18.78 -2.95
C SER G 162 30.85 19.88 -3.81
N LEU G 163 31.37 21.10 -3.63
CA LEU G 163 30.83 22.28 -4.28
C LEU G 163 31.65 22.76 -5.47
N ALA G 164 30.96 23.01 -6.58
CA ALA G 164 31.61 23.55 -7.77
C ALA G 164 32.04 25.00 -7.53
N ARG G 165 33.06 25.44 -8.25
CA ARG G 165 33.62 26.78 -8.05
C ARG G 165 32.61 27.90 -8.24
N ASN G 166 31.88 27.83 -9.34
CA ASN G 166 30.97 28.90 -9.72
C ASN G 166 29.60 28.35 -10.08
N GLY G 167 29.19 27.30 -9.37
CA GLY G 167 27.89 26.69 -9.60
C GLY G 167 26.74 27.64 -9.37
N PHE G 168 26.94 28.59 -8.44
CA PHE G 168 25.86 29.46 -8.00
C PHE G 168 25.60 30.70 -8.86
N ALA G 169 26.19 30.78 -10.05
CA ALA G 169 26.10 32.00 -10.84
C ALA G 169 24.65 32.33 -11.18
N GLY G 170 24.21 33.52 -10.77
CA GLY G 170 22.88 34.01 -11.09
C GLY G 170 21.95 34.00 -9.91
N LEU G 171 22.48 33.69 -8.73
CA LEU G 171 21.70 33.70 -7.50
C LEU G 171 22.01 34.97 -6.73
N ILE G 172 22.06 36.08 -7.46
CA ILE G 172 22.52 37.34 -6.89
C ILE G 172 21.58 37.88 -5.82
N LYS G 173 20.34 37.37 -5.79
CA LYS G 173 19.36 37.87 -4.83
C LYS G 173 19.02 36.82 -3.77
N LEU G 174 19.68 35.66 -3.82
CA LEU G 174 19.43 34.58 -2.85
C LEU G 174 19.77 35.04 -1.45
N ARG G 175 18.85 34.80 -0.51
CA ARG G 175 19.04 35.22 0.88
C ARG G 175 19.38 34.07 1.82
N GLU G 176 18.71 32.94 1.64
CA GLU G 176 18.84 31.81 2.57
C GLU G 176 19.17 30.51 1.84
N LEU G 177 20.24 29.85 2.25
CA LEU G 177 20.69 28.65 1.55
C LEU G 177 20.80 27.45 2.50
N HIS G 178 20.12 26.37 2.15
CA HIS G 178 20.15 25.16 2.97
C HIS G 178 20.98 24.06 2.31
N LEU G 179 22.10 23.72 2.96
CA LEU G 179 22.97 22.66 2.45
C LEU G 179 23.24 21.62 3.53
N GLU G 180 22.39 21.58 4.54
CA GLU G 180 22.60 20.69 5.67
C GLU G 180 22.32 19.25 5.30
N HIS G 181 22.86 18.33 6.09
CA HIS G 181 22.66 16.89 5.91
C HIS G 181 23.08 16.38 4.55
N ASN G 182 24.18 16.89 4.03
CA ASN G 182 24.77 16.31 2.83
C ASN G 182 26.04 15.56 3.20
N GLN G 183 27.01 15.54 2.30
CA GLN G 183 28.22 14.77 2.56
C GLN G 183 29.45 15.57 2.18
N LEU G 184 29.42 16.87 2.47
CA LEU G 184 30.53 17.76 2.16
C LEU G 184 31.74 17.42 3.03
N THR G 185 32.93 17.66 2.49
CA THR G 185 34.17 17.29 3.16
C THR G 185 34.95 18.52 3.60
N LYS G 186 34.94 19.54 2.75
CA LYS G 186 35.72 20.74 2.96
C LYS G 186 34.87 21.95 2.54
N ILE G 187 35.16 23.11 3.10
CA ILE G 187 34.47 24.33 2.69
C ILE G 187 35.44 25.43 2.30
N ASN G 188 35.42 25.79 1.03
CA ASN G 188 36.17 26.94 0.56
C ASN G 188 35.22 28.10 0.29
N PHE G 189 35.17 29.03 1.24
CA PHE G 189 34.16 30.08 1.23
C PHE G 189 34.24 31.00 0.01
N ALA G 190 35.31 30.88 -0.77
CA ALA G 190 35.42 31.58 -2.03
C ALA G 190 34.40 31.03 -3.03
N HIS G 191 33.93 29.81 -2.78
CA HIS G 191 32.96 29.16 -3.67
C HIS G 191 31.59 29.82 -3.59
N PHE G 192 31.35 30.57 -2.52
CA PHE G 192 30.08 31.27 -2.33
C PHE G 192 30.15 32.72 -2.77
N LEU G 193 31.19 33.08 -3.52
CA LEU G 193 31.48 34.48 -3.85
C LEU G 193 30.31 35.14 -4.57
N ARG G 194 29.62 34.37 -5.41
CA ARG G 194 28.55 34.91 -6.23
C ARG G 194 27.26 35.22 -5.45
N LEU G 195 27.10 34.59 -4.29
CA LEU G 195 25.94 34.86 -3.44
C LEU G 195 26.18 36.11 -2.59
N SER G 196 25.79 37.26 -3.11
CA SER G 196 26.15 38.52 -2.49
C SER G 196 24.99 39.11 -1.68
N SER G 197 23.90 38.36 -1.58
CA SER G 197 22.75 38.82 -0.82
C SER G 197 22.39 37.87 0.32
N LEU G 198 23.23 36.85 0.52
CA LEU G 198 22.95 35.81 1.50
C LEU G 198 23.01 36.36 2.91
N HIS G 199 22.02 36.05 3.73
CA HIS G 199 22.10 36.42 5.14
C HIS G 199 22.26 35.18 6.02
N THR G 200 21.77 34.04 5.55
CA THR G 200 21.87 32.81 6.34
C THR G 200 22.39 31.63 5.52
N LEU G 201 23.33 30.89 6.10
CA LEU G 201 23.89 29.71 5.46
C LEU G 201 23.88 28.52 6.41
N PHE G 202 23.17 27.46 6.02
CA PHE G 202 23.12 26.24 6.82
C PHE G 202 23.99 25.13 6.23
N LEU G 203 25.00 24.72 6.98
CA LEU G 203 25.94 23.69 6.52
C LEU G 203 26.09 22.56 7.52
N GLN G 204 25.14 22.45 8.44
CA GLN G 204 25.28 21.51 9.55
C GLN G 204 25.13 20.06 9.11
N TRP G 205 25.71 19.17 9.91
CA TRP G 205 25.59 17.72 9.72
C TRP G 205 26.10 17.25 8.36
N ASN G 206 27.26 17.78 7.95
CA ASN G 206 28.00 17.24 6.83
C ASN G 206 29.19 16.46 7.36
N LYS G 207 30.28 16.39 6.59
CA LYS G 207 31.48 15.72 7.04
C LYS G 207 32.67 16.67 6.91
N ILE G 208 32.41 17.95 7.19
CA ILE G 208 33.38 19.01 6.96
C ILE G 208 34.56 19.00 7.92
N SER G 209 35.76 18.83 7.36
CA SER G 209 36.98 18.80 8.15
C SER G 209 37.65 20.17 8.16
N ASN G 210 37.65 20.84 7.00
CA ASN G 210 38.43 22.05 6.83
C ASN G 210 37.61 23.30 6.50
N LEU G 211 38.04 24.44 7.04
CA LEU G 211 37.47 25.74 6.70
C LEU G 211 38.54 26.65 6.12
N THR G 212 38.50 26.85 4.81
CA THR G 212 39.51 27.66 4.13
C THR G 212 38.85 28.77 3.32
N CYS G 213 39.64 29.75 2.90
CA CYS G 213 39.13 30.80 2.02
C CYS G 213 40.19 31.21 1.00
N GLY G 214 40.06 30.68 -0.21
CA GLY G 214 41.06 30.86 -1.24
C GLY G 214 41.22 32.26 -1.80
N MET G 215 40.11 32.92 -2.05
CA MET G 215 40.12 34.29 -2.55
C MET G 215 39.77 35.25 -1.42
N GLU G 216 40.53 36.32 -1.29
CA GLU G 216 40.21 37.35 -0.31
C GLU G 216 39.01 38.13 -0.81
N TRP G 217 37.99 38.30 0.04
CA TRP G 217 36.82 39.10 -0.31
C TRP G 217 36.01 39.41 0.94
N THR G 218 34.97 40.23 0.78
CA THR G 218 34.15 40.64 1.91
C THR G 218 32.69 40.29 1.71
N TRP G 219 32.20 39.36 2.53
CA TRP G 219 30.83 38.89 2.45
C TRP G 219 29.95 39.68 3.41
N GLY G 220 29.70 40.94 3.07
CA GLY G 220 29.10 41.88 4.00
C GLY G 220 27.70 41.55 4.48
N THR G 221 27.00 40.68 3.76
CA THR G 221 25.58 40.45 4.05
C THR G 221 25.34 39.20 4.90
N LEU G 222 26.34 38.34 5.01
CA LEU G 222 26.19 37.10 5.78
C LEU G 222 26.09 37.41 7.28
N GLU G 223 25.04 36.90 7.92
CA GLU G 223 24.82 37.16 9.34
C GLU G 223 24.74 35.89 10.19
N LYS G 224 24.36 34.78 9.59
CA LYS G 224 24.25 33.54 10.33
C LYS G 224 24.94 32.39 9.62
N LEU G 225 25.75 31.66 10.36
CA LEU G 225 26.46 30.52 9.81
C LEU G 225 26.33 29.32 10.75
N ASP G 226 25.64 28.29 10.29
CA ASP G 226 25.44 27.09 11.11
C ASP G 226 26.31 25.94 10.61
N LEU G 227 27.30 25.56 11.43
CA LEU G 227 28.23 24.49 11.09
C LEU G 227 28.17 23.35 12.11
N THR G 228 27.05 23.25 12.81
CA THR G 228 26.88 22.27 13.88
C THR G 228 27.00 20.83 13.40
N GLY G 229 27.74 20.02 14.14
CA GLY G 229 27.75 18.59 13.92
C GLY G 229 28.57 18.12 12.74
N ASN G 230 29.63 18.86 12.42
CA ASN G 230 30.59 18.41 11.43
C ASN G 230 31.80 17.77 12.08
N GLU G 231 32.95 17.83 11.42
CA GLU G 231 34.17 17.22 11.93
C GLU G 231 35.31 18.22 11.86
N ILE G 232 34.96 19.50 12.02
CA ILE G 232 35.91 20.59 11.87
C ILE G 232 37.02 20.54 12.92
N LYS G 233 38.25 20.49 12.43
CA LYS G 233 39.43 20.43 13.28
C LYS G 233 40.38 21.56 12.92
N ALA G 234 40.23 22.10 11.72
CA ALA G 234 41.13 23.13 11.20
C ALA G 234 40.38 24.29 10.58
N ILE G 235 40.85 25.51 10.82
CA ILE G 235 40.25 26.72 10.28
C ILE G 235 41.31 27.73 9.85
N ASP G 236 41.33 28.08 8.56
CA ASP G 236 42.27 29.08 8.05
C ASP G 236 42.03 30.41 8.75
N LEU G 237 43.11 31.12 9.07
CA LEU G 237 43.04 32.28 9.94
C LEU G 237 42.36 33.51 9.34
N THR G 238 41.79 33.36 8.15
CA THR G 238 41.16 34.50 7.49
C THR G 238 39.74 34.22 7.00
N VAL G 239 39.18 33.08 7.37
CA VAL G 239 37.86 32.71 6.88
C VAL G 239 36.77 33.56 7.52
N PHE G 240 37.08 34.18 8.64
CA PHE G 240 36.09 35.01 9.35
C PHE G 240 36.40 36.49 9.19
N GLU G 241 37.52 36.79 8.54
CA GLU G 241 37.80 38.14 8.09
C GLU G 241 36.79 38.46 7.00
N THR G 242 36.32 37.41 6.33
CA THR G 242 35.43 37.50 5.18
C THR G 242 34.02 37.90 5.59
N MET G 243 33.64 37.59 6.82
CA MET G 243 32.27 37.82 7.28
C MET G 243 32.24 38.78 8.46
N PRO G 244 32.46 40.08 8.20
CA PRO G 244 32.58 41.09 9.24
C PRO G 244 31.28 41.30 10.00
N ASN G 245 30.17 41.00 9.35
CA ASN G 245 28.86 41.23 9.95
C ASN G 245 28.20 39.94 10.41
N LEU G 246 29.00 38.88 10.52
CA LEU G 246 28.52 37.61 11.02
C LEU G 246 28.09 37.79 12.48
N LYS G 247 26.85 37.42 12.79
CA LYS G 247 26.31 37.68 14.12
C LYS G 247 25.88 36.41 14.84
N ILE G 248 25.68 35.33 14.09
CA ILE G 248 25.41 34.04 14.69
C ILE G 248 26.32 32.99 14.08
N LEU G 249 27.18 32.41 14.93
CA LEU G 249 28.07 31.36 14.48
C LEU G 249 27.92 30.13 15.37
N LEU G 250 27.51 29.02 14.79
CA LEU G 250 27.29 27.80 15.56
C LEU G 250 28.27 26.71 15.15
N MET G 251 29.14 26.30 16.08
CA MET G 251 30.12 25.27 15.77
C MET G 251 30.15 24.18 16.84
N ASP G 252 28.96 23.80 17.31
CA ASP G 252 28.84 22.72 18.28
C ASP G 252 29.05 21.36 17.64
N ASN G 253 29.44 20.39 18.46
CA ASN G 253 29.58 18.99 18.03
C ASN G 253 30.56 18.79 16.89
N ASN G 254 31.68 19.50 16.94
CA ASN G 254 32.76 19.30 15.98
C ASN G 254 33.97 18.69 16.68
N LYS G 255 35.12 18.79 16.04
CA LYS G 255 36.34 18.24 16.61
C LYS G 255 37.37 19.35 16.83
N LEU G 256 36.87 20.57 17.04
CA LEU G 256 37.74 21.70 17.32
C LEU G 256 38.59 21.45 18.55
N ASN G 257 39.85 21.88 18.48
CA ASN G 257 40.83 21.56 19.51
C ASN G 257 41.18 22.81 20.32
N SER G 258 41.15 23.95 19.63
CA SER G 258 41.46 25.24 20.20
C SER G 258 41.12 26.30 19.17
N LEU G 259 41.33 27.57 19.51
CA LEU G 259 41.14 28.64 18.53
C LEU G 259 42.23 29.69 18.65
N ASP G 260 42.82 30.03 17.50
CA ASP G 260 43.86 31.03 17.43
C ASP G 260 43.26 32.39 17.79
N SER G 261 44.06 33.25 18.40
CA SER G 261 43.59 34.60 18.72
C SER G 261 43.35 35.40 17.45
N LYS G 262 44.02 35.00 16.37
CA LYS G 262 43.81 35.63 15.06
C LYS G 262 42.38 35.38 14.58
N ILE G 263 41.89 34.16 14.81
CA ILE G 263 40.51 33.82 14.50
C ILE G 263 39.52 34.66 15.29
N LEU G 264 39.66 34.59 16.62
CA LEU G 264 38.71 35.19 17.55
C LEU G 264 38.62 36.71 17.43
N ASN G 265 39.69 37.35 16.98
CA ASN G 265 39.70 38.80 16.83
C ASN G 265 38.83 39.28 15.67
N SER G 266 38.45 38.36 14.79
CA SER G 266 37.58 38.69 13.67
C SER G 266 36.11 38.48 14.04
N LEU G 267 35.87 37.60 15.00
CA LEU G 267 34.53 37.33 15.49
C LEU G 267 34.16 38.25 16.64
N ARG G 268 33.96 39.53 16.34
CA ARG G 268 33.62 40.49 17.38
C ARG G 268 32.21 41.04 17.24
N SER G 269 31.59 40.80 16.09
CA SER G 269 30.23 41.28 15.86
C SER G 269 29.21 40.22 16.28
N LEU G 270 29.70 39.12 16.84
CA LEU G 270 28.85 38.00 17.19
C LEU G 270 27.91 38.35 18.33
N THR G 271 26.67 37.88 18.23
CA THR G 271 25.69 38.06 19.28
C THR G 271 25.36 36.71 19.90
N THR G 272 25.58 35.66 19.12
CA THR G 272 25.36 34.30 19.56
C THR G 272 26.46 33.39 19.04
N VAL G 273 27.00 32.55 19.93
CA VAL G 273 28.02 31.59 19.53
C VAL G 273 27.65 30.22 20.08
N GLY G 274 28.26 29.18 19.54
CA GLY G 274 28.06 27.83 20.02
C GLY G 274 29.35 27.04 19.89
N LEU G 275 29.88 26.58 21.01
CA LEU G 275 31.18 25.93 21.02
C LEU G 275 31.18 24.65 21.85
N SER G 276 29.99 24.17 22.18
CA SER G 276 29.84 22.99 23.02
C SER G 276 30.14 21.68 22.28
N GLY G 277 30.57 20.68 23.02
CA GLY G 277 30.75 19.34 22.48
C GLY G 277 32.04 19.13 21.69
N ASN G 278 32.85 20.17 21.62
CA ASN G 278 34.12 20.09 20.90
C ASN G 278 35.21 19.41 21.72
N LEU G 279 36.31 19.07 21.04
CA LEU G 279 37.44 18.38 21.66
C LEU G 279 38.47 19.36 22.20
N TRP G 280 38.03 20.27 23.06
CA TRP G 280 38.90 21.33 23.55
C TRP G 280 40.04 20.79 24.41
N GLU G 281 41.24 21.29 24.18
CA GLU G 281 42.40 20.95 25.01
C GLU G 281 42.63 22.03 26.06
N CYS G 282 42.27 21.72 27.31
CA CYS G 282 42.36 22.70 28.39
C CYS G 282 43.77 22.90 28.95
N SER G 283 44.47 23.86 28.37
CA SER G 283 45.82 24.23 28.77
C SER G 283 46.02 25.68 28.36
N ALA G 284 47.26 26.16 28.38
CA ALA G 284 47.52 27.57 28.06
C ALA G 284 47.03 27.96 26.66
N ARG G 285 46.80 26.98 25.80
CA ARG G 285 46.35 27.22 24.44
C ARG G 285 44.97 27.90 24.36
N ILE G 286 44.09 27.57 25.30
CA ILE G 286 42.73 28.11 25.28
C ILE G 286 42.59 29.53 25.82
N CYS G 287 43.71 30.11 26.25
CA CYS G 287 43.69 31.46 26.83
C CYS G 287 43.07 32.47 25.88
N ALA G 288 43.34 32.31 24.59
CA ALA G 288 42.74 33.16 23.58
C ALA G 288 41.22 33.07 23.68
N LEU G 289 40.72 31.86 23.83
CA LEU G 289 39.29 31.62 23.96
C LEU G 289 38.75 32.08 25.32
N ALA G 290 39.48 31.76 26.38
CA ALA G 290 39.07 32.12 27.74
C ALA G 290 38.96 33.64 27.91
N SER G 291 39.98 34.35 27.44
CA SER G 291 40.01 35.80 27.52
C SER G 291 38.86 36.41 26.73
N TRP G 292 38.60 35.84 25.57
CA TRP G 292 37.55 36.31 24.69
C TRP G 292 36.19 36.24 25.38
N LEU G 293 35.96 35.15 26.11
CA LEU G 293 34.70 34.94 26.83
C LEU G 293 34.47 36.00 27.91
N GLY G 294 35.55 36.35 28.62
CA GLY G 294 35.47 37.42 29.59
C GLY G 294 35.15 38.73 28.90
N SER G 295 35.79 38.94 27.75
CA SER G 295 35.59 40.13 26.93
C SER G 295 34.23 40.13 26.22
N PHE G 296 33.79 38.96 25.80
CA PHE G 296 32.56 38.79 25.02
C PHE G 296 31.33 39.39 25.68
N GLN G 297 30.45 39.96 24.87
CA GLN G 297 29.22 40.55 25.39
C GLN G 297 27.98 39.98 24.72
N GLY G 298 28.15 38.86 24.03
CA GLY G 298 27.03 38.22 23.37
C GLY G 298 26.52 37.06 24.21
N ARG G 299 25.77 36.16 23.60
CA ARG G 299 25.19 35.04 24.32
C ARG G 299 25.69 33.70 23.79
N TRP G 300 25.62 32.68 24.63
CA TRP G 300 25.84 31.31 24.20
C TRP G 300 24.91 30.38 24.96
N GLU G 301 24.09 29.63 24.23
CA GLU G 301 23.02 28.84 24.83
C GLU G 301 23.51 27.73 25.76
N HIS G 302 24.56 27.03 25.36
CA HIS G 302 25.04 25.89 26.13
C HIS G 302 26.45 26.11 26.68
N SER G 303 26.74 25.47 27.81
CA SER G 303 28.03 25.64 28.47
C SER G 303 29.14 25.01 27.64
N ILE G 304 30.32 25.60 27.69
CA ILE G 304 31.47 25.10 26.95
C ILE G 304 32.38 24.32 27.91
N LEU G 305 32.65 23.06 27.59
CA LEU G 305 33.33 22.18 28.54
C LEU G 305 34.63 21.61 27.97
N CYS G 306 35.62 21.50 28.85
CA CYS G 306 36.94 20.99 28.48
C CYS G 306 36.87 19.50 28.16
N HIS G 307 37.70 19.05 27.22
CA HIS G 307 37.76 17.63 26.88
C HIS G 307 39.14 17.01 27.14
N SER G 308 40.17 17.85 27.25
CA SER G 308 41.53 17.36 27.46
C SER G 308 42.36 18.40 28.21
N PRO G 309 43.23 17.97 29.14
CA PRO G 309 43.50 16.58 29.55
C PRO G 309 42.36 15.99 30.37
N ASP G 310 42.50 14.74 30.78
CA ASP G 310 41.38 14.01 31.37
C ASP G 310 40.86 14.58 32.70
N HIS G 311 41.74 15.11 33.54
CA HIS G 311 41.31 15.64 34.83
C HIS G 311 40.46 16.92 34.71
N THR G 312 40.41 17.50 33.52
CA THR G 312 39.62 18.71 33.29
C THR G 312 38.32 18.45 32.52
N GLN G 313 38.07 17.18 32.21
CA GLN G 313 36.93 16.79 31.39
C GLN G 313 35.58 17.21 31.98
N GLY G 314 34.72 17.77 31.12
CA GLY G 314 33.38 18.17 31.51
C GLY G 314 33.25 19.44 32.32
N GLU G 315 34.37 20.09 32.60
CA GLU G 315 34.37 21.29 33.42
C GLU G 315 34.45 22.54 32.56
N ASP G 316 33.59 23.51 32.85
CA ASP G 316 33.55 24.77 32.11
C ASP G 316 34.96 25.33 31.97
N ILE G 317 35.24 25.87 30.79
CA ILE G 317 36.57 26.38 30.46
C ILE G 317 37.09 27.34 31.52
N LEU G 318 36.30 28.38 31.79
CA LEU G 318 36.71 29.42 32.73
C LEU G 318 36.93 28.85 34.13
N ASP G 319 36.05 27.94 34.55
CA ASP G 319 36.20 27.26 35.83
C ASP G 319 37.52 26.50 35.89
N ALA G 320 37.88 25.86 34.79
CA ALA G 320 39.11 25.08 34.70
C ALA G 320 40.33 25.99 34.54
N VAL G 321 40.15 27.10 33.85
CA VAL G 321 41.25 28.06 33.67
C VAL G 321 41.69 28.64 35.00
N ALA G 322 40.72 29.09 35.79
CA ALA G 322 41.02 29.71 37.08
C ALA G 322 41.36 28.66 38.12
N GLY G 323 40.79 27.47 37.98
CA GLY G 323 41.00 26.40 38.93
C GLY G 323 42.38 25.76 38.84
N PHE G 324 42.93 25.71 37.64
CA PHE G 324 44.21 25.05 37.41
C PHE G 324 45.35 26.01 37.08
N GLN G 325 45.14 27.31 37.27
CA GLN G 325 46.19 28.31 37.04
C GLN G 325 46.80 28.18 35.63
N LEU G 326 45.94 28.10 34.62
CA LEU G 326 46.41 27.83 33.26
C LEU G 326 46.92 29.07 32.54
N CYS G 327 46.45 30.26 32.95
CA CYS G 327 46.80 31.48 32.26
C CYS G 327 47.35 32.56 33.20
N TRP G 328 47.85 33.64 32.61
CA TRP G 328 48.27 34.84 33.33
C TRP G 328 49.29 34.53 34.44
N SER H 4 15.74 1.95 66.16
CA SER H 4 14.87 1.68 65.02
C SER H 4 15.68 1.75 63.74
N HIS H 5 16.08 0.59 63.22
CA HIS H 5 17.27 0.48 62.37
C HIS H 5 17.06 -0.40 61.12
N ALA H 6 15.87 -0.98 60.99
CA ALA H 6 15.59 -1.98 59.95
C ALA H 6 15.89 -1.53 58.53
N GLY H 7 16.40 -2.48 57.74
CA GLY H 7 16.83 -2.26 56.37
C GLY H 7 17.96 -3.25 56.19
N THR H 8 18.49 -3.39 54.98
CA THR H 8 19.62 -4.30 54.80
C THR H 8 20.82 -3.76 55.58
N THR H 9 21.43 -4.60 56.41
CA THR H 9 22.45 -4.14 57.34
C THR H 9 23.64 -5.10 57.45
N TYR H 10 24.83 -4.54 57.61
CA TYR H 10 26.06 -5.32 57.76
C TYR H 10 26.76 -5.04 59.09
N ILE H 11 27.16 -6.11 59.76
CA ILE H 11 27.90 -5.98 61.01
C ILE H 11 29.40 -5.92 60.76
N PHE H 12 30.00 -4.79 61.11
CA PHE H 12 31.45 -4.65 61.05
C PHE H 12 32.01 -4.80 62.46
N SER H 13 32.53 -5.99 62.78
CA SER H 13 33.02 -6.26 64.11
C SER H 13 34.54 -6.14 64.19
N LYS H 14 35.09 -6.46 65.36
CA LYS H 14 36.53 -6.31 65.61
C LYS H 14 37.37 -7.04 64.57
N GLY H 15 38.50 -6.46 64.23
CA GLY H 15 39.39 -7.04 63.23
C GLY H 15 39.28 -6.33 61.89
N GLY H 16 38.24 -5.53 61.73
CA GLY H 16 38.05 -4.76 60.52
C GLY H 16 37.32 -5.53 59.44
N GLY H 17 36.68 -4.78 58.54
CA GLY H 17 35.92 -5.35 57.45
C GLY H 17 35.85 -4.40 56.28
N GLN H 18 35.40 -4.88 55.13
CA GLN H 18 35.37 -4.05 53.93
C GLN H 18 34.44 -4.58 52.86
N ILE H 19 33.53 -3.73 52.39
CA ILE H 19 32.70 -4.01 51.25
C ILE H 19 33.08 -3.09 50.11
N THR H 20 33.38 -3.65 48.94
CA THR H 20 33.81 -2.87 47.79
C THR H 20 33.00 -3.15 46.54
N TYR H 21 32.80 -2.11 45.74
CA TYR H 21 32.11 -2.24 44.46
C TYR H 21 33.04 -1.76 43.35
N LYS H 22 33.16 -2.57 42.32
CA LYS H 22 34.01 -2.24 41.17
C LYS H 22 33.16 -1.89 39.95
N TRP H 23 33.30 -0.66 39.45
CA TRP H 23 32.62 -0.28 38.22
C TRP H 23 33.31 -0.92 37.03
N PRO H 24 32.55 -1.18 35.95
CA PRO H 24 33.18 -1.63 34.71
C PRO H 24 34.15 -0.56 34.21
N PRO H 25 35.27 -0.97 33.61
CA PRO H 25 36.38 -0.06 33.27
C PRO H 25 35.94 1.11 32.41
N ASN H 26 35.09 0.83 31.43
CA ASN H 26 34.58 1.84 30.52
C ASN H 26 33.54 2.79 31.12
N ASP H 27 32.71 2.29 32.04
CA ASP H 27 31.57 3.04 32.55
C ASP H 27 31.81 3.82 33.83
N ARG H 28 33.06 3.93 34.28
CA ARG H 28 33.38 4.71 35.46
C ARG H 28 32.81 6.12 35.31
N PRO H 29 31.81 6.46 36.13
CA PRO H 29 31.02 7.67 35.88
C PRO H 29 31.73 8.96 36.29
N SER H 30 31.37 10.06 35.65
CA SER H 30 31.74 11.38 36.13
C SER H 30 30.47 12.14 36.48
N THR H 31 30.51 12.93 37.54
CA THR H 31 29.30 13.58 38.05
C THR H 31 29.55 15.01 38.47
N ARG H 32 28.62 15.90 38.11
CA ARG H 32 28.67 17.29 38.54
C ARG H 32 28.05 17.41 39.92
N ALA H 33 27.23 16.44 40.28
CA ALA H 33 26.58 16.44 41.58
C ALA H 33 26.52 15.04 42.19
N ASP H 34 26.57 14.98 43.52
CA ASP H 34 26.59 13.70 44.23
C ASP H 34 25.61 13.68 45.40
N ARG H 35 24.94 12.54 45.60
CA ARG H 35 23.97 12.37 46.67
C ARG H 35 24.31 11.11 47.49
N LEU H 36 24.81 11.30 48.70
CA LEU H 36 25.19 10.17 49.54
C LEU H 36 24.39 10.12 50.83
N ALA H 37 23.74 8.98 51.07
CA ALA H 37 22.97 8.77 52.30
C ALA H 37 23.27 7.38 52.87
N ILE H 38 23.63 7.35 54.15
CA ILE H 38 24.00 6.11 54.81
C ILE H 38 23.34 6.02 56.18
N GLY H 39 22.85 4.83 56.50
CA GLY H 39 22.31 4.58 57.82
C GLY H 39 23.32 3.80 58.63
N PHE H 40 23.59 4.25 59.85
CA PHE H 40 24.62 3.63 60.66
C PHE H 40 24.37 3.72 62.16
N SER H 41 25.10 2.90 62.90
CA SER H 41 25.13 2.95 64.35
C SER H 41 26.51 2.51 64.84
N THR H 42 27.11 3.30 65.72
CA THR H 42 28.45 3.01 66.22
C THR H 42 28.77 3.74 67.52
N VAL H 43 29.86 3.32 68.15
CA VAL H 43 30.32 3.91 69.40
C VAL H 43 31.76 4.41 69.27
N GLN H 44 32.35 4.15 68.11
CA GLN H 44 33.74 4.50 67.83
C GLN H 44 34.04 6.00 67.92
N LYS H 45 35.27 6.32 68.33
CA LYS H 45 35.71 7.72 68.35
C LYS H 45 36.28 8.13 66.99
N GLU H 46 36.94 7.20 66.31
CA GLU H 46 37.56 7.49 65.01
C GLU H 46 37.38 6.33 64.04
N ALA H 47 36.85 6.64 62.85
CA ALA H 47 36.65 5.63 61.80
C ALA H 47 36.37 6.26 60.44
N VAL H 48 36.49 5.45 59.39
CA VAL H 48 36.16 5.86 58.04
C VAL H 48 35.08 4.94 57.47
N LEU H 49 33.91 5.50 57.21
CA LEU H 49 32.76 4.70 56.76
C LEU H 49 32.83 4.34 55.29
N VAL H 50 32.77 5.35 54.43
CA VAL H 50 32.76 5.13 52.99
C VAL H 50 33.78 6.05 52.31
N ARG H 51 34.38 5.56 51.23
CA ARG H 51 35.30 6.37 50.43
C ARG H 51 35.14 6.03 48.96
N VAL H 52 34.90 7.05 48.14
CA VAL H 52 34.82 6.86 46.70
C VAL H 52 36.07 7.43 46.05
N ASP H 53 36.84 6.54 45.40
CA ASP H 53 38.12 6.93 44.85
C ASP H 53 38.06 6.92 43.34
N SER H 54 38.75 7.87 42.73
CA SER H 54 38.79 7.94 41.27
C SER H 54 39.66 6.85 40.71
N SER H 55 39.52 6.65 39.40
CA SER H 55 40.34 5.69 38.67
C SER H 55 41.82 6.03 38.85
N SER H 56 42.67 5.08 38.50
CA SER H 56 44.11 5.27 38.58
C SER H 56 44.54 6.53 37.81
N GLY H 57 45.37 7.34 38.45
CA GLY H 57 45.88 8.55 37.82
C GLY H 57 45.09 9.82 38.13
N LEU H 58 44.11 9.73 39.01
CA LEU H 58 43.32 10.90 39.37
C LEU H 58 43.18 11.09 40.87
N GLY H 59 43.27 12.35 41.30
CA GLY H 59 43.25 12.71 42.70
C GLY H 59 41.86 12.96 43.27
N ASP H 60 40.86 13.06 42.39
CA ASP H 60 39.47 13.19 42.81
C ASP H 60 39.07 12.10 43.82
N TYR H 61 38.44 12.49 44.93
CA TYR H 61 37.94 11.50 45.89
C TYR H 61 36.84 12.07 46.79
N LEU H 62 36.09 11.16 47.40
CA LEU H 62 35.05 11.52 48.35
C LEU H 62 35.11 10.60 49.57
N GLU H 63 35.27 11.18 50.76
CA GLU H 63 35.41 10.38 51.98
C GLU H 63 34.45 10.81 53.09
N LEU H 64 33.68 9.83 53.60
CA LEU H 64 32.82 10.03 54.76
C LEU H 64 33.42 9.35 55.98
N HIS H 65 33.61 10.11 57.04
CA HIS H 65 34.33 9.60 58.20
C HIS H 65 33.86 10.19 59.52
N ILE H 66 34.21 9.51 60.61
CA ILE H 66 33.97 10.01 61.94
C ILE H 66 35.31 10.41 62.56
N HIS H 67 35.34 11.59 63.17
CA HIS H 67 36.54 12.08 63.82
C HIS H 67 36.16 12.79 65.11
N GLN H 68 36.57 12.21 66.23
CA GLN H 68 36.21 12.69 67.57
C GLN H 68 34.70 12.60 67.78
N GLY H 69 34.11 11.52 67.29
CA GLY H 69 32.69 11.25 67.47
C GLY H 69 31.78 12.10 66.60
N LYS H 70 32.39 12.99 65.81
CA LYS H 70 31.64 13.90 64.96
C LYS H 70 31.71 13.48 63.50
N ILE H 71 30.56 13.24 62.88
CA ILE H 71 30.53 12.81 61.48
C ILE H 71 30.88 13.97 60.54
N GLY H 72 31.61 13.66 59.47
CA GLY H 72 32.06 14.68 58.54
C GLY H 72 32.37 14.13 57.17
N VAL H 73 32.53 15.03 56.19
CA VAL H 73 32.90 14.63 54.83
C VAL H 73 34.03 15.50 54.27
N LYS H 74 34.94 14.86 53.55
CA LYS H 74 36.06 15.53 52.91
C LYS H 74 36.13 15.07 51.46
N PHE H 75 36.20 16.00 50.52
CA PHE H 75 36.23 15.63 49.11
C PHE H 75 37.14 16.54 48.27
N ASN H 76 37.50 16.05 47.09
CA ASN H 76 38.41 16.75 46.18
C ASN H 76 37.99 16.58 44.71
N VAL H 77 37.67 17.69 44.06
CA VAL H 77 37.26 17.68 42.65
C VAL H 77 38.43 17.44 41.68
N GLY H 78 39.62 17.81 42.16
CA GLY H 78 40.85 17.70 41.39
C GLY H 78 41.94 18.52 42.05
N THR H 79 41.68 19.82 42.19
CA THR H 79 42.67 20.75 42.73
C THR H 79 42.84 20.69 44.26
N ASP H 80 41.76 20.91 45.01
CA ASP H 80 41.88 21.11 46.46
C ASP H 80 40.90 20.31 47.30
N ASP H 81 41.25 20.11 48.57
CA ASP H 81 40.41 19.37 49.50
C ASP H 81 39.34 20.28 50.09
N ILE H 82 38.10 19.78 50.14
CA ILE H 82 37.02 20.51 50.77
C ILE H 82 36.39 19.68 51.88
N ALA H 83 36.21 20.30 53.05
CA ALA H 83 35.77 19.60 54.24
C ALA H 83 34.46 20.18 54.78
N ILE H 84 33.60 19.31 55.30
CA ILE H 84 32.37 19.72 55.96
C ILE H 84 32.01 18.72 57.08
N GLU H 85 31.72 19.24 58.27
CA GLU H 85 31.51 18.37 59.42
C GLU H 85 30.40 18.87 60.35
N GLU H 86 29.66 17.93 60.94
CA GLU H 86 28.68 18.25 61.98
C GLU H 86 29.36 18.41 63.35
N SER H 87 29.68 19.64 63.72
CA SER H 87 30.43 19.90 64.94
C SER H 87 29.56 20.28 66.15
N ASN H 88 28.28 20.53 65.92
CA ASN H 88 27.39 20.89 67.02
C ASN H 88 27.16 19.77 68.02
N ALA H 89 27.22 18.53 67.56
CA ALA H 89 26.90 17.40 68.41
C ALA H 89 27.63 16.12 68.01
N ILE H 90 27.24 15.02 68.65
CA ILE H 90 27.92 13.74 68.54
C ILE H 90 27.02 12.62 68.01
N ILE H 91 27.58 11.71 67.22
CA ILE H 91 26.78 10.62 66.65
C ILE H 91 27.25 9.21 67.06
N ASN H 92 28.28 9.12 67.89
CA ASN H 92 28.78 7.80 68.29
C ASN H 92 28.15 7.28 69.58
N ASP H 93 26.87 7.59 69.79
CA ASP H 93 26.17 7.13 70.99
C ASP H 93 25.65 5.69 70.85
N GLY H 94 25.82 5.11 69.67
CA GLY H 94 25.42 3.74 69.43
C GLY H 94 24.04 3.57 68.83
N LYS H 95 23.30 4.65 68.75
CA LYS H 95 21.95 4.61 68.18
C LYS H 95 21.99 4.83 66.66
N TYR H 96 20.89 4.49 66.01
CA TYR H 96 20.80 4.62 64.55
C TYR H 96 20.78 6.08 64.14
N HIS H 97 21.55 6.40 63.11
CA HIS H 97 21.51 7.73 62.50
C HIS H 97 21.56 7.62 60.99
N VAL H 98 20.97 8.60 60.30
CA VAL H 98 21.12 8.72 58.87
C VAL H 98 21.79 10.06 58.59
N VAL H 99 22.99 10.01 58.03
CA VAL H 99 23.66 11.24 57.62
C VAL H 99 23.54 11.36 56.11
N ARG H 100 23.20 12.57 55.64
CA ARG H 100 23.10 12.82 54.21
C ARG H 100 24.12 13.82 53.71
N PHE H 101 24.86 13.43 52.68
CA PHE H 101 25.80 14.34 52.06
C PHE H 101 25.36 14.69 50.65
N THR H 102 25.57 15.94 50.28
CA THR H 102 25.16 16.45 48.97
C THR H 102 26.26 17.33 48.40
N ARG H 103 26.63 17.08 47.16
CA ARG H 103 27.64 17.91 46.50
C ARG H 103 27.09 18.49 45.20
N SER H 104 27.23 19.79 45.06
CA SER H 104 26.96 20.46 43.79
C SER H 104 28.18 21.28 43.41
N GLY H 105 29.03 20.70 42.58
CA GLY H 105 30.31 21.29 42.24
C GLY H 105 31.17 21.52 43.47
N GLY H 106 31.36 22.78 43.84
CA GLY H 106 32.19 23.10 44.98
C GLY H 106 31.37 23.01 46.26
N ASN H 107 30.07 23.22 46.13
CA ASN H 107 29.15 23.20 47.25
C ASN H 107 28.96 21.84 47.88
N ALA H 108 28.68 21.86 49.18
CA ALA H 108 28.43 20.63 49.91
C ALA H 108 27.31 20.81 50.92
N THR H 109 26.70 19.70 51.28
CA THR H 109 25.62 19.70 52.25
C THR H 109 25.73 18.47 53.12
N LEU H 110 25.58 18.67 54.41
CA LEU H 110 25.63 17.57 55.36
C LEU H 110 24.40 17.71 56.22
N GLN H 111 23.73 16.61 56.52
CA GLN H 111 22.66 16.68 57.49
C GLN H 111 22.55 15.40 58.30
N VAL H 112 22.71 15.54 59.61
CA VAL H 112 22.49 14.43 60.51
C VAL H 112 20.99 14.22 60.61
N ASP H 113 20.60 13.00 60.97
CA ASP H 113 19.20 12.65 61.04
C ASP H 113 18.46 13.59 61.99
N SER H 114 17.44 14.25 61.45
CA SER H 114 16.52 15.09 62.24
C SER H 114 17.19 16.24 63.00
N TRP H 115 18.30 16.75 62.46
CA TRP H 115 19.01 17.86 63.08
C TRP H 115 19.06 19.01 62.06
N PRO H 116 19.45 20.24 62.49
CA PRO H 116 19.60 21.30 61.50
C PRO H 116 20.54 20.92 60.37
N VAL H 117 20.15 21.25 59.14
CA VAL H 117 20.96 20.92 57.96
C VAL H 117 22.21 21.80 57.90
N ILE H 118 23.34 21.20 57.52
CA ILE H 118 24.58 21.95 57.39
C ILE H 118 24.82 22.25 55.93
N GLU H 119 24.99 23.53 55.60
CA GLU H 119 25.32 23.89 54.23
C GLU H 119 26.62 24.65 54.17
N ARG H 120 27.45 24.29 53.21
CA ARG H 120 28.77 24.88 53.09
C ARG H 120 29.07 25.24 51.64
N TYR H 121 29.36 26.52 51.41
CA TYR H 121 29.58 27.04 50.06
C TYR H 121 30.98 27.61 49.90
N PRO H 122 31.78 27.02 49.03
CA PRO H 122 33.16 27.47 48.81
C PRO H 122 33.17 28.85 48.14
N ALA H 123 34.19 29.64 48.45
CA ALA H 123 34.35 30.96 47.86
C ALA H 123 34.82 30.87 46.40
N GLY H 124 34.42 31.83 45.60
CA GLY H 124 34.86 31.90 44.21
C GLY H 124 34.31 30.77 43.37
N ARG H 125 34.95 30.53 42.23
CA ARG H 125 34.50 29.47 41.34
C ARG H 125 35.38 28.23 41.48
N GLN H 126 34.73 27.09 41.68
CA GLN H 126 35.44 25.84 41.88
C GLN H 126 35.25 24.88 40.72
N LEU H 127 36.08 23.85 40.69
CA LEU H 127 35.92 22.76 39.75
C LEU H 127 34.62 22.03 40.08
N THR H 128 33.88 21.61 39.07
CA THR H 128 32.55 21.06 39.33
C THR H 128 32.44 19.55 39.13
N ILE H 129 33.52 18.89 38.70
CA ILE H 129 33.37 17.49 38.33
C ILE H 129 34.28 16.48 39.02
N PHE H 130 33.60 15.55 39.69
CA PHE H 130 34.21 14.39 40.31
C PHE H 130 34.49 13.39 39.19
N ASN H 131 35.77 13.09 39.00
CA ASN H 131 36.22 12.58 37.71
C ASN H 131 36.54 11.08 37.66
N SER H 132 35.71 10.36 36.90
CA SER H 132 35.84 8.91 36.64
C SER H 132 35.94 8.02 37.88
N GLN H 133 34.85 7.91 38.64
CA GLN H 133 34.79 7.07 39.84
C GLN H 133 35.07 5.58 39.58
N ALA H 134 35.99 5.00 40.33
CA ALA H 134 36.40 3.61 40.09
C ALA H 134 35.86 2.64 41.14
N THR H 135 35.92 3.04 42.41
CA THR H 135 35.52 2.15 43.50
C THR H 135 34.79 2.85 44.63
N ILE H 136 33.88 2.12 45.26
CA ILE H 136 33.31 2.51 46.54
C ILE H 136 33.84 1.55 47.59
N ILE H 137 34.53 2.09 48.60
CA ILE H 137 35.15 1.23 49.61
C ILE H 137 34.51 1.47 50.97
N ILE H 138 33.56 0.61 51.31
CA ILE H 138 32.86 0.69 52.58
C ILE H 138 33.57 -0.13 53.66
N GLY H 139 34.05 0.55 54.70
CA GLY H 139 34.75 -0.13 55.77
C GLY H 139 35.91 0.68 56.31
N GLY H 140 36.66 1.30 55.40
CA GLY H 140 37.77 2.14 55.79
C GLY H 140 38.90 1.36 56.41
N LYS H 141 39.08 0.11 55.95
CA LYS H 141 40.18 -0.71 56.43
C LYS H 141 41.49 -0.25 55.82
N GLU H 142 41.48 -0.03 54.51
CA GLU H 142 42.67 0.39 53.78
C GLU H 142 43.20 1.76 54.22
N GLN H 143 42.34 2.55 54.86
CA GLN H 143 42.74 3.87 55.34
C GLN H 143 43.36 3.80 56.73
N GLY H 144 43.37 2.60 57.31
CA GLY H 144 43.93 2.40 58.64
C GLY H 144 43.04 2.91 59.75
N GLN H 145 41.75 2.97 59.49
CA GLN H 145 40.74 3.33 60.51
C GLN H 145 39.46 2.53 60.31
N PRO H 146 39.54 1.18 60.39
CA PRO H 146 38.37 0.36 60.11
C PRO H 146 37.17 0.70 61.00
N PHE H 147 35.98 0.59 60.44
CA PHE H 147 34.75 0.92 61.16
C PHE H 147 34.19 -0.28 61.91
N GLN H 148 33.62 -0.03 63.07
CA GLN H 148 33.00 -1.08 63.88
C GLN H 148 31.57 -0.71 64.30
N GLY H 149 30.60 -1.43 63.75
CA GLY H 149 29.19 -1.16 64.02
C GLY H 149 28.26 -1.73 62.96
N GLN H 150 27.13 -1.06 62.72
CA GLN H 150 26.15 -1.52 61.74
C GLN H 150 25.84 -0.46 60.68
N LEU H 151 25.81 -0.87 59.41
CA LEU H 151 25.51 0.05 58.30
C LEU H 151 24.28 -0.40 57.52
N SER H 152 23.35 0.51 57.28
CA SER H 152 22.12 0.17 56.56
C SER H 152 21.71 1.20 55.51
N GLY H 153 21.05 0.74 54.46
CA GLY H 153 20.46 1.62 53.46
C GLY H 153 21.40 2.63 52.83
N LEU H 154 22.62 2.20 52.52
CA LEU H 154 23.58 3.08 51.87
C LEU H 154 23.08 3.45 50.48
N TYR H 155 23.18 4.74 50.16
CA TYR H 155 22.71 5.27 48.88
C TYR H 155 23.78 6.17 48.25
N TYR H 156 24.19 5.86 47.03
CA TYR H 156 25.14 6.71 46.32
C TYR H 156 24.78 6.88 44.84
N ASN H 157 24.26 8.05 44.51
CA ASN H 157 23.90 8.40 43.14
C ASN H 157 22.96 7.40 42.49
N GLY H 158 21.93 6.97 43.23
CA GLY H 158 20.94 6.06 42.70
C GLY H 158 21.25 4.59 42.98
N LEU H 159 22.44 4.34 43.52
CA LEU H 159 22.88 2.99 43.84
C LEU H 159 22.63 2.63 45.30
N LYS H 160 21.89 1.55 45.54
CA LYS H 160 21.75 0.99 46.88
C LYS H 160 22.83 -0.08 47.04
N VAL H 161 24.04 0.35 47.38
CA VAL H 161 25.21 -0.52 47.33
C VAL H 161 25.14 -1.71 48.29
N LEU H 162 24.70 -1.48 49.52
CA LEU H 162 24.59 -2.57 50.49
C LEU H 162 23.55 -3.58 50.07
N ASN H 163 22.42 -3.08 49.56
CA ASN H 163 21.36 -3.93 49.02
C ASN H 163 21.88 -4.76 47.84
N MET H 164 22.81 -4.20 47.08
CA MET H 164 23.41 -4.89 45.95
C MET H 164 24.39 -5.96 46.40
N ALA H 165 25.00 -5.74 47.57
CA ALA H 165 25.92 -6.70 48.16
C ALA H 165 25.16 -7.90 48.73
N ALA H 166 23.95 -7.64 49.22
CA ALA H 166 23.08 -8.68 49.75
C ALA H 166 22.43 -9.49 48.63
N GLU H 167 22.66 -9.06 47.39
CA GLU H 167 22.14 -9.75 46.21
C GLU H 167 23.27 -10.42 45.44
N ASN H 168 24.43 -10.51 46.07
CA ASN H 168 25.61 -11.16 45.50
C ASN H 168 25.96 -10.69 44.08
N ASP H 169 25.91 -9.38 43.86
CA ASP H 169 26.29 -8.80 42.58
C ASP H 169 27.74 -9.20 42.26
N ALA H 170 27.99 -9.57 41.02
CA ALA H 170 29.27 -10.13 40.61
C ALA H 170 30.44 -9.19 40.90
N ASN H 171 30.23 -7.90 40.71
CA ASN H 171 31.26 -6.90 40.94
C ASN H 171 31.69 -6.80 42.39
N ILE H 172 30.72 -6.92 43.30
CA ILE H 172 30.94 -6.82 44.73
C ILE H 172 32.02 -7.77 45.24
N ALA H 173 32.90 -7.25 46.08
CA ALA H 173 33.94 -8.05 46.73
C ALA H 173 33.86 -7.90 48.24
N ILE H 174 33.43 -8.97 48.91
CA ILE H 174 33.29 -8.95 50.36
C ILE H 174 34.52 -9.57 51.02
N VAL H 175 35.18 -8.82 51.88
CA VAL H 175 36.42 -9.26 52.51
C VAL H 175 36.43 -8.83 53.99
N GLY H 176 37.05 -9.65 54.84
CA GLY H 176 37.17 -9.34 56.24
C GLY H 176 36.00 -9.84 57.08
N ASN H 177 35.94 -9.37 58.33
CA ASN H 177 34.92 -9.81 59.27
C ASN H 177 33.63 -9.01 59.13
N VAL H 178 32.87 -9.31 58.07
CA VAL H 178 31.58 -8.66 57.85
C VAL H 178 30.47 -9.70 57.69
N ARG H 179 29.36 -9.49 58.40
CA ARG H 179 28.23 -10.41 58.35
C ARG H 179 26.94 -9.69 57.96
N LEU H 180 26.16 -10.32 57.09
CA LEU H 180 24.89 -9.76 56.64
C LEU H 180 23.74 -10.27 57.50
N VAL H 181 23.53 -9.62 58.64
CA VAL H 181 22.44 -9.98 59.53
C VAL H 181 21.08 -9.74 58.90
#